data_4Q3L
#
_entry.id   4Q3L
#
_cell.length_a   105.568
_cell.length_b   139.134
_cell.length_c   111.109
_cell.angle_alpha   90.00
_cell.angle_beta   89.94
_cell.angle_gamma   90.00
#
_symmetry.space_group_name_H-M   'P 1 21 1'
#
loop_
_entity.id
_entity.type
_entity.pdbx_description
1 polymer MGS-M2
2 non-polymer GLYCEROL
3 water water
#
_entity_poly.entity_id   1
_entity_poly.type   'polypeptide(L)'
_entity_poly.pdbx_seq_one_letter_code
;MGSSHHHHHHSSGRENLYFQGVSIFTYQEKDIYYEIDGTLDINSDVIVILNGIMMSTKSWDAFVENFSKNHVLLRYDMFD
QGQSSKIEESYTQTIQVELLKNLLEHLGIAQANIVGISYGASIALQFAAKYPTMIKRMVVANVVAKTSPWLKDIGDGWNE
VAKTGNGLAYYHITIPYIYSPQFYTLHNDWMEKRKELLVPLFSTRTFLDRMIRLTKSAETHDVIKDLPNIKTPTLIISSE
EDYLTPPFEQKYLQEHLQNAELVSIPNCGHASMYEVPKTFTALVLGFFGQTKLDYQI
;
_entity_poly.pdbx_strand_id   A,B,C,D,E,F,G,H
#
# COMPACT_ATOMS: atom_id res chain seq x y z
N SER A 23 46.63 -32.51 -44.76
CA SER A 23 46.02 -33.66 -45.39
C SER A 23 45.13 -33.25 -46.56
N ILE A 24 45.16 -34.05 -47.63
CA ILE A 24 44.41 -33.75 -48.85
C ILE A 24 43.64 -34.97 -49.34
N PHE A 25 42.33 -34.80 -49.52
CA PHE A 25 41.50 -35.84 -50.11
C PHE A 25 41.27 -35.53 -51.59
N THR A 26 42.04 -36.18 -52.45
CA THR A 26 41.87 -36.01 -53.89
C THR A 26 40.54 -36.62 -54.32
N TYR A 27 39.47 -35.85 -54.20
CA TYR A 27 38.14 -36.31 -54.57
C TYR A 27 37.77 -35.67 -55.85
N GLN A 28 37.25 -36.48 -56.76
CA GLN A 28 36.89 -36.00 -58.07
C GLN A 28 38.13 -35.39 -58.66
N GLU A 29 38.00 -34.26 -59.32
CA GLU A 29 39.13 -33.67 -60.01
C GLU A 29 39.88 -32.69 -59.13
N LYS A 30 39.38 -32.51 -57.93
CA LYS A 30 39.87 -31.42 -57.07
C LYS A 30 40.43 -31.92 -55.74
N ASP A 31 41.05 -31.00 -55.00
CA ASP A 31 41.66 -31.31 -53.72
C ASP A 31 40.79 -30.85 -52.55
N ILE A 32 40.51 -31.77 -51.64
CA ILE A 32 39.69 -31.45 -50.46
C ILE A 32 40.52 -31.51 -49.19
N TYR A 33 40.64 -30.37 -48.51
CA TYR A 33 41.46 -30.26 -47.31
C TYR A 33 40.69 -30.70 -46.07
N TYR A 34 41.32 -31.52 -45.24
CA TYR A 34 40.70 -31.98 -44.00
C TYR A 34 41.72 -32.12 -42.88
N GLU A 35 41.25 -31.95 -41.64
CA GLU A 35 42.10 -32.12 -40.46
C GLU A 35 41.53 -33.17 -39.54
N ILE A 36 42.42 -34.00 -38.98
CA ILE A 36 42.01 -35.03 -38.04
C ILE A 36 42.71 -34.85 -36.69
N ASP A 37 41.91 -34.75 -35.63
CA ASP A 37 42.46 -34.62 -34.29
C ASP A 37 42.16 -35.87 -33.47
N GLY A 38 43.21 -36.61 -33.15
CA GLY A 38 43.08 -37.93 -32.54
C GLY A 38 43.53 -38.98 -33.54
N THR A 39 43.81 -40.18 -33.06
CA THR A 39 44.25 -41.26 -33.93
C THR A 39 43.06 -42.01 -34.52
N LEU A 40 42.84 -41.82 -35.81
CA LEU A 40 41.74 -42.48 -36.51
C LEU A 40 42.05 -43.89 -36.97
N ASP A 41 41.44 -44.79 -36.19
CA ASP A 41 41.26 -46.20 -36.38
C ASP A 41 39.78 -46.48 -36.06
N ILE A 42 39.28 -47.65 -36.43
CA ILE A 42 37.87 -47.94 -36.37
C ILE A 42 37.39 -48.04 -34.92
N ASN A 43 38.34 -47.88 -34.01
CA ASN A 43 38.10 -48.00 -32.59
C ASN A 43 37.07 -47.02 -32.08
N SER A 44 37.13 -45.77 -32.54
CA SER A 44 36.45 -44.73 -31.80
C SER A 44 35.39 -44.00 -32.56
N ASP A 45 34.53 -43.35 -31.78
CA ASP A 45 33.49 -42.53 -32.29
C ASP A 45 34.11 -41.33 -32.95
N VAL A 46 33.63 -41.04 -34.14
CA VAL A 46 34.04 -39.89 -34.93
C VAL A 46 33.02 -38.75 -34.81
N ILE A 47 33.51 -37.55 -34.59
CA ILE A 47 32.68 -36.36 -34.66
C ILE A 47 33.05 -35.57 -35.91
N VAL A 48 32.11 -35.44 -36.83
CA VAL A 48 32.34 -34.69 -38.05
C VAL A 48 31.67 -33.32 -37.98
N ILE A 49 32.45 -32.27 -38.22
CA ILE A 49 31.95 -30.91 -38.17
C ILE A 49 31.67 -30.37 -39.57
N LEU A 50 30.42 -30.00 -39.82
CA LEU A 50 30.03 -29.43 -41.10
C LEU A 50 29.99 -27.90 -41.00
N ASN A 51 30.93 -27.26 -41.67
CA ASN A 51 31.15 -25.81 -41.54
C ASN A 51 29.98 -24.95 -42.03
N GLY A 52 29.87 -23.75 -41.47
CA GLY A 52 28.95 -22.75 -41.96
C GLY A 52 29.48 -22.18 -43.26
N ILE A 53 28.68 -21.38 -43.94
CA ILE A 53 29.01 -20.92 -45.29
C ILE A 53 30.26 -20.01 -45.31
N MET A 54 30.56 -19.39 -44.17
CA MET A 54 31.71 -18.49 -44.07
C MET A 54 32.86 -19.07 -43.27
N MET A 55 32.74 -20.35 -42.90
CA MET A 55 33.69 -20.96 -41.99
C MET A 55 34.72 -21.85 -42.68
N SER A 56 35.83 -22.07 -42.01
CA SER A 56 36.83 -23.04 -42.45
C SER A 56 37.14 -23.98 -41.29
N THR A 57 38.10 -24.87 -41.48
CA THR A 57 38.49 -25.79 -40.42
C THR A 57 39.07 -25.04 -39.23
N LYS A 58 39.84 -23.99 -39.52
CA LYS A 58 40.51 -23.21 -38.49
C LYS A 58 39.53 -22.42 -37.62
N SER A 59 38.29 -22.30 -38.09
CA SER A 59 37.27 -21.57 -37.36
C SER A 59 36.76 -22.37 -36.17
N TRP A 60 37.11 -23.65 -36.12
CA TRP A 60 36.68 -24.53 -35.03
C TRP A 60 37.85 -24.89 -34.12
N ASP A 61 38.97 -24.18 -34.26
CA ASP A 61 40.18 -24.47 -33.51
C ASP A 61 39.96 -24.42 -32.00
N ALA A 62 39.08 -23.53 -31.55
CA ALA A 62 38.82 -23.35 -30.13
C ALA A 62 38.08 -24.55 -29.53
N PHE A 63 37.43 -25.34 -30.39
CA PHE A 63 36.62 -26.45 -29.94
C PHE A 63 37.36 -27.78 -30.01
N VAL A 64 38.53 -27.76 -30.65
CA VAL A 64 39.29 -28.98 -30.91
C VAL A 64 39.59 -29.81 -29.67
N GLU A 65 40.11 -29.14 -28.63
CA GLU A 65 40.52 -29.82 -27.41
C GLU A 65 39.36 -30.54 -26.73
N ASN A 66 38.22 -29.86 -26.59
CA ASN A 66 37.05 -30.45 -25.95
C ASN A 66 36.39 -31.53 -26.80
N PHE A 67 36.34 -31.29 -28.11
CA PHE A 67 35.68 -32.21 -29.04
C PHE A 67 36.46 -33.51 -29.25
N SER A 68 37.78 -33.42 -29.15
CA SER A 68 38.63 -34.57 -29.49
C SER A 68 39.26 -35.24 -28.28
N LYS A 69 38.61 -35.13 -27.11
CA LYS A 69 39.14 -35.77 -25.91
C LYS A 69 38.67 -37.23 -25.83
N ASN A 70 37.40 -37.46 -26.18
CA ASN A 70 36.83 -38.80 -26.15
C ASN A 70 36.32 -39.19 -27.53
N HIS A 71 36.69 -38.38 -28.52
CA HIS A 71 36.28 -38.61 -29.90
C HIS A 71 37.44 -38.35 -30.85
N VAL A 72 37.32 -38.88 -32.06
CA VAL A 72 38.24 -38.53 -33.14
C VAL A 72 37.56 -37.46 -33.99
N LEU A 73 38.10 -36.25 -33.95
CA LEU A 73 37.48 -35.11 -34.61
C LEU A 73 37.85 -35.04 -36.08
N LEU A 74 36.84 -34.91 -36.94
CA LEU A 74 37.05 -34.75 -38.37
C LEU A 74 36.55 -33.40 -38.84
N ARG A 75 37.48 -32.52 -39.21
CA ARG A 75 37.14 -31.23 -39.79
C ARG A 75 37.59 -31.19 -41.24
N TYR A 76 36.78 -30.61 -42.10
CA TYR A 76 37.12 -30.49 -43.51
C TYR A 76 36.47 -29.28 -44.15
N ASP A 77 37.13 -28.71 -45.14
CA ASP A 77 36.57 -27.60 -45.90
C ASP A 77 35.79 -28.13 -47.10
N MET A 78 34.56 -27.67 -47.26
CA MET A 78 33.72 -28.10 -48.37
C MET A 78 34.22 -27.45 -49.66
N PHE A 79 33.56 -27.78 -50.78
CA PHE A 79 33.89 -27.16 -52.05
C PHE A 79 33.71 -25.64 -51.95
N ASP A 80 34.62 -24.90 -52.60
CA ASP A 80 34.66 -23.43 -52.55
C ASP A 80 34.90 -22.88 -51.14
N GLN A 81 35.37 -23.72 -50.24
CA GLN A 81 35.65 -23.29 -48.87
C GLN A 81 37.11 -23.44 -48.48
N GLY A 82 37.63 -22.43 -47.78
CA GLY A 82 38.97 -22.47 -47.20
C GLY A 82 40.08 -22.90 -48.12
N GLN A 83 40.71 -24.02 -47.78
CA GLN A 83 41.87 -24.52 -48.51
C GLN A 83 41.48 -25.60 -49.52
N SER A 84 40.18 -25.88 -49.62
CA SER A 84 39.69 -26.80 -50.63
C SER A 84 39.58 -26.07 -51.97
N SER A 85 39.57 -26.84 -53.05
CA SER A 85 39.55 -26.25 -54.39
C SER A 85 38.23 -25.57 -54.71
N LYS A 86 38.16 -24.99 -55.90
CA LYS A 86 37.00 -24.21 -56.33
C LYS A 86 36.06 -25.02 -57.20
N ILE A 87 34.84 -24.53 -57.36
CA ILE A 87 33.91 -25.09 -58.33
C ILE A 87 33.32 -23.95 -59.16
N GLU A 88 33.83 -23.80 -60.38
CA GLU A 88 33.47 -22.64 -61.20
C GLU A 88 32.21 -22.86 -62.03
N GLU A 89 31.57 -24.00 -61.85
CA GLU A 89 30.32 -24.30 -62.55
C GLU A 89 29.14 -24.21 -61.59
N SER A 90 27.92 -24.28 -62.14
CA SER A 90 26.73 -24.25 -61.32
C SER A 90 26.58 -25.53 -60.52
N TYR A 91 26.34 -25.41 -59.22
CA TYR A 91 26.17 -26.59 -58.37
C TYR A 91 25.21 -26.32 -57.23
N THR A 92 24.44 -27.35 -56.86
CA THR A 92 23.60 -27.29 -55.68
C THR A 92 24.36 -27.86 -54.49
N GLN A 93 23.66 -28.05 -53.38
CA GLN A 93 24.29 -28.59 -52.17
C GLN A 93 24.48 -30.10 -52.27
N THR A 94 24.05 -30.67 -53.38
CA THR A 94 24.17 -32.11 -53.60
C THR A 94 25.64 -32.56 -53.64
N ILE A 95 26.47 -31.78 -54.34
CA ILE A 95 27.88 -32.13 -54.49
C ILE A 95 28.62 -32.01 -53.16
N GLN A 96 28.01 -31.32 -52.21
CA GLN A 96 28.58 -31.20 -50.87
C GLN A 96 28.18 -32.41 -50.03
N VAL A 97 27.00 -32.96 -50.31
CA VAL A 97 26.52 -34.15 -49.61
C VAL A 97 27.30 -35.37 -50.07
N GLU A 98 27.49 -35.50 -51.37
CA GLU A 98 28.27 -36.61 -51.93
C GLU A 98 29.73 -36.49 -51.51
N LEU A 99 30.18 -35.26 -51.29
CA LEU A 99 31.52 -35.02 -50.80
C LEU A 99 31.71 -35.64 -49.42
N LEU A 100 30.74 -35.42 -48.55
CA LEU A 100 30.80 -35.91 -47.19
C LEU A 100 30.83 -37.44 -47.12
N LYS A 101 30.02 -38.08 -47.97
CA LYS A 101 29.96 -39.54 -48.00
C LYS A 101 31.30 -40.12 -48.45
N ASN A 102 31.79 -39.65 -49.59
CA ASN A 102 33.02 -40.14 -50.17
C ASN A 102 34.25 -39.81 -49.32
N LEU A 103 34.14 -38.77 -48.50
CA LEU A 103 35.21 -38.41 -47.59
C LEU A 103 35.31 -39.43 -46.45
N LEU A 104 34.15 -39.82 -45.93
CA LEU A 104 34.09 -40.79 -44.84
C LEU A 104 34.55 -42.16 -45.31
N GLU A 105 34.12 -42.54 -46.52
CA GLU A 105 34.53 -43.81 -47.10
C GLU A 105 36.03 -43.84 -47.37
N HIS A 106 36.57 -42.67 -47.70
CA HIS A 106 38.00 -42.53 -47.94
C HIS A 106 38.80 -42.77 -46.67
N LEU A 107 38.30 -42.25 -45.55
CA LEU A 107 38.97 -42.37 -44.27
C LEU A 107 38.58 -43.67 -43.55
N GLY A 108 37.70 -44.45 -44.19
CA GLY A 108 37.27 -45.71 -43.64
C GLY A 108 36.29 -45.56 -42.49
N ILE A 109 35.61 -44.43 -42.44
CA ILE A 109 34.64 -44.15 -41.38
C ILE A 109 33.24 -44.66 -41.77
N ALA A 110 32.78 -45.69 -41.07
CA ALA A 110 31.48 -46.27 -41.34
C ALA A 110 30.36 -45.37 -40.83
N GLN A 111 30.42 -45.04 -39.55
CA GLN A 111 29.44 -44.13 -38.95
C GLN A 111 30.13 -43.03 -38.16
N ALA A 112 29.44 -41.91 -37.99
CA ALA A 112 30.00 -40.76 -37.29
C ALA A 112 28.92 -39.83 -36.75
N ASN A 113 29.22 -39.15 -35.66
CA ASN A 113 28.34 -38.12 -35.12
C ASN A 113 28.51 -36.83 -35.90
N ILE A 114 27.42 -36.31 -36.44
CA ILE A 114 27.47 -35.13 -37.28
C ILE A 114 26.90 -33.89 -36.60
N VAL A 115 27.74 -32.88 -36.45
CA VAL A 115 27.29 -31.59 -35.93
C VAL A 115 27.53 -30.50 -36.96
N GLY A 116 26.45 -29.96 -37.50
CA GLY A 116 26.54 -28.92 -38.52
C GLY A 116 25.82 -27.66 -38.08
N ILE A 117 26.23 -26.53 -38.65
CA ILE A 117 25.61 -25.25 -38.32
C ILE A 117 25.39 -24.44 -39.60
N SER A 118 24.27 -23.72 -39.65
CA SER A 118 23.92 -22.88 -40.79
C SER A 118 23.92 -23.68 -42.09
N TYR A 119 24.87 -23.36 -42.96
CA TYR A 119 25.02 -24.05 -44.24
C TYR A 119 25.31 -25.53 -44.02
N GLY A 120 26.23 -25.82 -43.10
CA GLY A 120 26.59 -27.20 -42.80
C GLY A 120 25.44 -27.97 -42.18
N ALA A 121 24.57 -27.25 -41.47
CA ALA A 121 23.39 -27.86 -40.88
C ALA A 121 22.41 -28.30 -41.97
N SER A 122 22.41 -27.55 -43.07
CA SER A 122 21.57 -27.90 -44.22
C SER A 122 22.09 -29.17 -44.88
N ILE A 123 23.41 -29.29 -44.96
CA ILE A 123 24.05 -30.47 -45.53
C ILE A 123 23.74 -31.73 -44.72
N ALA A 124 23.82 -31.59 -43.41
CA ALA A 124 23.57 -32.71 -42.50
C ALA A 124 22.15 -33.27 -42.68
N LEU A 125 21.18 -32.38 -42.85
CA LEU A 125 19.79 -32.80 -43.06
C LEU A 125 19.64 -33.54 -44.38
N GLN A 126 20.32 -33.07 -45.42
CA GLN A 126 20.32 -33.75 -46.70
C GLN A 126 21.06 -35.08 -46.60
N PHE A 127 22.16 -35.08 -45.87
CA PHE A 127 22.97 -36.28 -45.70
C PHE A 127 22.25 -37.31 -44.84
N ALA A 128 21.41 -36.83 -43.92
CA ALA A 128 20.62 -37.73 -43.09
C ALA A 128 19.41 -38.25 -43.85
N ALA A 129 19.11 -37.60 -44.97
CA ALA A 129 17.98 -37.99 -45.79
C ALA A 129 18.39 -39.02 -46.84
N LYS A 130 19.68 -39.08 -47.15
CA LYS A 130 20.17 -39.98 -48.18
C LYS A 130 21.03 -41.10 -47.62
N TYR A 131 21.83 -40.79 -46.61
CA TYR A 131 22.70 -41.79 -45.99
C TYR A 131 22.56 -41.82 -44.48
N PRO A 132 21.43 -42.36 -43.98
CA PRO A 132 21.18 -42.40 -42.53
C PRO A 132 22.03 -43.45 -41.82
N THR A 133 22.46 -44.47 -42.56
CA THR A 133 23.23 -45.56 -41.97
C THR A 133 24.71 -45.19 -41.77
N MET A 134 25.06 -43.96 -42.12
CA MET A 134 26.41 -43.45 -41.89
C MET A 134 26.42 -42.46 -40.73
N ILE A 135 25.25 -42.26 -40.13
CA ILE A 135 25.10 -41.33 -39.02
C ILE A 135 24.63 -42.02 -37.74
N LYS A 136 25.34 -41.77 -36.64
CA LYS A 136 24.89 -42.23 -35.34
C LYS A 136 23.87 -41.25 -34.77
N ARG A 137 24.37 -40.10 -34.32
CA ARG A 137 23.50 -39.02 -33.85
C ARG A 137 23.85 -37.73 -34.58
N MET A 138 22.90 -36.81 -34.63
CA MET A 138 23.07 -35.59 -35.40
C MET A 138 22.69 -34.36 -34.58
N VAL A 139 23.49 -33.31 -34.69
CA VAL A 139 23.18 -32.04 -34.02
C VAL A 139 23.22 -30.89 -35.02
N VAL A 140 22.05 -30.31 -35.29
CA VAL A 140 21.96 -29.20 -36.23
C VAL A 140 21.66 -27.91 -35.50
N ALA A 141 22.40 -26.85 -35.84
CA ALA A 141 22.26 -25.56 -35.17
C ALA A 141 22.01 -24.45 -36.18
N ASN A 142 21.09 -23.55 -35.84
CA ASN A 142 20.71 -22.45 -36.71
C ASN A 142 20.36 -22.95 -38.11
N VAL A 143 19.31 -23.75 -38.19
CA VAL A 143 19.03 -24.53 -39.39
C VAL A 143 17.57 -24.40 -39.83
N VAL A 144 17.37 -24.31 -41.14
CA VAL A 144 16.03 -24.34 -41.71
C VAL A 144 15.83 -25.63 -42.50
N ALA A 145 14.58 -26.04 -42.66
CA ALA A 145 14.27 -27.23 -43.42
C ALA A 145 14.22 -26.92 -44.92
N LYS A 146 14.01 -25.64 -45.23
CA LYS A 146 13.93 -25.19 -46.62
C LYS A 146 14.24 -23.70 -46.72
N THR A 147 14.98 -23.33 -47.75
CA THR A 147 15.31 -21.92 -47.98
C THR A 147 14.06 -21.15 -48.42
N SER A 148 13.51 -20.37 -47.49
CA SER A 148 12.31 -19.59 -47.75
C SER A 148 12.58 -18.48 -48.76
N PRO A 149 11.51 -18.01 -49.44
CA PRO A 149 11.62 -16.87 -50.36
C PRO A 149 12.24 -15.65 -49.69
N TRP A 150 12.01 -15.50 -48.39
CA TRP A 150 12.60 -14.42 -47.61
C TRP A 150 14.11 -14.57 -47.52
N LEU A 151 14.55 -15.76 -47.10
CA LEU A 151 15.97 -16.04 -46.94
C LEU A 151 16.71 -16.00 -48.28
N LYS A 152 16.03 -16.40 -49.34
CA LYS A 152 16.62 -16.40 -50.67
C LYS A 152 16.94 -14.98 -51.14
N ASP A 153 16.00 -14.06 -50.90
CA ASP A 153 16.20 -12.66 -51.28
C ASP A 153 17.35 -12.04 -50.50
N ILE A 154 17.55 -12.51 -49.27
CA ILE A 154 18.69 -12.09 -48.47
C ILE A 154 19.98 -12.54 -49.14
N GLY A 155 19.96 -13.77 -49.64
CA GLY A 155 21.10 -14.32 -50.37
C GLY A 155 21.39 -13.53 -51.63
N ASP A 156 20.33 -13.11 -52.32
CA ASP A 156 20.46 -12.29 -53.52
C ASP A 156 21.06 -10.93 -53.18
N GLY A 157 20.79 -10.47 -51.95
CA GLY A 157 21.36 -9.23 -51.47
C GLY A 157 22.85 -9.37 -51.23
N TRP A 158 23.23 -10.45 -50.56
CA TRP A 158 24.64 -10.75 -50.29
C TRP A 158 25.42 -10.87 -51.58
N ASN A 159 24.86 -11.60 -52.55
CA ASN A 159 25.51 -11.81 -53.82
C ASN A 159 25.66 -10.52 -54.62
N GLU A 160 24.60 -9.73 -54.70
CA GLU A 160 24.60 -8.49 -55.46
C GLU A 160 25.64 -7.50 -54.94
N VAL A 161 25.83 -7.47 -53.63
CA VAL A 161 26.84 -6.61 -53.03
C VAL A 161 28.22 -7.21 -53.27
N ALA A 162 28.31 -8.53 -53.23
CA ALA A 162 29.57 -9.23 -53.49
C ALA A 162 30.00 -9.07 -54.94
N LYS A 163 29.03 -8.85 -55.84
CA LYS A 163 29.33 -8.69 -57.25
C LYS A 163 29.94 -7.32 -57.56
N THR A 164 29.94 -6.43 -56.57
CA THR A 164 30.53 -5.11 -56.74
C THR A 164 31.97 -5.09 -56.25
N GLY A 165 32.32 -6.06 -55.42
CA GLY A 165 33.66 -6.15 -54.88
C GLY A 165 33.88 -5.24 -53.70
N ASN A 166 32.79 -4.68 -53.17
CA ASN A 166 32.86 -3.80 -52.02
C ASN A 166 32.86 -4.60 -50.73
N GLY A 167 34.05 -4.83 -50.17
CA GLY A 167 34.19 -5.62 -48.97
C GLY A 167 33.66 -4.93 -47.73
N LEU A 168 33.70 -3.60 -47.73
CA LEU A 168 33.17 -2.82 -46.63
C LEU A 168 31.66 -2.95 -46.58
N ALA A 169 31.02 -2.80 -47.74
CA ALA A 169 29.57 -2.95 -47.84
C ALA A 169 29.14 -4.37 -47.54
N TYR A 170 29.90 -5.34 -48.05
CA TYR A 170 29.59 -6.75 -47.87
C TYR A 170 29.64 -7.14 -46.39
N TYR A 171 30.55 -6.53 -45.65
CA TYR A 171 30.66 -6.76 -44.22
C TYR A 171 29.43 -6.22 -43.49
N HIS A 172 29.11 -4.96 -43.75
CA HIS A 172 28.08 -4.24 -43.00
C HIS A 172 26.66 -4.73 -43.26
N ILE A 173 26.51 -5.73 -44.12
CA ILE A 173 25.18 -6.28 -44.41
C ILE A 173 25.08 -7.76 -44.04
N THR A 174 26.20 -8.37 -43.70
CA THR A 174 26.22 -9.79 -43.39
C THR A 174 26.37 -10.06 -41.89
N ILE A 175 27.41 -9.48 -41.30
CA ILE A 175 27.80 -9.80 -39.93
C ILE A 175 26.87 -9.23 -38.84
N PRO A 176 26.30 -8.03 -39.02
CA PRO A 176 25.35 -7.59 -37.98
C PRO A 176 24.13 -8.50 -37.83
N TYR A 177 23.91 -9.42 -38.75
CA TYR A 177 22.81 -10.38 -38.63
C TYR A 177 23.31 -11.78 -38.28
N ILE A 178 24.63 -11.93 -38.26
CA ILE A 178 25.25 -13.18 -37.81
C ILE A 178 25.22 -13.24 -36.29
N TYR A 179 25.43 -12.09 -35.67
CA TYR A 179 25.44 -12.00 -34.21
C TYR A 179 24.21 -11.25 -33.71
N SER A 180 23.79 -11.57 -32.48
CA SER A 180 22.68 -10.87 -31.84
C SER A 180 23.09 -9.43 -31.53
N PRO A 181 22.14 -8.50 -31.58
CA PRO A 181 22.38 -7.09 -31.27
C PRO A 181 23.03 -6.88 -29.91
N GLN A 182 22.65 -7.72 -28.94
CA GLN A 182 23.22 -7.64 -27.60
C GLN A 182 24.70 -8.01 -27.61
N PHE A 183 25.04 -9.05 -28.37
CA PHE A 183 26.42 -9.52 -28.43
C PHE A 183 27.30 -8.55 -29.21
N TYR A 184 26.80 -8.07 -30.34
CA TYR A 184 27.53 -7.13 -31.18
C TYR A 184 27.84 -5.85 -30.42
N THR A 185 26.94 -5.46 -29.52
CA THR A 185 27.11 -4.25 -28.73
C THR A 185 28.03 -4.50 -27.54
N LEU A 186 27.80 -5.59 -26.83
CA LEU A 186 28.57 -5.91 -25.63
C LEU A 186 30.04 -6.15 -25.96
N HIS A 187 30.29 -6.90 -27.02
CA HIS A 187 31.66 -7.18 -27.44
C HIS A 187 32.00 -6.42 -28.72
N ASN A 188 31.74 -5.11 -28.71
CA ASN A 188 31.93 -4.29 -29.90
C ASN A 188 33.39 -4.09 -30.27
N ASP A 189 34.24 -4.00 -29.25
CA ASP A 189 35.69 -3.88 -29.47
C ASP A 189 36.21 -5.16 -30.12
N TRP A 190 35.68 -6.29 -29.69
CA TRP A 190 35.99 -7.57 -30.31
C TRP A 190 35.55 -7.58 -31.77
N MET A 191 34.41 -6.95 -32.03
CA MET A 191 33.88 -6.85 -33.39
C MET A 191 34.75 -5.95 -34.27
N GLU A 192 35.15 -4.81 -33.72
CA GLU A 192 35.93 -3.83 -34.46
C GLU A 192 37.32 -4.34 -34.84
N LYS A 193 37.98 -5.01 -33.89
CA LYS A 193 39.31 -5.56 -34.13
C LYS A 193 39.27 -6.62 -35.24
N ARG A 194 38.19 -7.38 -35.27
CA ARG A 194 38.00 -8.39 -36.31
C ARG A 194 37.51 -7.76 -37.60
N LYS A 195 36.93 -6.56 -37.48
CA LYS A 195 36.40 -5.84 -38.62
C LYS A 195 37.51 -5.29 -39.51
N GLU A 196 38.66 -4.99 -38.90
CA GLU A 196 39.79 -4.43 -39.62
C GLU A 196 40.40 -5.44 -40.60
N LEU A 197 40.13 -6.72 -40.39
CA LEU A 197 40.72 -7.77 -41.20
C LEU A 197 39.67 -8.53 -42.01
N LEU A 198 38.43 -8.52 -41.56
CA LEU A 198 37.36 -9.18 -42.28
C LEU A 198 36.97 -8.40 -43.53
N VAL A 199 36.95 -7.08 -43.42
CA VAL A 199 36.64 -6.22 -44.57
C VAL A 199 37.65 -6.41 -45.72
N PRO A 200 38.96 -6.43 -45.43
CA PRO A 200 39.88 -6.77 -46.53
C PRO A 200 39.63 -8.18 -47.09
N LEU A 201 39.31 -9.13 -46.23
CA LEU A 201 39.00 -10.48 -46.67
C LEU A 201 37.74 -10.48 -47.53
N PHE A 202 36.76 -9.67 -47.14
CA PHE A 202 35.50 -9.60 -47.85
C PHE A 202 35.64 -8.75 -49.12
N SER A 203 36.80 -8.14 -49.30
CA SER A 203 37.05 -7.31 -50.48
C SER A 203 37.66 -8.12 -51.61
N THR A 204 38.32 -9.23 -51.26
CA THR A 204 39.00 -10.06 -52.26
C THR A 204 38.00 -10.76 -53.16
N ARG A 205 38.34 -10.87 -54.44
CA ARG A 205 37.46 -11.53 -55.40
C ARG A 205 37.47 -13.04 -55.20
N THR A 206 38.54 -13.53 -54.58
CA THR A 206 38.64 -14.96 -54.26
C THR A 206 37.54 -15.37 -53.28
N PHE A 207 37.46 -14.63 -52.17
CA PHE A 207 36.47 -14.92 -51.14
C PHE A 207 35.04 -14.72 -51.64
N LEU A 208 34.81 -13.60 -52.33
CA LEU A 208 33.48 -13.21 -52.76
C LEU A 208 32.88 -14.17 -53.78
N ASP A 209 33.65 -14.50 -54.81
CA ASP A 209 33.19 -15.42 -55.85
C ASP A 209 32.84 -16.78 -55.24
N ARG A 210 33.60 -17.20 -54.24
CA ARG A 210 33.32 -18.43 -53.52
C ARG A 210 32.02 -18.30 -52.74
N MET A 211 31.81 -17.13 -52.14
CA MET A 211 30.60 -16.88 -51.36
C MET A 211 29.36 -16.85 -52.26
N ILE A 212 29.50 -16.28 -53.44
CA ILE A 212 28.38 -16.18 -54.37
C ILE A 212 27.87 -17.55 -54.77
N ARG A 213 28.81 -18.40 -55.13
CA ARG A 213 28.54 -19.76 -55.53
C ARG A 213 27.97 -20.59 -54.42
N LEU A 214 28.48 -20.40 -53.23
CA LEU A 214 28.05 -21.10 -52.03
C LEU A 214 26.64 -20.65 -51.61
N THR A 215 26.32 -19.39 -51.91
CA THR A 215 25.02 -18.83 -51.54
C THR A 215 23.94 -19.26 -52.53
N LYS A 216 24.31 -19.37 -53.81
CA LYS A 216 23.38 -19.81 -54.83
C LYS A 216 22.98 -21.27 -54.62
N SER A 217 23.94 -22.07 -54.15
CA SER A 217 23.72 -23.50 -53.94
C SER A 217 22.69 -23.76 -52.85
N ALA A 218 22.55 -22.80 -51.93
CA ALA A 218 21.67 -22.97 -50.79
C ALA A 218 20.23 -22.61 -51.12
N GLU A 219 20.00 -22.06 -52.31
CA GLU A 219 18.66 -21.67 -52.74
C GLU A 219 17.73 -22.87 -52.86
N THR A 220 18.28 -23.99 -53.35
CA THR A 220 17.50 -25.19 -53.63
C THR A 220 17.37 -26.10 -52.41
N HIS A 221 17.78 -25.61 -51.25
CA HIS A 221 17.70 -26.40 -50.02
C HIS A 221 16.25 -26.73 -49.67
N ASP A 222 15.95 -28.02 -49.62
CA ASP A 222 14.59 -28.48 -49.36
C ASP A 222 14.59 -29.94 -48.90
N VAL A 223 14.41 -30.14 -47.60
CA VAL A 223 14.31 -31.50 -47.05
C VAL A 223 12.99 -31.69 -46.33
N ILE A 224 12.01 -30.84 -46.65
CA ILE A 224 10.70 -30.87 -46.00
C ILE A 224 10.03 -32.24 -46.05
N LYS A 225 9.96 -32.82 -47.26
CA LYS A 225 9.32 -34.11 -47.43
C LYS A 225 10.23 -35.26 -47.02
N ASP A 226 11.45 -34.94 -46.60
CA ASP A 226 12.39 -35.94 -46.12
C ASP A 226 12.34 -36.06 -44.61
N LEU A 227 11.89 -34.99 -43.95
CA LEU A 227 11.86 -34.92 -42.48
C LEU A 227 11.10 -36.07 -41.79
N PRO A 228 9.89 -36.42 -42.27
CA PRO A 228 9.17 -37.49 -41.55
C PRO A 228 9.83 -38.86 -41.67
N ASN A 229 10.87 -38.98 -42.49
CA ASN A 229 11.54 -40.26 -42.68
C ASN A 229 12.95 -40.29 -42.10
N ILE A 230 13.41 -39.14 -41.62
CA ILE A 230 14.69 -39.07 -40.92
C ILE A 230 14.52 -39.46 -39.46
N LYS A 231 14.83 -40.72 -39.15
CA LYS A 231 14.72 -41.24 -37.79
C LYS A 231 15.98 -41.00 -36.97
N THR A 232 16.96 -40.34 -37.58
CA THR A 232 18.21 -40.04 -36.90
C THR A 232 17.97 -39.18 -35.67
N PRO A 233 18.48 -39.65 -34.50
CA PRO A 233 18.39 -38.88 -33.25
C PRO A 233 19.01 -37.50 -33.40
N THR A 234 18.18 -36.47 -33.27
CA THR A 234 18.63 -35.11 -33.55
C THR A 234 18.38 -34.16 -32.38
N LEU A 235 19.33 -33.27 -32.13
CA LEU A 235 19.16 -32.20 -31.16
C LEU A 235 19.29 -30.86 -31.88
N ILE A 236 18.20 -30.10 -31.92
CA ILE A 236 18.18 -28.83 -32.63
C ILE A 236 18.52 -27.66 -31.70
N ILE A 237 19.52 -26.87 -32.09
CA ILE A 237 19.86 -25.68 -31.33
C ILE A 237 19.26 -24.45 -32.00
N SER A 238 18.51 -23.69 -31.21
CA SER A 238 17.83 -22.50 -31.74
C SER A 238 18.26 -21.24 -30.99
N SER A 239 18.64 -20.22 -31.75
CA SER A 239 18.98 -18.92 -31.18
C SER A 239 17.77 -17.99 -31.25
N GLU A 240 17.40 -17.42 -30.12
CA GLU A 240 16.20 -16.57 -30.04
C GLU A 240 16.37 -15.29 -30.84
N GLU A 241 17.59 -14.78 -30.90
CA GLU A 241 17.86 -13.55 -31.63
C GLU A 241 18.55 -13.84 -32.96
N ASP A 242 18.23 -15.00 -33.53
CA ASP A 242 18.71 -15.37 -34.86
C ASP A 242 17.87 -14.65 -35.91
N TYR A 243 18.50 -13.73 -36.63
CA TYR A 243 17.76 -12.91 -37.58
C TYR A 243 17.94 -13.41 -39.01
N LEU A 244 18.61 -14.55 -39.15
CA LEU A 244 18.81 -15.18 -40.46
C LEU A 244 17.97 -16.45 -40.57
N THR A 245 18.17 -17.36 -39.64
CA THR A 245 17.36 -18.56 -39.54
C THR A 245 16.55 -18.55 -38.26
N PRO A 246 15.40 -17.84 -38.28
CA PRO A 246 14.59 -17.58 -37.09
C PRO A 246 14.06 -18.85 -36.42
N PRO A 247 13.84 -18.80 -35.10
CA PRO A 247 13.39 -19.94 -34.28
C PRO A 247 12.19 -20.70 -34.85
N PHE A 248 11.29 -20.01 -35.55
CA PHE A 248 10.08 -20.65 -36.05
C PHE A 248 10.43 -21.73 -37.08
N GLU A 249 11.56 -21.55 -37.75
CA GLU A 249 12.05 -22.55 -38.69
C GLU A 249 12.54 -23.79 -37.96
N GLN A 250 13.07 -23.59 -36.75
CA GLN A 250 13.53 -24.69 -35.93
C GLN A 250 12.36 -25.38 -35.23
N LYS A 251 11.33 -24.60 -34.91
CA LYS A 251 10.12 -25.15 -34.30
C LYS A 251 9.44 -26.09 -35.29
N TYR A 252 9.51 -25.74 -36.57
CA TYR A 252 8.95 -26.58 -37.63
C TYR A 252 9.75 -27.87 -37.78
N LEU A 253 11.07 -27.74 -37.77
CA LEU A 253 11.97 -28.88 -37.93
C LEU A 253 11.75 -29.95 -36.86
N GLN A 254 11.53 -29.50 -35.63
CA GLN A 254 11.44 -30.41 -34.49
C GLN A 254 10.16 -31.23 -34.49
N GLU A 255 9.11 -30.70 -35.12
CA GLU A 255 7.83 -31.40 -35.15
C GLU A 255 7.80 -32.49 -36.21
N HIS A 256 8.44 -32.24 -37.35
CA HIS A 256 8.37 -33.17 -38.46
C HIS A 256 9.53 -34.16 -38.47
N LEU A 257 10.55 -33.89 -37.66
CA LEU A 257 11.57 -34.89 -37.37
C LEU A 257 11.06 -35.76 -36.23
N GLN A 258 11.18 -37.07 -36.38
CA GLN A 258 10.58 -38.01 -35.43
C GLN A 258 11.27 -38.00 -34.08
N ASN A 259 12.59 -38.18 -34.07
CA ASN A 259 13.35 -38.16 -32.83
C ASN A 259 14.21 -36.91 -32.72
N ALA A 260 13.55 -35.76 -32.73
CA ALA A 260 14.24 -34.47 -32.67
C ALA A 260 14.16 -33.85 -31.28
N GLU A 261 15.28 -33.32 -30.82
CA GLU A 261 15.33 -32.61 -29.56
C GLU A 261 15.53 -31.12 -29.84
N LEU A 262 14.94 -30.26 -29.02
CA LEU A 262 15.01 -28.83 -29.26
C LEU A 262 15.53 -28.06 -28.04
N VAL A 263 16.45 -27.14 -28.29
CA VAL A 263 17.05 -26.32 -27.24
C VAL A 263 17.16 -24.86 -27.71
N SER A 264 16.64 -23.93 -26.91
CA SER A 264 16.66 -22.53 -27.28
C SER A 264 17.71 -21.76 -26.49
N ILE A 265 18.44 -20.88 -27.17
CA ILE A 265 19.47 -20.08 -26.53
C ILE A 265 19.07 -18.61 -26.49
N PRO A 266 18.63 -18.14 -25.32
CA PRO A 266 18.20 -16.75 -25.11
C PRO A 266 19.32 -15.75 -25.35
N ASN A 267 18.97 -14.58 -25.88
CA ASN A 267 19.92 -13.51 -26.16
C ASN A 267 21.12 -13.98 -26.97
N CYS A 268 20.85 -14.68 -28.07
CA CYS A 268 21.90 -15.26 -28.89
C CYS A 268 21.56 -15.18 -30.38
N GLY A 269 22.56 -14.87 -31.19
CA GLY A 269 22.36 -14.69 -32.61
C GLY A 269 22.66 -15.92 -33.44
N HIS A 270 22.74 -15.74 -34.75
CA HIS A 270 22.96 -16.82 -35.70
C HIS A 270 24.28 -17.56 -35.46
N ALA A 271 25.23 -16.88 -34.81
CA ALA A 271 26.53 -17.50 -34.51
C ALA A 271 26.60 -17.96 -33.05
N SER A 272 25.79 -18.96 -32.72
CA SER A 272 25.75 -19.50 -31.37
C SER A 272 27.08 -20.09 -30.94
N MET A 273 27.84 -20.55 -31.94
CA MET A 273 29.17 -21.13 -31.72
C MET A 273 30.10 -20.20 -30.97
N TYR A 274 30.02 -18.90 -31.27
CA TYR A 274 30.93 -17.91 -30.69
C TYR A 274 30.31 -17.21 -29.50
N GLU A 275 29.00 -16.96 -29.58
CA GLU A 275 28.30 -16.23 -28.53
C GLU A 275 28.21 -17.05 -27.24
N VAL A 276 28.00 -18.35 -27.38
CA VAL A 276 27.92 -19.24 -26.22
C VAL A 276 28.64 -20.56 -26.48
N PRO A 277 29.98 -20.53 -26.52
CA PRO A 277 30.79 -21.71 -26.82
C PRO A 277 30.67 -22.82 -25.77
N LYS A 278 30.53 -22.45 -24.50
CA LYS A 278 30.37 -23.43 -23.43
C LYS A 278 29.06 -24.20 -23.61
N THR A 279 28.02 -23.47 -23.98
CA THR A 279 26.71 -24.08 -24.23
C THR A 279 26.75 -24.99 -25.45
N PHE A 280 27.30 -24.47 -26.54
CA PHE A 280 27.39 -25.19 -27.80
C PHE A 280 28.09 -26.54 -27.62
N THR A 281 29.23 -26.51 -26.95
CA THR A 281 30.02 -27.72 -26.70
C THR A 281 29.25 -28.70 -25.80
N ALA A 282 28.60 -28.16 -24.79
CA ALA A 282 27.85 -28.97 -23.83
C ALA A 282 26.76 -29.78 -24.52
N LEU A 283 26.01 -29.12 -25.40
CA LEU A 283 24.94 -29.79 -26.13
C LEU A 283 25.49 -30.84 -27.08
N VAL A 284 26.56 -30.50 -27.78
CA VAL A 284 27.18 -31.41 -28.75
C VAL A 284 27.79 -32.62 -28.07
N LEU A 285 28.67 -32.37 -27.09
CA LEU A 285 29.32 -33.46 -26.37
C LEU A 285 28.32 -34.25 -25.54
N GLY A 286 27.35 -33.55 -24.95
CA GLY A 286 26.35 -34.17 -24.12
C GLY A 286 25.44 -35.11 -24.89
N PHE A 287 24.97 -34.66 -26.04
CA PHE A 287 24.07 -35.46 -26.86
C PHE A 287 24.79 -36.65 -27.48
N PHE A 288 26.03 -36.43 -27.91
CA PHE A 288 26.83 -37.50 -28.51
C PHE A 288 27.37 -38.45 -27.44
N GLY A 289 27.55 -37.93 -26.23
CA GLY A 289 28.18 -38.67 -25.15
C GLY A 289 27.24 -39.56 -24.35
N GLN A 290 25.94 -39.37 -24.53
CA GLN A 290 24.94 -40.17 -23.82
C GLN A 290 25.04 -41.64 -24.21
N THR A 291 25.10 -42.52 -23.23
CA THR A 291 25.15 -43.95 -23.47
C THR A 291 23.83 -44.42 -24.07
N LYS A 292 22.74 -44.20 -23.34
CA LYS A 292 21.41 -44.54 -23.82
C LYS A 292 20.60 -43.26 -24.08
N LEU A 293 19.74 -43.31 -25.09
CA LEU A 293 18.90 -42.16 -25.40
C LEU A 293 17.46 -42.38 -24.96
N ASP A 294 17.02 -43.64 -24.95
CA ASP A 294 15.69 -44.00 -24.47
C ASP A 294 15.69 -43.96 -22.94
N TYR A 295 14.67 -43.31 -22.38
CA TYR A 295 14.55 -43.22 -20.93
C TYR A 295 13.29 -43.91 -20.43
N GLN A 296 13.43 -44.52 -19.26
CA GLN A 296 12.40 -45.38 -18.69
C GLN A 296 11.60 -44.62 -17.63
N ILE A 297 11.07 -43.47 -18.02
CA ILE A 297 10.33 -42.61 -17.11
C ILE A 297 8.84 -42.79 -17.30
N TYR B 18 6.01 32.65 -52.33
CA TYR B 18 4.90 33.22 -51.58
C TYR B 18 4.83 32.62 -50.19
N PHE B 19 3.81 33.02 -49.44
CA PHE B 19 3.42 32.29 -48.24
C PHE B 19 1.95 31.94 -48.39
N GLN B 20 1.44 32.14 -49.60
CA GLN B 20 0.11 31.68 -49.98
C GLN B 20 0.16 30.21 -50.38
N GLY B 21 1.35 29.63 -50.24
CA GLY B 21 1.52 28.20 -50.45
C GLY B 21 0.72 27.44 -49.41
N VAL B 22 -0.35 26.79 -49.87
CA VAL B 22 -1.20 26.02 -48.99
C VAL B 22 -0.56 24.65 -48.72
N SER B 23 -0.63 24.22 -47.47
CA SER B 23 -0.02 22.97 -47.01
C SER B 23 1.51 23.04 -47.11
N ILE B 24 2.03 24.26 -47.10
CA ILE B 24 3.47 24.49 -47.11
C ILE B 24 3.87 25.46 -46.00
N PHE B 25 4.78 25.02 -45.14
CA PHE B 25 5.24 25.85 -44.04
C PHE B 25 6.68 26.31 -44.28
N THR B 26 6.83 27.59 -44.56
CA THR B 26 8.16 28.17 -44.79
C THR B 26 8.94 28.21 -43.48
N TYR B 27 9.96 27.36 -43.39
CA TYR B 27 10.74 27.21 -42.16
C TYR B 27 12.23 27.24 -42.45
N GLN B 28 12.91 28.25 -41.90
CA GLN B 28 14.33 28.48 -42.14
C GLN B 28 14.63 28.56 -43.64
N GLU B 29 13.80 29.32 -44.35
CA GLU B 29 13.93 29.53 -45.79
C GLU B 29 13.86 28.21 -46.56
N LYS B 30 13.12 27.25 -46.00
CA LYS B 30 12.91 25.96 -46.65
C LYS B 30 11.44 25.56 -46.53
N ASP B 31 10.97 24.77 -47.50
CA ASP B 31 9.55 24.41 -47.56
C ASP B 31 9.25 23.09 -46.86
N ILE B 32 8.34 23.14 -45.89
CA ILE B 32 7.89 21.93 -45.19
C ILE B 32 6.46 21.59 -45.55
N TYR B 33 6.26 20.41 -46.13
CA TYR B 33 4.93 19.97 -46.56
C TYR B 33 4.17 19.31 -45.42
N TYR B 34 2.90 19.66 -45.28
CA TYR B 34 2.05 19.07 -44.25
C TYR B 34 0.60 18.94 -44.75
N GLU B 35 -0.13 17.97 -44.19
CA GLU B 35 -1.52 17.77 -44.58
C GLU B 35 -2.42 17.69 -43.35
N ILE B 36 -3.56 18.37 -43.40
CA ILE B 36 -4.50 18.37 -42.29
C ILE B 36 -5.87 17.86 -42.69
N ASP B 37 -6.32 16.81 -42.02
CA ASP B 37 -7.62 16.22 -42.29
C ASP B 37 -8.61 16.61 -41.20
N GLY B 38 -9.68 17.29 -41.60
CA GLY B 38 -10.59 17.90 -40.67
C GLY B 38 -10.32 19.40 -40.64
N THR B 39 -10.96 20.11 -39.72
CA THR B 39 -10.70 21.55 -39.58
C THR B 39 -10.07 21.82 -38.22
N LEU B 40 -9.16 22.79 -38.17
CA LEU B 40 -8.34 23.01 -36.99
C LEU B 40 -8.91 24.07 -36.05
N ASP B 41 -8.76 23.83 -34.75
CA ASP B 41 -9.35 24.69 -33.73
C ASP B 41 -8.43 24.63 -32.50
N ILE B 42 -8.53 25.63 -31.64
CA ILE B 42 -7.85 25.62 -30.36
C ILE B 42 -8.53 24.58 -29.48
N ASN B 43 -9.79 24.31 -29.79
CA ASN B 43 -10.57 23.29 -29.11
C ASN B 43 -10.30 21.91 -29.70
N SER B 44 -9.67 21.88 -30.86
CA SER B 44 -9.49 20.65 -31.62
C SER B 44 -8.60 19.65 -30.91
N ASP B 45 -9.00 18.39 -30.95
CA ASP B 45 -8.21 17.30 -30.44
C ASP B 45 -7.32 16.77 -31.57
N VAL B 46 -6.01 16.95 -31.42
CA VAL B 46 -5.09 16.76 -32.54
C VAL B 46 -4.18 15.53 -32.40
N ILE B 47 -4.05 14.77 -33.49
CA ILE B 47 -3.07 13.70 -33.57
C ILE B 47 -2.00 14.02 -34.60
N VAL B 48 -0.75 14.09 -34.15
CA VAL B 48 0.36 14.37 -35.05
C VAL B 48 1.16 13.10 -35.34
N ILE B 49 1.32 12.78 -36.62
CA ILE B 49 2.01 11.57 -37.03
C ILE B 49 3.46 11.85 -37.42
N LEU B 50 4.38 11.12 -36.81
CA LEU B 50 5.81 11.26 -37.10
C LEU B 50 6.28 10.09 -37.96
N ASN B 51 6.62 10.39 -39.21
CA ASN B 51 6.90 9.37 -40.22
C ASN B 51 8.15 8.54 -39.95
N GLY B 52 8.19 7.35 -40.54
CA GLY B 52 9.38 6.51 -40.51
C GLY B 52 10.41 7.04 -41.49
N ILE B 53 11.57 6.40 -41.54
CA ILE B 53 12.68 6.92 -42.33
C ILE B 53 12.47 6.77 -43.84
N MET B 54 11.58 5.85 -44.23
CA MET B 54 11.27 5.67 -45.65
C MET B 54 9.83 6.06 -45.97
N MET B 55 9.25 6.93 -45.16
CA MET B 55 7.83 7.24 -45.27
C MET B 55 7.55 8.71 -45.60
N SER B 56 6.30 8.98 -45.95
CA SER B 56 5.83 10.34 -46.16
C SER B 56 4.39 10.47 -45.68
N THR B 57 3.73 11.54 -46.06
CA THR B 57 2.34 11.75 -45.67
C THR B 57 1.41 10.74 -46.32
N LYS B 58 1.69 10.41 -47.57
CA LYS B 58 0.85 9.50 -48.34
C LYS B 58 1.00 8.05 -47.89
N SER B 59 1.95 7.81 -47.00
CA SER B 59 2.18 6.49 -46.45
C SER B 59 1.19 6.18 -45.33
N TRP B 60 0.35 7.17 -45.01
CA TRP B 60 -0.60 7.02 -43.91
C TRP B 60 -2.04 7.20 -44.39
N ASP B 61 -2.25 7.14 -45.70
CA ASP B 61 -3.58 7.34 -46.28
C ASP B 61 -4.63 6.38 -45.72
N ALA B 62 -4.26 5.12 -45.58
CA ALA B 62 -5.18 4.09 -45.13
C ALA B 62 -5.68 4.35 -43.70
N PHE B 63 -4.89 5.09 -42.93
CA PHE B 63 -5.22 5.36 -41.54
C PHE B 63 -5.96 6.68 -41.37
N VAL B 64 -6.01 7.48 -42.43
CA VAL B 64 -6.56 8.82 -42.37
C VAL B 64 -8.03 8.86 -41.91
N GLU B 65 -8.86 8.02 -42.53
CA GLU B 65 -10.30 8.02 -42.22
C GLU B 65 -10.58 7.65 -40.77
N ASN B 66 -9.84 6.66 -40.25
CA ASN B 66 -10.04 6.22 -38.88
C ASN B 66 -9.39 7.16 -37.85
N PHE B 67 -8.25 7.74 -38.21
CA PHE B 67 -7.53 8.65 -37.30
C PHE B 67 -8.21 10.00 -37.20
N SER B 68 -8.89 10.42 -38.27
CA SER B 68 -9.52 11.74 -38.31
C SER B 68 -11.00 11.68 -37.99
N LYS B 69 -11.48 10.53 -37.50
CA LYS B 69 -12.86 10.36 -37.09
C LYS B 69 -13.23 11.33 -35.97
N ASN B 70 -12.44 11.31 -34.90
CA ASN B 70 -12.71 12.15 -33.74
C ASN B 70 -11.51 13.02 -33.39
N HIS B 71 -10.58 13.13 -34.35
CA HIS B 71 -9.36 13.90 -34.13
C HIS B 71 -9.04 14.72 -35.38
N VAL B 72 -8.24 15.77 -35.20
CA VAL B 72 -7.73 16.52 -36.33
C VAL B 72 -6.34 15.99 -36.69
N LEU B 73 -6.26 15.27 -37.79
CA LEU B 73 -5.01 14.61 -38.18
C LEU B 73 -4.00 15.58 -38.75
N LEU B 74 -2.78 15.54 -38.24
CA LEU B 74 -1.69 16.34 -38.77
C LEU B 74 -0.56 15.45 -39.27
N ARG B 75 -0.44 15.32 -40.58
CA ARG B 75 0.66 14.59 -41.19
C ARG B 75 1.63 15.59 -41.83
N TYR B 76 2.92 15.30 -41.75
CA TYR B 76 3.91 16.17 -42.35
C TYR B 76 5.19 15.41 -42.70
N ASP B 77 5.88 15.88 -43.73
CA ASP B 77 7.16 15.31 -44.12
C ASP B 77 8.29 16.06 -43.41
N MET B 78 9.16 15.31 -42.74
CA MET B 78 10.33 15.90 -42.10
C MET B 78 11.34 16.30 -43.16
N PHE B 79 12.47 16.87 -42.74
CA PHE B 79 13.54 17.22 -43.66
C PHE B 79 14.04 15.96 -44.37
N ASP B 80 14.38 16.12 -45.66
CA ASP B 80 14.82 15.01 -46.51
C ASP B 80 13.76 13.94 -46.68
N GLN B 81 12.49 14.32 -46.54
CA GLN B 81 11.39 13.38 -46.68
C GLN B 81 10.28 13.90 -47.60
N GLY B 82 9.69 12.98 -48.36
CA GLY B 82 8.51 13.27 -49.16
C GLY B 82 8.55 14.51 -50.03
N GLN B 83 7.73 15.50 -49.68
CA GLN B 83 7.57 16.70 -50.48
C GLN B 83 8.25 17.92 -49.85
N SER B 84 8.84 17.75 -48.68
CA SER B 84 9.55 18.83 -48.01
C SER B 84 10.93 19.03 -48.62
N SER B 85 11.54 20.19 -48.35
CA SER B 85 12.82 20.55 -48.96
C SER B 85 13.97 19.65 -48.50
N LYS B 86 15.00 19.56 -49.33
CA LYS B 86 16.18 18.77 -49.02
C LYS B 86 17.07 19.48 -48.00
N ILE B 87 18.02 18.73 -47.45
CA ILE B 87 19.10 19.30 -46.65
C ILE B 87 20.42 18.76 -47.18
N GLU B 88 21.35 19.64 -47.52
CA GLU B 88 22.66 19.20 -47.95
C GLU B 88 23.73 19.64 -46.96
N GLU B 89 23.41 19.51 -45.68
CA GLU B 89 24.35 19.73 -44.60
C GLU B 89 24.28 18.56 -43.64
N SER B 90 25.35 18.32 -42.90
CA SER B 90 25.34 17.27 -41.88
C SER B 90 24.48 17.70 -40.71
N TYR B 91 23.40 16.97 -40.48
CA TYR B 91 22.47 17.31 -39.41
C TYR B 91 22.13 16.11 -38.54
N THR B 92 21.83 16.38 -37.27
CA THR B 92 21.32 15.36 -36.37
C THR B 92 19.79 15.43 -36.35
N GLN B 93 19.16 14.64 -35.50
CA GLN B 93 17.71 14.63 -35.40
C GLN B 93 17.19 15.83 -34.62
N THR B 94 18.10 16.70 -34.21
CA THR B 94 17.74 17.91 -33.48
C THR B 94 16.90 18.84 -34.35
N ILE B 95 17.30 18.98 -35.61
CA ILE B 95 16.59 19.86 -36.53
C ILE B 95 15.20 19.32 -36.86
N GLN B 96 14.99 18.03 -36.60
CA GLN B 96 13.69 17.40 -36.83
C GLN B 96 12.78 17.66 -35.64
N VAL B 97 13.38 17.79 -34.46
CA VAL B 97 12.65 18.05 -33.24
C VAL B 97 12.15 19.50 -33.21
N GLU B 98 13.04 20.43 -33.52
CA GLU B 98 12.71 21.85 -33.55
C GLU B 98 11.68 22.15 -34.65
N LEU B 99 11.74 21.37 -35.72
CA LEU B 99 10.78 21.48 -36.81
C LEU B 99 9.38 21.19 -36.30
N LEU B 100 9.23 20.09 -35.57
CA LEU B 100 7.94 19.69 -35.03
C LEU B 100 7.39 20.76 -34.08
N LYS B 101 8.25 21.30 -33.22
CA LYS B 101 7.86 22.35 -32.30
C LYS B 101 7.32 23.57 -33.03
N ASN B 102 8.09 24.04 -34.00
CA ASN B 102 7.74 25.26 -34.74
C ASN B 102 6.56 25.05 -35.69
N LEU B 103 6.42 23.85 -36.21
CA LEU B 103 5.28 23.52 -37.06
C LEU B 103 4.00 23.55 -36.25
N LEU B 104 4.05 22.96 -35.06
CA LEU B 104 2.90 22.96 -34.16
C LEU B 104 2.52 24.37 -33.75
N GLU B 105 3.54 25.20 -33.50
CA GLU B 105 3.30 26.60 -33.16
C GLU B 105 2.74 27.38 -34.35
N HIS B 106 3.20 27.02 -35.54
CA HIS B 106 2.76 27.66 -36.77
C HIS B 106 1.26 27.48 -36.97
N LEU B 107 0.76 26.29 -36.67
CA LEU B 107 -0.65 25.96 -36.85
C LEU B 107 -1.48 26.36 -35.62
N GLY B 108 -0.80 26.87 -34.60
CA GLY B 108 -1.47 27.29 -33.38
C GLY B 108 -1.89 26.12 -32.51
N ILE B 109 -1.08 25.07 -32.51
CA ILE B 109 -1.35 23.89 -31.71
C ILE B 109 -0.53 23.88 -30.42
N ALA B 110 -1.21 24.01 -29.28
CA ALA B 110 -0.54 24.04 -28.00
C ALA B 110 -0.13 22.63 -27.56
N GLN B 111 -1.11 21.73 -27.48
CA GLN B 111 -0.86 20.34 -27.14
C GLN B 111 -1.36 19.42 -28.24
N ALA B 112 -0.76 18.23 -28.34
CA ALA B 112 -1.17 17.27 -29.36
C ALA B 112 -0.77 15.85 -28.98
N ASN B 113 -1.62 14.89 -29.33
CA ASN B 113 -1.28 13.48 -29.21
C ASN B 113 -0.26 13.12 -30.28
N ILE B 114 0.79 12.40 -29.90
CA ILE B 114 1.84 12.06 -30.84
C ILE B 114 1.98 10.56 -31.05
N VAL B 115 1.92 10.13 -32.30
CA VAL B 115 2.18 8.74 -32.66
C VAL B 115 3.37 8.68 -33.62
N GLY B 116 4.39 7.94 -33.26
CA GLY B 116 5.59 7.83 -34.08
C GLY B 116 6.09 6.40 -34.22
N ILE B 117 6.72 6.11 -35.35
CA ILE B 117 7.25 4.79 -35.61
C ILE B 117 8.65 4.88 -36.20
N SER B 118 9.52 3.95 -35.81
CA SER B 118 10.89 3.86 -36.31
C SER B 118 11.67 5.16 -36.09
N TYR B 119 11.99 5.85 -37.18
CA TYR B 119 12.72 7.12 -37.12
C TYR B 119 11.90 8.18 -36.40
N GLY B 120 10.63 8.30 -36.77
CA GLY B 120 9.74 9.27 -36.18
C GLY B 120 9.51 9.01 -34.70
N ALA B 121 9.63 7.74 -34.31
CA ALA B 121 9.51 7.36 -32.91
C ALA B 121 10.66 7.93 -32.11
N SER B 122 11.84 7.97 -32.72
CA SER B 122 13.02 8.53 -32.08
C SER B 122 12.85 10.04 -31.89
N ILE B 123 12.22 10.68 -32.87
CA ILE B 123 11.94 12.11 -32.81
C ILE B 123 10.93 12.40 -31.71
N ALA B 124 9.97 11.50 -31.54
CA ALA B 124 8.94 11.64 -30.51
C ALA B 124 9.54 11.66 -29.12
N LEU B 125 10.43 10.72 -28.84
CA LEU B 125 11.08 10.64 -27.54
C LEU B 125 11.91 11.88 -27.26
N GLN B 126 12.66 12.34 -28.26
CA GLN B 126 13.47 13.54 -28.12
C GLN B 126 12.57 14.76 -27.91
N PHE B 127 11.45 14.79 -28.62
CA PHE B 127 10.48 15.87 -28.47
C PHE B 127 9.86 15.83 -27.08
N ALA B 128 9.56 14.62 -26.60
CA ALA B 128 9.01 14.43 -25.26
C ALA B 128 10.04 14.78 -24.20
N ALA B 129 11.31 14.71 -24.57
CA ALA B 129 12.40 14.99 -23.64
C ALA B 129 12.59 16.50 -23.45
N LYS B 130 12.30 17.26 -24.50
CA LYS B 130 12.55 18.71 -24.47
C LYS B 130 11.26 19.52 -24.31
N TYR B 131 10.22 19.12 -25.03
CA TYR B 131 8.95 19.85 -24.97
C TYR B 131 7.80 18.96 -24.51
N PRO B 132 7.79 18.59 -23.22
CA PRO B 132 6.76 17.68 -22.71
C PRO B 132 5.40 18.35 -22.57
N THR B 133 5.39 19.67 -22.54
CA THR B 133 4.16 20.42 -22.36
C THR B 133 3.32 20.47 -23.62
N MET B 134 3.94 20.16 -24.76
CA MET B 134 3.23 20.20 -26.05
C MET B 134 2.68 18.83 -26.43
N ILE B 135 2.79 17.86 -25.52
CA ILE B 135 2.27 16.53 -25.76
C ILE B 135 1.19 16.16 -24.75
N LYS B 136 0.07 15.67 -25.24
CA LYS B 136 -0.99 15.16 -24.37
C LYS B 136 -0.72 13.69 -24.03
N ARG B 137 -0.81 12.84 -25.05
CA ARG B 137 -0.45 11.43 -24.90
C ARG B 137 0.40 10.98 -26.07
N MET B 138 1.21 9.94 -25.86
CA MET B 138 2.18 9.52 -26.87
C MET B 138 2.14 8.02 -27.14
N VAL B 139 2.30 7.65 -28.41
CA VAL B 139 2.41 6.26 -28.82
C VAL B 139 3.66 6.06 -29.68
N VAL B 140 4.51 5.12 -29.27
CA VAL B 140 5.72 4.84 -30.03
C VAL B 140 5.76 3.37 -30.47
N ALA B 141 6.01 3.15 -31.75
CA ALA B 141 6.04 1.80 -32.31
C ALA B 141 7.39 1.50 -32.93
N ASN B 142 7.91 0.30 -32.64
CA ASN B 142 9.21 -0.13 -33.14
C ASN B 142 10.27 0.92 -32.87
N VAL B 143 10.57 1.13 -31.59
CA VAL B 143 11.36 2.27 -31.15
C VAL B 143 12.50 1.86 -30.21
N VAL B 144 13.65 2.50 -30.39
CA VAL B 144 14.79 2.29 -29.50
C VAL B 144 15.03 3.52 -28.63
N ALA B 145 15.64 3.32 -27.47
CA ALA B 145 15.97 4.43 -26.59
C ALA B 145 17.31 5.03 -26.97
N LYS B 146 18.06 4.30 -27.80
CA LYS B 146 19.37 4.74 -28.25
C LYS B 146 19.83 3.91 -29.43
N THR B 147 20.49 4.57 -30.39
CA THR B 147 21.07 3.86 -31.52
C THR B 147 22.29 3.05 -31.06
N SER B 148 22.14 1.73 -31.04
CA SER B 148 23.21 0.84 -30.61
C SER B 148 24.32 0.79 -31.65
N PRO B 149 25.52 0.35 -31.26
CA PRO B 149 26.61 0.11 -32.22
C PRO B 149 26.21 -0.91 -33.27
N TRP B 150 25.27 -1.79 -32.92
CA TRP B 150 24.74 -2.78 -33.84
C TRP B 150 23.86 -2.13 -34.91
N LEU B 151 22.88 -1.34 -34.45
CA LEU B 151 21.98 -0.65 -35.35
C LEU B 151 22.70 0.38 -36.20
N LYS B 152 23.79 0.94 -35.66
CA LYS B 152 24.56 1.96 -36.35
C LYS B 152 25.34 1.37 -37.53
N ASP B 153 25.91 0.19 -37.34
CA ASP B 153 26.69 -0.46 -38.40
C ASP B 153 25.79 -1.03 -39.50
N ILE B 154 24.54 -1.31 -39.15
CA ILE B 154 23.55 -1.69 -40.15
C ILE B 154 23.27 -0.51 -41.07
N GLY B 155 23.10 0.67 -40.46
CA GLY B 155 22.89 1.90 -41.21
C GLY B 155 24.05 2.23 -42.12
N ASP B 156 25.26 1.89 -41.68
CA ASP B 156 26.45 2.07 -42.51
C ASP B 156 26.38 1.17 -43.74
N GLY B 157 25.77 0.00 -43.57
CA GLY B 157 25.59 -0.94 -44.65
C GLY B 157 24.64 -0.43 -45.70
N TRP B 158 23.51 0.12 -45.24
CA TRP B 158 22.55 0.75 -46.13
C TRP B 158 23.23 1.90 -46.87
N ASN B 159 23.93 2.73 -46.11
CA ASN B 159 24.63 3.89 -46.67
C ASN B 159 25.70 3.48 -47.69
N GLU B 160 26.51 2.49 -47.34
CA GLU B 160 27.56 1.99 -48.25
C GLU B 160 26.99 1.53 -49.58
N VAL B 161 25.92 0.75 -49.52
CA VAL B 161 25.26 0.26 -50.73
C VAL B 161 24.58 1.40 -51.49
N ALA B 162 23.94 2.30 -50.75
CA ALA B 162 23.28 3.45 -51.36
C ALA B 162 24.26 4.33 -52.12
N LYS B 163 25.50 4.36 -51.66
CA LYS B 163 26.55 5.15 -52.30
C LYS B 163 26.84 4.66 -53.72
N THR B 164 26.68 3.35 -53.93
CA THR B 164 26.97 2.75 -55.22
C THR B 164 25.89 3.05 -56.26
N GLY B 165 24.74 3.50 -55.79
CA GLY B 165 23.63 3.83 -56.67
C GLY B 165 22.86 2.62 -57.15
N ASN B 166 23.21 1.45 -56.63
CA ASN B 166 22.55 0.20 -57.00
C ASN B 166 21.21 0.03 -56.28
N GLY B 167 20.13 0.18 -57.02
CA GLY B 167 18.80 0.05 -56.47
C GLY B 167 18.45 -1.39 -56.11
N LEU B 168 18.84 -2.32 -56.98
CA LEU B 168 18.57 -3.74 -56.76
C LEU B 168 19.25 -4.24 -55.49
N ALA B 169 20.47 -3.75 -55.24
CA ALA B 169 21.23 -4.15 -54.06
C ALA B 169 20.66 -3.49 -52.80
N TYR B 170 20.27 -2.23 -52.93
CA TYR B 170 19.73 -1.48 -51.80
C TYR B 170 18.42 -2.09 -51.30
N TYR B 171 17.59 -2.53 -52.23
CA TYR B 171 16.30 -3.13 -51.89
C TYR B 171 16.48 -4.41 -51.07
N HIS B 172 17.37 -5.27 -51.55
CA HIS B 172 17.55 -6.59 -50.97
C HIS B 172 18.23 -6.58 -49.59
N ILE B 173 18.84 -5.46 -49.24
CA ILE B 173 19.55 -5.38 -47.96
C ILE B 173 18.78 -4.57 -46.91
N THR B 174 17.60 -4.09 -47.28
CA THR B 174 16.81 -3.27 -46.36
C THR B 174 15.44 -3.87 -46.05
N ILE B 175 14.63 -4.03 -47.08
CA ILE B 175 13.21 -4.39 -46.93
C ILE B 175 12.93 -5.77 -46.31
N PRO B 176 13.71 -6.81 -46.66
CA PRO B 176 13.47 -8.09 -45.97
C PRO B 176 13.58 -8.00 -44.45
N TYR B 177 14.27 -6.99 -43.95
CA TYR B 177 14.41 -6.79 -42.51
C TYR B 177 13.36 -5.82 -41.97
N ILE B 178 12.55 -5.27 -42.87
CA ILE B 178 11.47 -4.37 -42.48
C ILE B 178 10.20 -5.18 -42.20
N TYR B 179 10.01 -6.25 -42.96
CA TYR B 179 8.89 -7.15 -42.75
C TYR B 179 9.34 -8.44 -42.09
N SER B 180 8.41 -9.10 -41.41
CA SER B 180 8.71 -10.40 -40.80
C SER B 180 8.83 -11.46 -41.89
N PRO B 181 9.70 -12.46 -41.68
CA PRO B 181 9.90 -13.55 -42.64
C PRO B 181 8.59 -14.23 -43.04
N GLN B 182 7.69 -14.42 -42.10
CA GLN B 182 6.39 -15.04 -42.37
C GLN B 182 5.58 -14.18 -43.34
N PHE B 183 5.45 -12.90 -43.01
CA PHE B 183 4.70 -11.95 -43.82
C PHE B 183 5.29 -11.82 -45.22
N TYR B 184 6.62 -11.71 -45.27
CA TYR B 184 7.33 -11.54 -46.53
C TYR B 184 7.11 -12.74 -47.46
N THR B 185 7.02 -13.92 -46.86
CA THR B 185 6.80 -15.15 -47.61
C THR B 185 5.34 -15.31 -48.00
N LEU B 186 4.44 -15.02 -47.05
CA LEU B 186 3.00 -15.14 -47.29
C LEU B 186 2.53 -14.24 -48.41
N HIS B 187 2.83 -12.95 -48.30
CA HIS B 187 2.47 -11.99 -49.33
C HIS B 187 3.67 -11.70 -50.23
N ASN B 188 4.21 -12.77 -50.84
CA ASN B 188 5.47 -12.68 -51.57
C ASN B 188 5.39 -12.01 -52.94
N ASP B 189 4.42 -12.42 -53.75
CA ASP B 189 4.26 -11.86 -55.09
C ASP B 189 3.91 -10.38 -55.03
N TRP B 190 3.28 -9.98 -53.93
CA TRP B 190 3.01 -8.59 -53.63
C TRP B 190 4.32 -7.84 -53.40
N MET B 191 5.29 -8.53 -52.81
CA MET B 191 6.60 -7.93 -52.55
C MET B 191 7.41 -7.69 -53.81
N GLU B 192 7.24 -8.57 -54.80
CA GLU B 192 8.04 -8.50 -56.02
C GLU B 192 7.49 -7.46 -56.99
N LYS B 193 6.21 -7.14 -56.87
CA LYS B 193 5.61 -6.08 -57.68
C LYS B 193 5.85 -4.73 -57.02
N ARG B 194 6.07 -4.75 -55.71
CA ARG B 194 6.60 -3.58 -55.02
C ARG B 194 7.99 -3.31 -55.55
N LYS B 195 8.70 -4.40 -55.84
CA LYS B 195 10.10 -4.35 -56.24
C LYS B 195 10.31 -3.72 -57.62
N GLU B 196 9.40 -3.97 -58.55
CA GLU B 196 9.50 -3.42 -59.89
C GLU B 196 9.44 -1.89 -59.86
N LEU B 197 8.79 -1.36 -58.84
CA LEU B 197 8.63 0.09 -58.70
C LEU B 197 9.64 0.66 -57.71
N LEU B 198 10.16 -0.19 -56.83
CA LEU B 198 11.08 0.24 -55.79
C LEU B 198 12.53 0.27 -56.26
N VAL B 199 12.92 -0.70 -57.07
CA VAL B 199 14.28 -0.76 -57.59
C VAL B 199 14.66 0.52 -58.38
N PRO B 200 13.76 1.04 -59.24
CA PRO B 200 14.12 2.33 -59.84
C PRO B 200 14.16 3.46 -58.83
N LEU B 201 13.24 3.44 -57.86
CA LEU B 201 13.23 4.44 -56.80
C LEU B 201 14.51 4.38 -55.99
N PHE B 202 14.97 3.17 -55.70
CA PHE B 202 16.19 2.96 -54.94
C PHE B 202 17.43 3.18 -55.80
N SER B 203 17.22 3.49 -57.08
CA SER B 203 18.33 3.73 -57.99
C SER B 203 18.55 5.22 -58.26
N THR B 204 17.61 6.04 -57.81
CA THR B 204 17.72 7.48 -57.99
C THR B 204 18.64 8.09 -56.94
N ARG B 205 19.60 8.89 -57.40
CA ARG B 205 20.60 9.49 -56.52
C ARG B 205 20.01 10.40 -55.46
N THR B 206 19.05 11.23 -55.86
CA THR B 206 18.42 12.18 -54.95
C THR B 206 17.74 11.47 -53.79
N PHE B 207 17.10 10.34 -54.10
CA PHE B 207 16.45 9.54 -53.07
C PHE B 207 17.48 8.92 -52.14
N LEU B 208 18.52 8.35 -52.73
CA LEU B 208 19.57 7.68 -51.96
C LEU B 208 20.31 8.65 -51.06
N ASP B 209 20.54 9.86 -51.54
CA ASP B 209 21.23 10.88 -50.76
C ASP B 209 20.39 11.29 -49.55
N ARG B 210 19.08 11.39 -49.72
CA ARG B 210 18.18 11.68 -48.62
C ARG B 210 18.23 10.58 -47.57
N MET B 211 18.23 9.33 -48.03
CA MET B 211 18.24 8.18 -47.15
C MET B 211 19.54 8.11 -46.35
N ILE B 212 20.64 8.51 -46.98
CA ILE B 212 21.94 8.50 -46.33
C ILE B 212 21.97 9.51 -45.18
N ARG B 213 21.53 10.74 -45.48
CA ARG B 213 21.56 11.82 -44.49
C ARG B 213 20.58 11.60 -43.35
N LEU B 214 19.45 10.96 -43.65
CA LEU B 214 18.48 10.61 -42.63
C LEU B 214 19.02 9.51 -41.73
N THR B 215 19.77 8.59 -42.32
CA THR B 215 20.37 7.49 -41.58
C THR B 215 21.47 7.99 -40.65
N LYS B 216 22.33 8.86 -41.16
CA LYS B 216 23.42 9.42 -40.38
C LYS B 216 22.90 10.24 -39.19
N SER B 217 21.73 10.84 -39.36
CA SER B 217 21.14 11.67 -38.32
C SER B 217 20.66 10.83 -37.15
N ALA B 218 20.34 9.57 -37.42
CA ALA B 218 19.81 8.66 -36.39
C ALA B 218 20.92 8.05 -35.54
N GLU B 219 22.17 8.23 -35.97
CA GLU B 219 23.32 7.70 -35.24
C GLU B 219 23.43 8.31 -33.85
N THR B 220 23.09 9.59 -33.75
CA THR B 220 23.24 10.32 -32.49
C THR B 220 21.96 10.32 -31.65
N HIS B 221 21.11 9.32 -31.87
CA HIS B 221 19.90 9.18 -31.08
C HIS B 221 20.23 8.63 -29.69
N ASP B 222 20.00 9.44 -28.67
CA ASP B 222 20.30 9.06 -27.30
C ASP B 222 19.40 9.80 -26.32
N VAL B 223 18.39 9.11 -25.80
CA VAL B 223 17.47 9.71 -24.85
C VAL B 223 17.44 8.95 -23.53
N ILE B 224 18.41 8.05 -23.34
CA ILE B 224 18.59 7.34 -22.08
C ILE B 224 18.74 8.35 -20.95
N LYS B 225 19.42 9.45 -21.28
CA LYS B 225 19.61 10.58 -20.38
C LYS B 225 18.30 11.15 -19.85
N ASP B 226 17.24 11.07 -20.65
CA ASP B 226 16.00 11.78 -20.36
C ASP B 226 14.81 10.89 -20.00
N LEU B 227 14.96 9.57 -20.13
CA LEU B 227 13.84 8.65 -19.90
C LEU B 227 13.20 8.77 -18.50
N PRO B 228 13.99 8.79 -17.42
CA PRO B 228 13.33 8.90 -16.12
C PRO B 228 12.67 10.25 -15.87
N ASN B 229 12.89 11.21 -16.78
CA ASN B 229 12.30 12.53 -16.64
C ASN B 229 11.09 12.72 -17.55
N ILE B 230 10.81 11.72 -18.38
CA ILE B 230 9.65 11.76 -19.26
C ILE B 230 8.43 11.22 -18.53
N LYS B 231 7.53 12.11 -18.16
CA LYS B 231 6.35 11.73 -17.39
C LYS B 231 5.17 11.50 -18.33
N THR B 232 5.41 11.60 -19.64
CA THR B 232 4.37 11.50 -20.66
C THR B 232 3.70 10.12 -20.72
N PRO B 233 2.35 10.09 -20.73
CA PRO B 233 1.60 8.84 -20.87
C PRO B 233 1.95 8.12 -22.16
N THR B 234 2.82 7.11 -22.07
CA THR B 234 3.35 6.46 -23.27
C THR B 234 2.84 5.02 -23.43
N LEU B 235 2.46 4.67 -24.65
CA LEU B 235 2.15 3.29 -24.98
C LEU B 235 3.11 2.78 -26.05
N ILE B 236 3.97 1.85 -25.65
CA ILE B 236 4.98 1.31 -26.57
C ILE B 236 4.45 0.12 -27.35
N ILE B 237 4.59 0.18 -28.67
CA ILE B 237 4.21 -0.93 -29.53
C ILE B 237 5.45 -1.69 -29.99
N SER B 238 5.57 -2.95 -29.58
CA SER B 238 6.73 -3.77 -29.90
C SER B 238 6.37 -4.92 -30.84
N SER B 239 7.27 -5.22 -31.77
CA SER B 239 7.06 -6.33 -32.70
C SER B 239 8.05 -7.47 -32.41
N GLU B 240 7.53 -8.68 -32.32
CA GLU B 240 8.35 -9.84 -31.94
C GLU B 240 9.34 -10.24 -33.03
N GLU B 241 8.97 -10.04 -34.29
CA GLU B 241 9.86 -10.35 -35.40
C GLU B 241 10.45 -9.07 -35.99
N ASP B 242 10.61 -8.06 -35.15
CA ASP B 242 11.31 -6.84 -35.53
C ASP B 242 12.81 -7.08 -35.47
N TYR B 243 13.45 -7.07 -36.63
CA TYR B 243 14.87 -7.40 -36.72
C TYR B 243 15.74 -6.15 -36.85
N LEU B 244 15.12 -4.97 -36.72
CA LEU B 244 15.86 -3.72 -36.77
C LEU B 244 15.78 -2.96 -35.45
N THR B 245 14.58 -2.92 -34.86
CA THR B 245 14.41 -2.41 -33.51
C THR B 245 13.81 -3.49 -32.62
N PRO B 246 14.65 -4.46 -32.22
CA PRO B 246 14.24 -5.68 -31.51
C PRO B 246 13.46 -5.42 -30.22
N PRO B 247 12.61 -6.38 -29.81
CA PRO B 247 11.77 -6.29 -28.61
C PRO B 247 12.51 -5.88 -27.34
N PHE B 248 13.74 -6.34 -27.16
CA PHE B 248 14.48 -6.05 -25.93
C PHE B 248 14.75 -4.55 -25.78
N GLU B 249 14.80 -3.85 -26.90
CA GLU B 249 14.96 -2.40 -26.88
C GLU B 249 13.71 -1.71 -26.36
N GLN B 250 12.55 -2.30 -26.65
CA GLN B 250 11.29 -1.74 -26.19
C GLN B 250 11.10 -1.99 -24.70
N LYS B 251 11.54 -3.15 -24.23
CA LYS B 251 11.44 -3.50 -22.81
C LYS B 251 12.30 -2.56 -21.96
N TYR B 252 13.40 -2.09 -22.54
CA TYR B 252 14.26 -1.13 -21.87
C TYR B 252 13.54 0.21 -21.71
N LEU B 253 12.93 0.65 -22.80
CA LEU B 253 12.18 1.91 -22.81
C LEU B 253 11.06 1.90 -21.79
N GLN B 254 10.39 0.76 -21.67
CA GLN B 254 9.22 0.66 -20.81
C GLN B 254 9.58 0.64 -19.33
N GLU B 255 10.81 0.23 -19.03
CA GLU B 255 11.24 0.11 -17.63
C GLU B 255 11.83 1.40 -17.08
N HIS B 256 12.26 2.29 -17.98
CA HIS B 256 12.85 3.55 -17.55
C HIS B 256 11.95 4.74 -17.83
N LEU B 257 10.88 4.48 -18.57
CA LEU B 257 9.74 5.39 -18.63
C LEU B 257 8.74 4.86 -17.62
N GLN B 258 8.05 5.75 -16.91
CA GLN B 258 7.27 5.34 -15.76
C GLN B 258 5.80 5.52 -16.02
N ASN B 259 5.44 6.25 -17.08
CA ASN B 259 4.06 6.27 -17.56
C ASN B 259 3.97 5.54 -18.88
N ALA B 260 4.70 4.43 -18.96
CA ALA B 260 4.77 3.63 -20.17
C ALA B 260 4.14 2.25 -19.99
N GLU B 261 3.37 1.83 -20.99
CA GLU B 261 2.87 0.47 -21.05
C GLU B 261 3.36 -0.19 -22.33
N LEU B 262 3.50 -1.52 -22.29
CA LEU B 262 4.07 -2.25 -23.42
C LEU B 262 3.08 -3.24 -24.03
N VAL B 263 2.98 -3.22 -25.34
CA VAL B 263 2.16 -4.19 -26.08
C VAL B 263 3.01 -4.89 -27.12
N SER B 264 2.92 -6.22 -27.16
CA SER B 264 3.72 -7.02 -28.07
C SER B 264 2.88 -7.59 -29.22
N ILE B 265 3.42 -7.55 -30.43
CA ILE B 265 2.72 -8.05 -31.61
C ILE B 265 3.43 -9.28 -32.17
N PRO B 266 2.88 -10.48 -31.91
CA PRO B 266 3.44 -11.74 -32.39
C PRO B 266 3.42 -11.84 -33.92
N ASN B 267 4.42 -12.53 -34.48
CA ASN B 267 4.51 -12.74 -35.93
C ASN B 267 4.40 -11.45 -36.73
N CYS B 268 5.20 -10.45 -36.36
CA CYS B 268 5.12 -9.14 -37.00
C CYS B 268 6.48 -8.47 -37.05
N GLY B 269 6.77 -7.79 -38.17
CA GLY B 269 8.05 -7.17 -38.37
C GLY B 269 8.12 -5.70 -37.97
N HIS B 270 9.19 -5.04 -38.42
CA HIS B 270 9.45 -3.64 -38.09
C HIS B 270 8.36 -2.70 -38.61
N ALA B 271 7.76 -3.07 -39.73
CA ALA B 271 6.65 -2.31 -40.29
C ALA B 271 5.33 -2.80 -39.72
N SER B 272 5.16 -2.62 -38.41
CA SER B 272 3.98 -3.10 -37.70
C SER B 272 2.70 -2.56 -38.32
N MET B 273 2.72 -1.28 -38.67
CA MET B 273 1.59 -0.61 -39.29
C MET B 273 1.12 -1.29 -40.57
N TYR B 274 2.08 -1.85 -41.31
CA TYR B 274 1.78 -2.47 -42.61
C TYR B 274 1.29 -3.90 -42.47
N GLU B 275 1.79 -4.62 -41.46
CA GLU B 275 1.43 -6.02 -41.28
C GLU B 275 0.16 -6.19 -40.45
N VAL B 276 0.00 -5.36 -39.42
CA VAL B 276 -1.20 -5.41 -38.59
C VAL B 276 -1.87 -4.04 -38.47
N PRO B 277 -2.50 -3.58 -39.57
CA PRO B 277 -3.09 -2.24 -39.60
C PRO B 277 -4.26 -2.07 -38.62
N LYS B 278 -5.05 -3.11 -38.42
CA LYS B 278 -6.12 -3.05 -37.45
C LYS B 278 -5.64 -2.92 -36.06
N THR B 279 -4.66 -3.73 -35.70
CA THR B 279 -4.08 -3.70 -34.37
C THR B 279 -3.42 -2.36 -34.07
N PHE B 280 -2.64 -1.87 -35.02
CA PHE B 280 -1.95 -0.59 -34.86
C PHE B 280 -2.93 0.54 -34.58
N THR B 281 -4.01 0.58 -35.35
CA THR B 281 -5.03 1.61 -35.21
C THR B 281 -5.76 1.50 -33.88
N ALA B 282 -6.07 0.28 -33.48
CA ALA B 282 -6.79 0.04 -32.23
C ALA B 282 -5.98 0.55 -31.02
N LEU B 283 -4.68 0.30 -31.03
CA LEU B 283 -3.81 0.76 -29.96
C LEU B 283 -3.72 2.28 -29.92
N VAL B 284 -3.62 2.89 -31.10
CA VAL B 284 -3.47 4.34 -31.20
C VAL B 284 -4.77 5.06 -30.81
N LEU B 285 -5.87 4.67 -31.45
CA LEU B 285 -7.16 5.28 -31.18
C LEU B 285 -7.64 4.97 -29.76
N GLY B 286 -7.30 3.78 -29.28
CA GLY B 286 -7.70 3.37 -27.95
C GLY B 286 -6.95 4.09 -26.85
N PHE B 287 -5.65 4.29 -27.04
CA PHE B 287 -4.82 4.95 -26.04
C PHE B 287 -5.07 6.45 -26.02
N PHE B 288 -5.40 7.01 -27.17
CA PHE B 288 -5.68 8.45 -27.28
C PHE B 288 -7.12 8.77 -26.89
N GLY B 289 -8.06 7.94 -27.37
CA GLY B 289 -9.48 8.19 -27.18
C GLY B 289 -9.95 7.97 -25.75
N GLN B 290 -9.10 7.37 -24.94
CA GLN B 290 -9.35 7.22 -23.51
C GLN B 290 -9.42 8.58 -22.85
N THR B 291 -10.40 8.74 -21.97
CA THR B 291 -10.77 10.01 -21.39
C THR B 291 -9.96 10.25 -20.13
N LYS B 292 -9.85 9.22 -19.32
CA LYS B 292 -9.14 9.29 -18.07
C LYS B 292 -8.34 8.00 -17.92
N LEU B 293 -7.05 8.17 -17.68
CA LEU B 293 -6.11 7.07 -17.65
C LEU B 293 -6.00 6.46 -16.26
N ASP B 294 -6.57 7.15 -15.27
CA ASP B 294 -6.46 6.69 -13.90
C ASP B 294 -7.55 5.69 -13.55
N TYR B 295 -7.13 4.53 -13.07
CA TYR B 295 -8.08 3.48 -12.70
C TYR B 295 -8.05 3.21 -11.20
N GLN B 296 -9.23 3.20 -10.60
CA GLN B 296 -9.37 2.85 -9.19
C GLN B 296 -9.59 1.35 -9.06
N ILE B 297 -8.53 0.59 -9.26
CA ILE B 297 -8.63 -0.88 -9.16
C ILE B 297 -8.08 -1.39 -7.83
N GLN C 20 22.76 -49.95 11.40
CA GLN C 20 21.88 -49.38 10.38
C GLN C 20 22.65 -49.08 9.11
N GLY C 21 23.97 -48.98 9.23
CA GLY C 21 24.76 -48.21 8.29
C GLY C 21 25.73 -48.82 7.29
N VAL C 22 25.21 -49.10 6.10
CA VAL C 22 26.00 -48.95 4.87
C VAL C 22 24.99 -48.30 3.92
N SER C 23 25.47 -47.37 3.10
CA SER C 23 24.60 -46.47 2.35
C SER C 23 23.79 -45.59 3.33
N ILE C 24 24.29 -45.46 4.56
CA ILE C 24 23.66 -44.63 5.59
C ILE C 24 24.71 -43.77 6.30
N PHE C 25 24.52 -42.46 6.26
CA PHE C 25 25.44 -41.52 6.90
C PHE C 25 24.82 -40.93 8.17
N THR C 26 25.26 -41.44 9.32
CA THR C 26 24.78 -40.94 10.60
C THR C 26 25.32 -39.55 10.85
N TYR C 27 24.41 -38.60 11.06
CA TYR C 27 24.76 -37.19 11.14
C TYR C 27 23.81 -36.45 12.07
N GLN C 28 24.35 -35.92 13.17
CA GLN C 28 23.57 -35.27 14.23
C GLN C 28 22.52 -36.25 14.79
N GLU C 29 22.99 -37.43 15.16
CA GLU C 29 22.17 -38.53 15.69
C GLU C 29 20.95 -38.81 14.78
N LYS C 30 21.14 -38.63 13.49
CA LYS C 30 20.08 -38.92 12.53
C LYS C 30 20.64 -39.57 11.28
N ASP C 31 19.81 -40.34 10.60
CA ASP C 31 20.26 -41.16 9.48
C ASP C 31 20.07 -40.45 8.15
N ILE C 32 21.10 -40.47 7.31
CA ILE C 32 21.03 -39.89 5.99
C ILE C 32 21.28 -40.96 4.93
N TYR C 33 20.23 -41.27 4.16
CA TYR C 33 20.33 -42.29 3.11
C TYR C 33 21.01 -41.73 1.87
N TYR C 34 21.91 -42.51 1.29
CA TYR C 34 22.62 -42.09 0.08
C TYR C 34 23.07 -43.28 -0.75
N GLU C 35 23.22 -43.07 -2.05
CA GLU C 35 23.69 -44.11 -2.96
C GLU C 35 24.87 -43.64 -3.80
N ILE C 36 25.86 -44.51 -3.97
CA ILE C 36 27.02 -44.17 -4.81
C ILE C 36 27.19 -45.19 -5.93
N ASP C 37 27.15 -44.70 -7.17
CA ASP C 37 27.33 -45.56 -8.34
C ASP C 37 28.71 -45.36 -8.95
N GLY C 38 29.45 -46.45 -9.07
CA GLY C 38 30.84 -46.41 -9.43
C GLY C 38 31.68 -46.57 -8.19
N THR C 39 33.00 -46.60 -8.34
CA THR C 39 33.88 -46.73 -7.19
C THR C 39 34.48 -45.38 -6.83
N LEU C 40 34.42 -45.04 -5.54
CA LEU C 40 34.88 -43.74 -5.07
C LEU C 40 36.29 -43.78 -4.49
N ASP C 41 37.20 -43.02 -5.10
CA ASP C 41 38.53 -42.83 -4.54
C ASP C 41 38.97 -41.38 -4.75
N ILE C 42 40.22 -41.08 -4.44
CA ILE C 42 40.70 -39.69 -4.47
C ILE C 42 40.79 -39.13 -5.89
N ASN C 43 40.83 -40.03 -6.87
CA ASN C 43 40.93 -39.66 -8.29
C ASN C 43 39.56 -39.25 -8.82
N SER C 44 38.52 -39.87 -8.27
CA SER C 44 37.13 -39.69 -8.73
C SER C 44 36.70 -38.25 -9.01
N ASP C 45 36.01 -38.08 -10.13
CA ASP C 45 35.33 -36.82 -10.44
C ASP C 45 33.84 -36.99 -10.17
N VAL C 46 33.36 -36.40 -9.08
CA VAL C 46 32.03 -36.69 -8.57
C VAL C 46 30.93 -35.78 -9.12
N ILE C 47 29.79 -36.38 -9.45
CA ILE C 47 28.58 -35.63 -9.73
C ILE C 47 27.58 -35.84 -8.60
N VAL C 48 27.29 -34.78 -7.86
CA VAL C 48 26.34 -34.85 -6.76
C VAL C 48 24.99 -34.32 -7.19
N ILE C 49 23.92 -35.07 -6.90
CA ILE C 49 22.58 -34.66 -7.26
C ILE C 49 21.80 -34.16 -6.06
N LEU C 50 21.34 -32.90 -6.14
CA LEU C 50 20.52 -32.32 -5.09
C LEU C 50 19.05 -32.43 -5.48
N ASN C 51 18.29 -33.17 -4.67
CA ASN C 51 16.91 -33.54 -4.99
C ASN C 51 15.91 -32.40 -4.92
N GLY C 52 14.84 -32.53 -5.70
CA GLY C 52 13.72 -31.60 -5.63
C GLY C 52 12.92 -31.84 -4.35
N ILE C 53 11.88 -31.03 -4.15
CA ILE C 53 11.15 -31.08 -2.89
C ILE C 53 10.27 -32.32 -2.76
N MET C 54 9.93 -32.94 -3.90
CA MET C 54 9.11 -34.15 -3.90
C MET C 54 9.88 -35.38 -4.36
N MET C 55 11.21 -35.26 -4.40
CA MET C 55 12.04 -36.31 -4.99
C MET C 55 12.87 -37.08 -3.97
N SER C 56 13.24 -38.30 -4.34
CA SER C 56 14.20 -39.09 -3.58
C SER C 56 15.29 -39.57 -4.52
N THR C 57 16.18 -40.44 -4.02
CA THR C 57 17.26 -40.96 -4.85
C THR C 57 16.72 -41.81 -5.98
N LYS C 58 15.60 -42.49 -5.73
CA LYS C 58 15.01 -43.40 -6.71
C LYS C 58 14.41 -42.65 -7.89
N SER C 59 14.26 -41.34 -7.75
CA SER C 59 13.68 -40.52 -8.80
C SER C 59 14.72 -40.20 -9.87
N TRP C 60 15.97 -40.56 -9.61
CA TRP C 60 17.05 -40.31 -10.56
C TRP C 60 17.58 -41.61 -11.16
N ASP C 61 16.84 -42.70 -10.99
CA ASP C 61 17.25 -44.01 -11.47
C ASP C 61 17.50 -44.02 -12.97
N ALA C 62 16.70 -43.26 -13.71
CA ALA C 62 16.79 -43.25 -15.16
C ALA C 62 18.04 -42.53 -15.66
N PHE C 63 18.70 -41.80 -14.77
CA PHE C 63 19.88 -41.03 -15.13
C PHE C 63 21.17 -41.66 -14.63
N VAL C 64 21.04 -42.74 -13.86
CA VAL C 64 22.19 -43.39 -13.23
C VAL C 64 23.21 -43.90 -14.23
N GLU C 65 22.75 -44.63 -15.25
CA GLU C 65 23.65 -45.22 -16.23
C GLU C 65 24.45 -44.16 -16.99
N ASN C 66 23.78 -43.09 -17.42
CA ASN C 66 24.44 -42.04 -18.17
C ASN C 66 25.35 -41.17 -17.30
N PHE C 67 24.83 -40.72 -16.16
CA PHE C 67 25.58 -39.81 -15.29
C PHE C 67 26.82 -40.46 -14.69
N SER C 68 26.78 -41.78 -14.49
CA SER C 68 27.85 -42.47 -13.79
C SER C 68 28.77 -43.26 -14.73
N LYS C 69 28.73 -42.93 -16.02
CA LYS C 69 29.56 -43.63 -16.98
C LYS C 69 31.02 -43.18 -16.85
N ASN C 70 31.23 -41.88 -16.82
CA ASN C 70 32.56 -41.32 -16.62
C ASN C 70 32.67 -40.53 -15.33
N HIS C 71 31.68 -40.66 -14.47
CA HIS C 71 31.66 -39.97 -13.19
C HIS C 71 31.26 -40.89 -12.05
N VAL C 72 31.50 -40.45 -10.82
CA VAL C 72 31.02 -41.15 -9.65
C VAL C 72 29.75 -40.47 -9.15
N LEU C 73 28.61 -41.09 -9.40
CA LEU C 73 27.32 -40.49 -9.08
C LEU C 73 26.98 -40.62 -7.60
N LEU C 74 26.84 -39.48 -6.94
CA LEU C 74 26.45 -39.44 -5.53
C LEU C 74 25.03 -38.93 -5.37
N ARG C 75 24.11 -39.83 -5.04
CA ARG C 75 22.72 -39.47 -4.78
C ARG C 75 22.43 -39.61 -3.29
N TYR C 76 21.68 -38.66 -2.74
CA TYR C 76 21.29 -38.75 -1.34
C TYR C 76 19.93 -38.11 -1.11
N ASP C 77 19.31 -38.43 0.01
CA ASP C 77 18.05 -37.83 0.40
C ASP C 77 18.28 -36.81 1.50
N MET C 78 17.77 -35.60 1.31
CA MET C 78 17.91 -34.55 2.31
C MET C 78 17.02 -34.84 3.51
N PHE C 79 17.02 -33.95 4.49
CA PHE C 79 16.15 -34.10 5.65
C PHE C 79 14.70 -34.04 5.22
N ASP C 80 13.84 -34.82 5.89
CA ASP C 80 12.42 -34.96 5.54
C ASP C 80 12.23 -35.46 4.11
N GLN C 81 13.24 -36.12 3.56
CA GLN C 81 13.18 -36.63 2.19
C GLN C 81 13.55 -38.10 2.10
N GLY C 82 12.83 -38.82 1.24
CA GLY C 82 13.12 -40.21 0.96
C GLY C 82 13.20 -41.11 2.17
N GLN C 83 14.36 -41.74 2.35
CA GLN C 83 14.56 -42.68 3.43
C GLN C 83 15.54 -42.15 4.48
N SER C 84 15.74 -40.84 4.46
CA SER C 84 16.51 -40.18 5.51
C SER C 84 15.57 -39.83 6.66
N SER C 85 16.14 -39.52 7.81
CA SER C 85 15.35 -39.22 9.01
C SER C 85 14.52 -37.95 8.85
N LYS C 86 13.54 -37.79 9.73
CA LYS C 86 12.67 -36.61 9.71
C LYS C 86 13.20 -35.52 10.64
N ILE C 87 12.76 -34.30 10.41
CA ILE C 87 13.10 -33.18 11.28
C ILE C 87 11.83 -32.45 11.69
N GLU C 88 11.32 -32.75 12.89
CA GLU C 88 10.04 -32.20 13.32
C GLU C 88 10.15 -30.75 13.81
N GLU C 89 11.34 -30.35 14.22
CA GLU C 89 11.57 -28.95 14.60
C GLU C 89 11.60 -28.08 13.36
N SER C 90 11.22 -26.82 13.50
CA SER C 90 11.23 -25.90 12.37
C SER C 90 12.66 -25.68 11.88
N TYR C 91 12.82 -25.61 10.55
CA TYR C 91 14.14 -25.45 9.97
C TYR C 91 14.09 -24.73 8.62
N THR C 92 15.11 -23.93 8.36
CA THR C 92 15.27 -23.33 7.04
C THR C 92 16.11 -24.27 6.19
N GLN C 93 16.58 -23.79 5.05
CA GLN C 93 17.37 -24.62 4.14
C GLN C 93 18.84 -24.69 4.56
N THR C 94 19.17 -24.01 5.66
CA THR C 94 20.56 -23.95 6.10
C THR C 94 21.05 -25.31 6.61
N ILE C 95 20.13 -26.14 7.10
CA ILE C 95 20.52 -27.44 7.63
C ILE C 95 20.71 -28.43 6.49
N GLN C 96 20.17 -28.09 5.32
CA GLN C 96 20.35 -28.92 4.13
C GLN C 96 21.68 -28.58 3.47
N VAL C 97 22.13 -27.34 3.67
CA VAL C 97 23.41 -26.89 3.15
C VAL C 97 24.55 -27.50 3.95
N GLU C 98 24.42 -27.50 5.28
CA GLU C 98 25.43 -28.09 6.14
C GLU C 98 25.46 -29.60 5.97
N LEU C 99 24.30 -30.18 5.68
CA LEU C 99 24.19 -31.61 5.41
C LEU C 99 25.07 -32.01 4.23
N LEU C 100 24.99 -31.22 3.17
CA LEU C 100 25.75 -31.50 1.94
C LEU C 100 27.25 -31.44 2.20
N LYS C 101 27.68 -30.45 2.99
CA LYS C 101 29.11 -30.32 3.29
C LYS C 101 29.61 -31.52 4.07
N ASN C 102 28.91 -31.85 5.16
CA ASN C 102 29.31 -32.93 6.04
C ASN C 102 29.19 -34.30 5.38
N LEU C 103 28.30 -34.43 4.41
CA LEU C 103 28.18 -35.67 3.66
C LEU C 103 29.38 -35.84 2.73
N LEU C 104 29.76 -34.76 2.06
CA LEU C 104 30.93 -34.77 1.17
C LEU C 104 32.20 -35.06 1.95
N GLU C 105 32.31 -34.47 3.15
CA GLU C 105 33.46 -34.70 4.01
C GLU C 105 33.51 -36.15 4.47
N HIS C 106 32.34 -36.70 4.79
CA HIS C 106 32.22 -38.07 5.27
C HIS C 106 32.73 -39.08 4.24
N LEU C 107 32.52 -38.75 2.97
CA LEU C 107 32.89 -39.66 1.89
C LEU C 107 34.26 -39.30 1.30
N GLY C 108 34.95 -38.37 1.95
CA GLY C 108 36.28 -37.97 1.53
C GLY C 108 36.29 -37.27 0.18
N ILE C 109 35.22 -36.53 -0.10
CA ILE C 109 35.10 -35.83 -1.37
C ILE C 109 35.38 -34.33 -1.20
N ALA C 110 36.53 -33.89 -1.73
CA ALA C 110 36.95 -32.50 -1.61
C ALA C 110 36.13 -31.59 -2.52
N GLN C 111 36.19 -31.86 -3.82
CA GLN C 111 35.43 -31.08 -4.80
C GLN C 111 34.41 -31.97 -5.51
N ALA C 112 33.39 -31.34 -6.07
CA ALA C 112 32.35 -32.09 -6.78
C ALA C 112 31.57 -31.21 -7.75
N ASN C 113 31.04 -31.83 -8.81
CA ASN C 113 30.13 -31.16 -9.72
C ASN C 113 28.71 -31.28 -9.20
N ILE C 114 28.08 -30.14 -8.92
CA ILE C 114 26.74 -30.14 -8.33
C ILE C 114 25.65 -29.81 -9.34
N VAL C 115 24.67 -30.71 -9.46
CA VAL C 115 23.50 -30.45 -10.27
C VAL C 115 22.23 -30.56 -9.42
N GLY C 116 21.52 -29.45 -9.30
CA GLY C 116 20.30 -29.41 -8.51
C GLY C 116 19.12 -28.89 -9.31
N ILE C 117 17.92 -29.20 -8.85
CA ILE C 117 16.70 -28.76 -9.51
C ILE C 117 15.66 -28.36 -8.48
N SER C 118 14.93 -27.27 -8.76
CA SER C 118 13.91 -26.76 -7.87
C SER C 118 14.45 -26.48 -6.47
N TYR C 119 13.97 -27.25 -5.49
CA TYR C 119 14.43 -27.15 -4.12
C TYR C 119 15.92 -27.44 -4.02
N GLY C 120 16.38 -28.44 -4.78
CA GLY C 120 17.78 -28.81 -4.80
C GLY C 120 18.66 -27.75 -5.42
N ALA C 121 18.10 -27.00 -6.35
CA ALA C 121 18.83 -25.92 -7.00
C ALA C 121 19.02 -24.75 -6.05
N SER C 122 18.09 -24.60 -5.12
CA SER C 122 18.18 -23.54 -4.11
C SER C 122 19.25 -23.89 -3.07
N ILE C 123 19.41 -25.19 -2.81
CA ILE C 123 20.43 -25.66 -1.89
C ILE C 123 21.81 -25.51 -2.52
N ALA C 124 21.87 -25.71 -3.83
CA ALA C 124 23.13 -25.58 -4.58
C ALA C 124 23.66 -24.15 -4.52
N LEU C 125 22.76 -23.17 -4.67
CA LEU C 125 23.15 -21.77 -4.64
C LEU C 125 23.62 -21.34 -3.25
N GLN C 126 22.91 -21.77 -2.22
CA GLN C 126 23.28 -21.44 -0.85
C GLN C 126 24.59 -22.13 -0.46
N PHE C 127 24.83 -23.29 -1.06
CA PHE C 127 26.06 -24.04 -0.82
C PHE C 127 27.24 -23.38 -1.53
N ALA C 128 27.01 -22.92 -2.76
CA ALA C 128 28.05 -22.27 -3.53
C ALA C 128 28.43 -20.92 -2.94
N ALA C 129 27.53 -20.37 -2.14
CA ALA C 129 27.77 -19.09 -1.46
C ALA C 129 28.56 -19.29 -0.18
N LYS C 130 28.44 -20.48 0.41
CA LYS C 130 29.08 -20.76 1.68
C LYS C 130 30.35 -21.60 1.51
N TYR C 131 30.29 -22.60 0.63
CA TYR C 131 31.43 -23.47 0.40
C TYR C 131 31.76 -23.59 -1.09
N PRO C 132 32.29 -22.51 -1.69
CA PRO C 132 32.57 -22.49 -3.13
C PRO C 132 33.78 -23.35 -3.50
N THR C 133 34.61 -23.67 -2.52
CA THR C 133 35.81 -24.46 -2.76
C THR C 133 35.50 -25.94 -2.95
N MET C 134 34.31 -26.35 -2.53
CA MET C 134 33.90 -27.74 -2.63
C MET C 134 33.21 -28.04 -3.96
N ILE C 135 33.13 -27.03 -4.83
CA ILE C 135 32.47 -27.17 -6.11
C ILE C 135 33.43 -26.91 -7.27
N LYS C 136 33.39 -27.78 -8.28
CA LYS C 136 34.13 -27.52 -9.51
C LYS C 136 33.24 -26.75 -10.48
N ARG C 137 32.15 -27.38 -10.90
CA ARG C 137 31.16 -26.76 -11.77
C ARG C 137 29.76 -27.03 -11.24
N MET C 138 28.77 -26.27 -11.72
CA MET C 138 27.41 -26.39 -11.22
C MET C 138 26.37 -26.21 -12.32
N VAL C 139 25.30 -27.00 -12.24
CA VAL C 139 24.15 -26.84 -13.14
C VAL C 139 22.87 -26.69 -12.33
N VAL C 140 22.17 -25.58 -12.51
CA VAL C 140 20.91 -25.35 -11.81
C VAL C 140 19.74 -25.34 -12.78
N ALA C 141 18.70 -26.10 -12.45
CA ALA C 141 17.54 -26.24 -13.32
C ALA C 141 16.26 -25.81 -12.61
N ASN C 142 15.49 -24.95 -13.26
CA ASN C 142 14.23 -24.44 -12.71
C ASN C 142 14.48 -23.83 -11.33
N VAL C 143 15.24 -22.75 -11.29
CA VAL C 143 15.78 -22.23 -10.04
C VAL C 143 15.45 -20.75 -9.83
N VAL C 144 15.19 -20.37 -8.58
CA VAL C 144 14.99 -18.97 -8.23
C VAL C 144 16.10 -18.51 -7.30
N ALA C 145 16.38 -17.21 -7.32
CA ALA C 145 17.40 -16.64 -6.44
C ALA C 145 16.78 -16.31 -5.08
N LYS C 146 15.48 -16.05 -5.09
CA LYS C 146 14.75 -15.71 -3.87
C LYS C 146 13.29 -16.10 -4.00
N THR C 147 12.74 -16.69 -2.95
CA THR C 147 11.33 -17.07 -2.93
C THR C 147 10.45 -15.83 -2.89
N SER C 148 9.84 -15.51 -4.02
CA SER C 148 8.94 -14.37 -4.14
C SER C 148 7.70 -14.56 -3.27
N PRO C 149 7.02 -13.46 -2.91
CA PRO C 149 5.75 -13.55 -2.18
C PRO C 149 4.73 -14.38 -2.95
N TRP C 150 4.85 -14.38 -4.27
CA TRP C 150 4.00 -15.16 -5.14
C TRP C 150 4.21 -16.65 -4.91
N LEU C 151 5.47 -17.09 -4.94
CA LEU C 151 5.80 -18.49 -4.75
C LEU C 151 5.55 -18.92 -3.31
N LYS C 152 5.76 -18.00 -2.38
CA LYS C 152 5.56 -18.27 -0.96
C LYS C 152 4.09 -18.60 -0.66
N ASP C 153 3.18 -17.82 -1.24
CA ASP C 153 1.76 -18.03 -1.02
C ASP C 153 1.27 -19.31 -1.70
N ILE C 154 1.89 -19.65 -2.83
CA ILE C 154 1.60 -20.92 -3.49
C ILE C 154 1.96 -22.08 -2.56
N GLY C 155 3.08 -21.93 -1.87
CA GLY C 155 3.48 -22.92 -0.88
C GLY C 155 2.55 -22.98 0.31
N ASP C 156 2.00 -21.84 0.71
CA ASP C 156 1.06 -21.78 1.81
C ASP C 156 -0.22 -22.53 1.45
N GLY C 157 -0.57 -22.52 0.17
CA GLY C 157 -1.73 -23.24 -0.31
C GLY C 157 -1.50 -24.73 -0.35
N TRP C 158 -0.29 -25.12 -0.79
CA TRP C 158 0.11 -26.52 -0.77
C TRP C 158 0.04 -27.06 0.65
N ASN C 159 0.59 -26.30 1.59
CA ASN C 159 0.62 -26.70 2.98
C ASN C 159 -0.77 -26.77 3.58
N GLU C 160 -1.60 -25.78 3.25
CA GLU C 160 -2.96 -25.70 3.80
C GLU C 160 -3.79 -26.92 3.42
N VAL C 161 -3.66 -27.35 2.17
CA VAL C 161 -4.37 -28.53 1.70
C VAL C 161 -3.74 -29.79 2.30
N ALA C 162 -2.41 -29.77 2.43
CA ALA C 162 -1.68 -30.85 3.07
C ALA C 162 -2.09 -30.99 4.53
N LYS C 163 -2.48 -29.87 5.15
CA LYS C 163 -2.90 -29.86 6.54
C LYS C 163 -4.27 -30.52 6.74
N THR C 164 -4.98 -30.75 5.64
CA THR C 164 -6.29 -31.39 5.71
C THR C 164 -6.19 -32.90 5.50
N GLY C 165 -5.07 -33.33 4.91
CA GLY C 165 -4.85 -34.75 4.66
C GLY C 165 -5.47 -35.23 3.37
N ASN C 166 -6.13 -34.32 2.65
CA ASN C 166 -6.78 -34.67 1.39
C ASN C 166 -5.76 -34.90 0.28
N GLY C 167 -5.48 -36.18 0.00
CA GLY C 167 -4.52 -36.54 -1.02
C GLY C 167 -4.97 -36.21 -2.42
N LEU C 168 -6.26 -36.37 -2.69
CA LEU C 168 -6.82 -36.07 -4.00
C LEU C 168 -6.73 -34.58 -4.31
N ALA C 169 -7.06 -33.75 -3.32
CA ALA C 169 -6.97 -32.31 -3.48
C ALA C 169 -5.52 -31.86 -3.63
N TYR C 170 -4.63 -32.47 -2.85
CA TYR C 170 -3.22 -32.11 -2.88
C TYR C 170 -2.61 -32.40 -4.25
N TYR C 171 -3.00 -33.52 -4.84
CA TYR C 171 -2.54 -33.87 -6.18
C TYR C 171 -2.95 -32.83 -7.20
N HIS C 172 -4.25 -32.55 -7.25
CA HIS C 172 -4.84 -31.65 -8.24
C HIS C 172 -4.29 -30.23 -8.20
N ILE C 173 -3.75 -29.81 -7.06
CA ILE C 173 -3.29 -28.44 -6.91
C ILE C 173 -1.78 -28.30 -7.03
N THR C 174 -1.09 -29.42 -7.26
CA THR C 174 0.37 -29.40 -7.35
C THR C 174 0.86 -29.90 -8.71
N ILE C 175 0.43 -31.09 -9.08
CA ILE C 175 0.97 -31.79 -10.24
C ILE C 175 0.72 -31.11 -11.60
N PRO C 176 -0.47 -30.54 -11.83
CA PRO C 176 -0.59 -29.88 -13.13
C PRO C 176 0.24 -28.59 -13.26
N TYR C 177 1.03 -28.28 -12.23
CA TYR C 177 1.94 -27.15 -12.29
C TYR C 177 3.39 -27.63 -12.35
N ILE C 178 3.57 -28.90 -11.99
CA ILE C 178 4.87 -29.56 -12.11
C ILE C 178 5.20 -29.78 -13.59
N TYR C 179 4.17 -30.07 -14.38
CA TYR C 179 4.33 -30.35 -15.80
C TYR C 179 3.73 -29.24 -16.66
N SER C 180 4.17 -29.19 -17.91
CA SER C 180 3.62 -28.23 -18.87
C SER C 180 2.26 -28.74 -19.37
N PRO C 181 1.35 -27.81 -19.70
CA PRO C 181 0.03 -28.17 -20.21
C PRO C 181 0.08 -29.12 -21.40
N GLN C 182 1.02 -28.90 -22.32
CA GLN C 182 1.15 -29.75 -23.50
C GLN C 182 1.54 -31.18 -23.12
N PHE C 183 2.59 -31.30 -22.30
CA PHE C 183 3.06 -32.60 -21.85
C PHE C 183 2.01 -33.31 -21.01
N TYR C 184 1.31 -32.54 -20.18
CA TYR C 184 0.24 -33.08 -19.33
C TYR C 184 -0.87 -33.65 -20.20
N THR C 185 -1.18 -32.95 -21.29
CA THR C 185 -2.24 -33.37 -22.20
C THR C 185 -1.79 -34.51 -23.09
N LEU C 186 -0.63 -34.35 -23.71
CA LEU C 186 -0.09 -35.34 -24.64
C LEU C 186 0.11 -36.71 -23.99
N HIS C 187 0.63 -36.70 -22.76
CA HIS C 187 0.88 -37.94 -22.03
C HIS C 187 -0.06 -38.05 -20.84
N ASN C 188 -1.35 -37.83 -21.07
CA ASN C 188 -2.33 -37.76 -19.99
C ASN C 188 -2.53 -39.09 -19.28
N ASP C 189 -2.44 -40.19 -20.02
CA ASP C 189 -2.63 -41.50 -19.41
C ASP C 189 -1.39 -41.93 -18.64
N TRP C 190 -0.25 -41.34 -18.98
CA TRP C 190 0.95 -41.49 -18.17
C TRP C 190 0.76 -40.73 -16.86
N MET C 191 -0.12 -39.74 -16.88
CA MET C 191 -0.43 -38.95 -15.70
C MET C 191 -1.48 -39.62 -14.82
N GLU C 192 -2.36 -40.43 -15.44
CA GLU C 192 -3.48 -41.02 -14.72
C GLU C 192 -3.12 -42.32 -14.00
N LYS C 193 -2.34 -43.16 -14.66
CA LYS C 193 -1.85 -44.39 -14.02
C LYS C 193 -0.85 -44.03 -12.94
N ARG C 194 -0.19 -42.89 -13.12
CA ARG C 194 0.74 -42.38 -12.12
C ARG C 194 0.01 -41.55 -11.08
N LYS C 195 -1.31 -41.41 -11.26
CA LYS C 195 -2.13 -40.64 -10.32
C LYS C 195 -2.76 -41.55 -9.27
N GLU C 196 -3.24 -42.71 -9.70
CA GLU C 196 -3.94 -43.64 -8.82
C GLU C 196 -3.03 -44.19 -7.72
N LEU C 197 -1.74 -43.91 -7.82
CA LEU C 197 -0.79 -44.27 -6.77
C LEU C 197 -0.20 -43.04 -6.10
N LEU C 198 -0.29 -41.89 -6.78
CA LEU C 198 0.17 -40.63 -6.20
C LEU C 198 -0.81 -40.11 -5.15
N VAL C 199 -2.09 -40.27 -5.42
CA VAL C 199 -3.13 -39.84 -4.48
C VAL C 199 -3.02 -40.58 -3.14
N PRO C 200 -2.81 -41.91 -3.15
CA PRO C 200 -2.54 -42.56 -1.86
C PRO C 200 -1.29 -42.02 -1.16
N LEU C 201 -0.22 -41.77 -1.93
CA LEU C 201 1.00 -41.21 -1.38
C LEU C 201 0.74 -39.83 -0.79
N PHE C 202 -0.03 -39.02 -1.52
CA PHE C 202 -0.37 -37.67 -1.07
C PHE C 202 -1.40 -37.70 0.05
N SER C 203 -1.88 -38.89 0.40
CA SER C 203 -2.90 -39.03 1.43
C SER C 203 -2.33 -39.45 2.78
N THR C 204 -1.08 -39.92 2.78
CA THR C 204 -0.42 -40.29 4.03
C THR C 204 0.11 -39.05 4.74
N ARG C 205 -0.05 -39.02 6.06
CA ARG C 205 0.29 -37.83 6.85
C ARG C 205 1.78 -37.54 6.89
N THR C 206 2.58 -38.58 7.13
CA THR C 206 4.02 -38.42 7.26
C THR C 206 4.64 -37.74 6.04
N PHE C 207 4.21 -38.18 4.85
CA PHE C 207 4.65 -37.56 3.61
C PHE C 207 4.21 -36.10 3.57
N LEU C 208 2.95 -35.87 3.93
CA LEU C 208 2.40 -34.52 3.95
C LEU C 208 3.10 -33.67 5.01
N ASP C 209 3.41 -34.27 6.16
CA ASP C 209 4.15 -33.57 7.21
C ASP C 209 5.54 -33.17 6.72
N ARG C 210 6.17 -34.06 5.97
CA ARG C 210 7.49 -33.79 5.39
C ARG C 210 7.39 -32.70 4.33
N MET C 211 6.29 -32.70 3.58
CA MET C 211 6.08 -31.71 2.54
C MET C 211 5.86 -30.32 3.11
N ILE C 212 5.16 -30.25 4.24
CA ILE C 212 4.88 -28.97 4.89
C ILE C 212 6.16 -28.32 5.41
N ARG C 213 7.01 -29.13 6.03
CA ARG C 213 8.23 -28.62 6.64
C ARG C 213 9.28 -28.27 5.58
N LEU C 214 9.31 -29.04 4.49
CA LEU C 214 10.21 -28.76 3.39
C LEU C 214 9.80 -27.49 2.65
N THR C 215 8.50 -27.34 2.43
CA THR C 215 7.97 -26.15 1.75
C THR C 215 8.21 -24.89 2.57
N LYS C 216 8.08 -25.02 3.89
CA LYS C 216 8.25 -23.88 4.79
C LYS C 216 9.72 -23.51 4.93
N SER C 217 10.60 -24.46 4.63
CA SER C 217 12.03 -24.21 4.68
C SER C 217 12.48 -23.37 3.50
N ALA C 218 11.67 -23.37 2.45
CA ALA C 218 12.00 -22.66 1.21
C ALA C 218 11.54 -21.21 1.24
N GLU C 219 10.79 -20.85 2.28
CA GLU C 219 10.31 -19.48 2.44
C GLU C 219 11.46 -18.51 2.61
N THR C 220 12.54 -19.00 3.22
CA THR C 220 13.69 -18.15 3.56
C THR C 220 14.80 -18.21 2.52
N HIS C 221 14.49 -18.75 1.34
CA HIS C 221 15.47 -18.82 0.27
C HIS C 221 15.81 -17.42 -0.24
N ASP C 222 17.07 -17.03 -0.05
CA ASP C 222 17.51 -15.69 -0.44
C ASP C 222 19.03 -15.63 -0.58
N VAL C 223 19.51 -15.61 -1.82
CA VAL C 223 20.94 -15.53 -2.10
C VAL C 223 21.26 -14.37 -3.05
N ILE C 224 20.37 -13.39 -3.10
CA ILE C 224 20.53 -12.25 -4.00
C ILE C 224 21.84 -11.50 -3.74
N LYS C 225 22.15 -11.26 -2.46
CA LYS C 225 23.39 -10.60 -2.10
C LYS C 225 24.61 -11.46 -2.42
N ASP C 226 24.40 -12.77 -2.50
CA ASP C 226 25.48 -13.72 -2.72
C ASP C 226 25.83 -13.87 -4.20
N LEU C 227 24.92 -13.46 -5.07
CA LEU C 227 25.08 -13.65 -6.52
C LEU C 227 26.34 -13.01 -7.12
N PRO C 228 26.66 -11.75 -6.76
CA PRO C 228 27.87 -11.19 -7.38
C PRO C 228 29.17 -11.81 -6.86
N ASN C 229 29.08 -12.67 -5.85
CA ASN C 229 30.26 -13.26 -5.25
C ASN C 229 30.51 -14.69 -5.70
N ILE C 230 29.46 -15.35 -6.20
CA ILE C 230 29.59 -16.73 -6.67
C ILE C 230 30.37 -16.79 -7.97
N LYS C 231 31.63 -17.20 -7.88
CA LYS C 231 32.49 -17.29 -9.05
C LYS C 231 32.37 -18.65 -9.72
N THR C 232 31.47 -19.48 -9.21
CA THR C 232 31.31 -20.84 -9.71
C THR C 232 30.76 -20.86 -11.13
N PRO C 233 31.45 -21.58 -12.03
CA PRO C 233 30.96 -21.79 -13.39
C PRO C 233 29.61 -22.50 -13.39
N THR C 234 28.58 -21.84 -13.90
CA THR C 234 27.22 -22.35 -13.76
C THR C 234 26.45 -22.36 -15.06
N LEU C 235 25.73 -23.45 -15.31
CA LEU C 235 24.79 -23.53 -16.43
C LEU C 235 23.37 -23.57 -15.91
N ILE C 236 22.59 -22.56 -16.27
CA ILE C 236 21.20 -22.46 -15.82
C ILE C 236 20.25 -23.09 -16.84
N ILE C 237 19.41 -24.00 -16.38
CA ILE C 237 18.38 -24.60 -17.23
C ILE C 237 17.03 -23.95 -16.98
N SER C 238 16.45 -23.39 -18.03
CA SER C 238 15.17 -22.71 -17.92
C SER C 238 14.09 -23.39 -18.76
N SER C 239 12.88 -23.47 -18.23
CA SER C 239 11.76 -24.04 -18.95
C SER C 239 10.72 -22.97 -19.24
N GLU C 240 10.33 -22.85 -20.51
CA GLU C 240 9.43 -21.78 -20.95
C GLU C 240 8.03 -21.91 -20.36
N GLU C 241 7.60 -23.15 -20.09
CA GLU C 241 6.27 -23.39 -19.54
C GLU C 241 6.35 -23.79 -18.06
N ASP C 242 7.33 -23.23 -17.37
CA ASP C 242 7.48 -23.44 -15.93
C ASP C 242 6.58 -22.46 -15.18
N TYR C 243 5.55 -22.99 -14.53
CA TYR C 243 4.58 -22.15 -13.83
C TYR C 243 4.84 -22.13 -12.33
N LEU C 244 6.03 -22.57 -11.92
CA LEU C 244 6.42 -22.55 -10.52
C LEU C 244 7.66 -21.70 -10.32
N THR C 245 8.67 -21.94 -11.15
CA THR C 245 9.87 -21.11 -11.17
C THR C 245 10.06 -20.53 -12.57
N PRO C 246 9.28 -19.49 -12.92
CA PRO C 246 9.20 -18.90 -14.26
C PRO C 246 10.55 -18.45 -14.82
N PRO C 247 10.68 -18.43 -16.15
CA PRO C 247 11.90 -18.06 -16.88
C PRO C 247 12.51 -16.72 -16.48
N PHE C 248 11.68 -15.76 -16.04
CA PHE C 248 12.19 -14.44 -15.68
C PHE C 248 13.04 -14.51 -14.42
N GLU C 249 12.86 -15.56 -13.63
CA GLU C 249 13.67 -15.77 -12.43
C GLU C 249 15.07 -16.23 -12.81
N GLN C 250 15.17 -17.14 -13.77
CA GLN C 250 16.46 -17.62 -14.24
C GLN C 250 17.22 -16.53 -14.99
N LYS C 251 16.48 -15.72 -15.73
CA LYS C 251 17.05 -14.58 -16.43
C LYS C 251 17.71 -13.61 -15.46
N TYR C 252 17.09 -13.43 -14.30
CA TYR C 252 17.63 -12.58 -13.25
C TYR C 252 18.90 -13.19 -12.67
N LEU C 253 18.88 -14.50 -12.48
CA LEU C 253 20.02 -15.21 -11.89
C LEU C 253 21.23 -15.17 -12.80
N GLN C 254 21.00 -15.34 -14.10
CA GLN C 254 22.09 -15.42 -15.07
C GLN C 254 22.76 -14.06 -15.28
N GLU C 255 22.07 -13.00 -14.89
CA GLU C 255 22.60 -11.65 -15.06
C GLU C 255 23.45 -11.20 -13.88
N HIS C 256 23.19 -11.76 -12.70
CA HIS C 256 23.90 -11.34 -11.50
C HIS C 256 25.00 -12.33 -11.10
N LEU C 257 24.95 -13.53 -11.65
CA LEU C 257 26.06 -14.47 -11.51
C LEU C 257 27.16 -14.09 -12.49
N GLN C 258 28.40 -14.16 -12.04
CA GLN C 258 29.52 -13.69 -12.85
C GLN C 258 29.86 -14.66 -13.98
N ASN C 259 29.73 -15.95 -13.71
CA ASN C 259 30.04 -16.98 -14.70
C ASN C 259 28.88 -17.94 -14.94
N ALA C 260 27.78 -17.41 -15.45
CA ALA C 260 26.59 -18.22 -15.68
C ALA C 260 26.16 -18.23 -17.14
N GLU C 261 25.70 -19.39 -17.61
CA GLU C 261 25.14 -19.51 -18.95
C GLU C 261 23.69 -19.98 -18.87
N LEU C 262 22.88 -19.51 -19.81
CA LEU C 262 21.44 -19.79 -19.77
C LEU C 262 20.96 -20.60 -20.97
N VAL C 263 20.09 -21.56 -20.71
CA VAL C 263 19.49 -22.38 -21.76
C VAL C 263 17.99 -22.53 -21.50
N SER C 264 17.19 -22.25 -22.53
CA SER C 264 15.74 -22.33 -22.41
C SER C 264 15.20 -23.57 -23.12
N ILE C 265 14.25 -24.26 -22.48
CA ILE C 265 13.64 -25.44 -23.06
C ILE C 265 12.19 -25.18 -23.45
N PRO C 266 11.94 -24.97 -24.75
CA PRO C 266 10.60 -24.68 -25.27
C PRO C 266 9.62 -25.82 -25.01
N ASN C 267 8.36 -25.50 -24.72
CA ASN C 267 7.33 -26.49 -24.43
C ASN C 267 7.76 -27.46 -23.33
N CYS C 268 8.11 -26.93 -22.16
CA CYS C 268 8.61 -27.75 -21.07
C CYS C 268 8.18 -27.18 -19.72
N GLY C 269 7.74 -28.07 -18.82
CA GLY C 269 7.27 -27.65 -17.52
C GLY C 269 8.36 -27.59 -16.47
N HIS C 270 7.96 -27.43 -15.21
CA HIS C 270 8.88 -27.34 -14.09
C HIS C 270 9.70 -28.61 -13.96
N ALA C 271 9.10 -29.75 -14.30
CA ALA C 271 9.79 -31.03 -14.25
C ALA C 271 10.55 -31.29 -15.54
N SER C 272 11.60 -30.50 -15.78
CA SER C 272 12.45 -30.68 -16.95
C SER C 272 13.14 -32.03 -16.91
N MET C 273 13.25 -32.57 -15.71
CA MET C 273 13.82 -33.89 -15.46
C MET C 273 13.12 -34.99 -16.26
N TYR C 274 11.81 -34.87 -16.40
CA TYR C 274 10.99 -35.96 -16.95
C TYR C 274 10.47 -35.66 -18.35
N GLU C 275 10.23 -34.40 -18.64
CA GLU C 275 9.71 -34.01 -19.94
C GLU C 275 10.78 -34.10 -21.02
N VAL C 276 11.97 -33.60 -20.71
CA VAL C 276 13.08 -33.66 -21.66
C VAL C 276 14.34 -34.29 -21.05
N PRO C 277 14.28 -35.61 -20.80
CA PRO C 277 15.41 -36.31 -20.15
C PRO C 277 16.67 -36.30 -20.99
N LYS C 278 16.54 -36.37 -22.31
CA LYS C 278 17.69 -36.35 -23.21
C LYS C 278 18.43 -35.02 -23.09
N THR C 279 17.68 -33.93 -23.14
CA THR C 279 18.25 -32.59 -23.03
C THR C 279 18.92 -32.35 -21.69
N PHE C 280 18.23 -32.73 -20.62
CA PHE C 280 18.74 -32.55 -19.27
C PHE C 280 20.07 -33.26 -19.09
N THR C 281 20.14 -34.50 -19.57
CA THR C 281 21.35 -35.30 -19.49
C THR C 281 22.48 -34.67 -20.29
N ALA C 282 22.16 -34.26 -21.52
CA ALA C 282 23.15 -33.68 -22.42
C ALA C 282 23.78 -32.41 -21.83
N LEU C 283 22.94 -31.57 -21.23
CA LEU C 283 23.41 -30.32 -20.64
C LEU C 283 24.28 -30.57 -19.41
N VAL C 284 23.86 -31.50 -18.56
CA VAL C 284 24.61 -31.81 -17.35
C VAL C 284 25.92 -32.51 -17.68
N LEU C 285 25.85 -33.54 -18.51
CA LEU C 285 27.06 -34.27 -18.90
C LEU C 285 27.98 -33.41 -19.75
N GLY C 286 27.40 -32.56 -20.58
CA GLY C 286 28.17 -31.70 -21.46
C GLY C 286 28.91 -30.61 -20.72
N PHE C 287 28.27 -30.03 -19.71
CA PHE C 287 28.86 -28.94 -18.96
C PHE C 287 29.95 -29.44 -18.01
N PHE C 288 29.76 -30.64 -17.46
CA PHE C 288 30.73 -31.24 -16.56
C PHE C 288 31.85 -31.94 -17.33
N GLY C 289 31.53 -32.40 -18.53
CA GLY C 289 32.45 -33.20 -19.33
C GLY C 289 33.44 -32.38 -20.14
N GLN C 290 33.21 -31.08 -20.24
CA GLN C 290 34.13 -30.20 -20.96
C GLN C 290 35.49 -30.16 -20.27
N THR C 291 36.55 -30.21 -21.07
CA THR C 291 37.90 -30.18 -20.53
C THR C 291 38.22 -28.80 -19.97
N LYS C 292 38.01 -27.77 -20.77
CA LYS C 292 38.24 -26.40 -20.33
C LYS C 292 37.15 -25.45 -20.82
N LEU C 293 36.58 -24.69 -19.91
CA LEU C 293 35.50 -23.76 -20.23
C LEU C 293 36.03 -22.47 -20.84
N ASP C 294 37.35 -22.31 -20.83
CA ASP C 294 37.97 -21.12 -21.41
C ASP C 294 38.10 -21.24 -22.92
N TYR C 295 37.24 -20.54 -23.64
CA TYR C 295 37.27 -20.55 -25.10
C TYR C 295 37.93 -19.28 -25.64
N GLN C 296 38.82 -19.46 -26.61
CA GLN C 296 39.65 -18.40 -27.13
C GLN C 296 39.09 -17.83 -28.42
N ILE C 297 37.97 -17.11 -28.32
CA ILE C 297 37.30 -16.58 -29.49
C ILE C 297 37.69 -15.12 -29.75
N SER D 23 -31.54 -2.82 -13.05
CA SER D 23 -32.82 -3.47 -12.82
C SER D 23 -32.68 -4.99 -12.89
N ILE D 24 -33.79 -5.68 -13.17
CA ILE D 24 -33.82 -7.13 -13.18
C ILE D 24 -34.51 -7.69 -14.42
N PHE D 25 -33.86 -8.68 -15.05
CA PHE D 25 -34.46 -9.38 -16.19
C PHE D 25 -34.97 -10.74 -15.76
N THR D 26 -36.29 -10.84 -15.58
CA THR D 26 -36.92 -12.12 -15.27
C THR D 26 -36.80 -13.03 -16.48
N TYR D 27 -35.93 -14.02 -16.38
CA TYR D 27 -35.71 -14.92 -17.49
C TYR D 27 -35.75 -16.29 -16.96
N GLN D 28 -36.41 -17.16 -17.68
CA GLN D 28 -36.24 -18.56 -17.47
C GLN D 28 -36.43 -18.95 -16.03
N GLU D 29 -37.52 -18.52 -15.43
CA GLU D 29 -37.91 -18.96 -14.11
C GLU D 29 -37.21 -18.19 -13.03
N LYS D 30 -36.28 -17.33 -13.41
CA LYS D 30 -35.32 -16.80 -12.46
C LYS D 30 -34.94 -15.39 -12.80
N ASP D 31 -34.40 -14.64 -11.83
CA ASP D 31 -34.05 -13.24 -12.02
C ASP D 31 -32.60 -13.07 -12.49
N ILE D 32 -32.39 -12.18 -13.44
CA ILE D 32 -31.07 -11.87 -13.96
C ILE D 32 -30.72 -10.41 -13.72
N TYR D 33 -29.67 -10.16 -12.95
CA TYR D 33 -29.27 -8.79 -12.63
C TYR D 33 -28.37 -8.21 -13.73
N TYR D 34 -28.66 -6.97 -14.12
CA TYR D 34 -27.86 -6.29 -15.14
C TYR D 34 -27.79 -4.79 -14.89
N GLU D 35 -26.76 -4.16 -15.42
CA GLU D 35 -26.58 -2.71 -15.30
C GLU D 35 -26.37 -2.07 -16.68
N ILE D 36 -27.03 -0.94 -16.90
CA ILE D 36 -26.88 -0.22 -18.16
C ILE D 36 -26.32 1.19 -17.91
N ASP D 37 -25.23 1.51 -18.60
CA ASP D 37 -24.63 2.83 -18.52
C ASP D 37 -24.80 3.57 -19.85
N GLY D 38 -25.61 4.63 -19.81
CA GLY D 38 -25.92 5.40 -21.00
C GLY D 38 -27.39 5.31 -21.34
N THR D 39 -27.80 5.85 -22.49
CA THR D 39 -29.19 5.79 -22.91
C THR D 39 -29.37 4.81 -24.02
N LEU D 40 -30.30 3.91 -23.83
CA LEU D 40 -30.46 2.78 -24.75
C LEU D 40 -31.38 3.09 -25.92
N ASP D 41 -30.79 3.18 -27.11
CA ASP D 41 -31.53 3.34 -28.35
C ASP D 41 -31.21 2.10 -29.18
N ILE D 42 -31.97 1.85 -30.24
CA ILE D 42 -31.62 0.79 -31.16
C ILE D 42 -30.43 1.31 -31.98
N ASN D 43 -30.26 2.63 -31.94
CA ASN D 43 -29.16 3.34 -32.61
C ASN D 43 -27.96 3.43 -31.64
N SER D 44 -28.09 2.76 -30.51
CA SER D 44 -26.99 2.68 -29.55
C SER D 44 -25.82 1.85 -30.06
N ASP D 45 -24.61 2.26 -29.69
CA ASP D 45 -23.42 1.46 -29.92
C ASP D 45 -23.15 0.68 -28.65
N VAL D 46 -23.70 -0.52 -28.58
CA VAL D 46 -23.72 -1.28 -27.34
C VAL D 46 -22.47 -2.13 -27.16
N ILE D 47 -21.83 -1.98 -26.00
CA ILE D 47 -20.73 -2.86 -25.62
C ILE D 47 -21.19 -3.76 -24.48
N VAL D 48 -21.28 -5.06 -24.76
CA VAL D 48 -21.67 -6.04 -23.75
C VAL D 48 -20.44 -6.69 -23.15
N ILE D 49 -20.33 -6.66 -21.82
CA ILE D 49 -19.19 -7.27 -21.14
C ILE D 49 -19.57 -8.63 -20.55
N LEU D 50 -18.85 -9.66 -20.96
CA LEU D 50 -19.08 -11.00 -20.44
C LEU D 50 -18.09 -11.30 -19.32
N ASN D 51 -18.62 -11.42 -18.11
CA ASN D 51 -17.81 -11.52 -16.90
C ASN D 51 -16.94 -12.77 -16.81
N GLY D 52 -15.84 -12.66 -16.08
CA GLY D 52 -15.03 -13.82 -15.75
C GLY D 52 -15.76 -14.68 -14.74
N ILE D 53 -15.22 -15.86 -14.44
CA ILE D 53 -15.92 -16.81 -13.58
C ILE D 53 -16.06 -16.30 -12.14
N MET D 54 -15.11 -15.49 -11.69
CA MET D 54 -15.15 -14.95 -10.33
C MET D 54 -15.64 -13.51 -10.29
N MET D 55 -16.10 -13.02 -11.43
CA MET D 55 -16.42 -11.60 -11.55
C MET D 55 -17.91 -11.31 -11.50
N SER D 56 -18.23 -10.03 -11.37
CA SER D 56 -19.61 -9.55 -11.42
C SER D 56 -19.64 -8.22 -12.15
N THR D 57 -20.81 -7.58 -12.17
CA THR D 57 -20.95 -6.26 -12.78
C THR D 57 -20.10 -5.24 -12.03
N LYS D 58 -19.96 -5.43 -10.73
CA LYS D 58 -19.23 -4.51 -9.88
C LYS D 58 -17.72 -4.59 -10.10
N SER D 59 -17.28 -5.62 -10.83
CA SER D 59 -15.86 -5.83 -11.08
C SER D 59 -15.39 -5.10 -12.32
N TRP D 60 -16.31 -4.41 -12.99
CA TRP D 60 -15.99 -3.65 -14.19
C TRP D 60 -16.25 -2.16 -14.01
N ASP D 61 -16.44 -1.74 -12.76
CA ASP D 61 -16.82 -0.36 -12.45
C ASP D 61 -15.76 0.66 -12.86
N ALA D 62 -14.49 0.27 -12.76
CA ALA D 62 -13.39 1.19 -13.09
C ALA D 62 -13.36 1.49 -14.58
N PHE D 63 -13.90 0.58 -15.38
CA PHE D 63 -13.90 0.71 -16.83
C PHE D 63 -15.12 1.44 -17.35
N VAL D 64 -16.12 1.60 -16.49
CA VAL D 64 -17.43 2.13 -16.89
C VAL D 64 -17.37 3.48 -17.60
N GLU D 65 -16.62 4.43 -17.04
CA GLU D 65 -16.57 5.77 -17.59
C GLU D 65 -16.00 5.78 -19.02
N ASN D 66 -14.88 5.09 -19.22
CA ASN D 66 -14.26 5.02 -20.54
C ASN D 66 -15.11 4.22 -21.53
N PHE D 67 -15.63 3.09 -21.07
CA PHE D 67 -16.42 2.20 -21.93
C PHE D 67 -17.73 2.81 -22.38
N SER D 68 -18.28 3.73 -21.58
CA SER D 68 -19.62 4.27 -21.86
C SER D 68 -19.63 5.73 -22.25
N LYS D 69 -18.69 6.12 -23.11
CA LYS D 69 -18.57 7.51 -23.49
C LYS D 69 -19.11 7.75 -24.88
N ASN D 70 -18.78 6.81 -25.75
CA ASN D 70 -19.28 6.82 -27.10
C ASN D 70 -20.11 5.55 -27.27
N HIS D 71 -20.26 4.81 -26.18
CA HIS D 71 -21.01 3.57 -26.21
C HIS D 71 -22.03 3.45 -25.08
N VAL D 72 -22.98 2.54 -25.24
CA VAL D 72 -23.90 2.22 -24.16
C VAL D 72 -23.49 0.89 -23.54
N LEU D 73 -23.06 0.93 -22.29
CA LEU D 73 -22.46 -0.23 -21.65
C LEU D 73 -23.49 -1.13 -20.98
N LEU D 74 -23.48 -2.41 -21.36
CA LEU D 74 -24.32 -3.40 -20.72
C LEU D 74 -23.49 -4.40 -19.94
N ARG D 75 -23.64 -4.39 -18.63
CA ARG D 75 -23.02 -5.37 -17.75
C ARG D 75 -24.11 -6.23 -17.14
N TYR D 76 -23.87 -7.53 -17.01
CA TYR D 76 -24.86 -8.42 -16.43
C TYR D 76 -24.22 -9.59 -15.71
N ASP D 77 -24.83 -10.00 -14.60
CA ASP D 77 -24.37 -11.17 -13.85
C ASP D 77 -25.00 -12.43 -14.44
N MET D 78 -24.15 -13.35 -14.88
CA MET D 78 -24.63 -14.62 -15.43
C MET D 78 -25.26 -15.48 -14.33
N PHE D 79 -25.75 -16.66 -14.72
CA PHE D 79 -26.27 -17.60 -13.74
C PHE D 79 -25.15 -18.01 -12.77
N ASP D 80 -25.50 -18.15 -11.50
CA ASP D 80 -24.54 -18.43 -10.42
C ASP D 80 -23.49 -17.32 -10.28
N GLN D 81 -23.80 -16.13 -10.77
CA GLN D 81 -22.88 -15.00 -10.66
C GLN D 81 -23.53 -13.78 -10.01
N GLY D 82 -22.74 -13.09 -9.18
CA GLY D 82 -23.14 -11.81 -8.61
C GLY D 82 -24.48 -11.78 -7.90
N GLN D 83 -25.41 -11.01 -8.46
CA GLN D 83 -26.72 -10.84 -7.85
C GLN D 83 -27.80 -11.60 -8.62
N SER D 84 -27.38 -12.37 -9.61
CA SER D 84 -28.31 -13.22 -10.35
C SER D 84 -28.60 -14.49 -9.56
N SER D 85 -29.69 -15.16 -9.92
CA SER D 85 -30.12 -16.35 -9.20
C SER D 85 -29.17 -17.53 -9.39
N LYS D 86 -29.36 -18.58 -8.61
CA LYS D 86 -28.51 -19.76 -8.67
C LYS D 86 -29.15 -20.88 -9.48
N ILE D 87 -28.30 -21.76 -10.01
CA ILE D 87 -28.76 -22.95 -10.73
C ILE D 87 -28.21 -24.19 -10.05
N GLU D 88 -28.97 -24.75 -9.10
CA GLU D 88 -28.52 -25.91 -8.35
C GLU D 88 -28.45 -27.16 -9.21
N GLU D 89 -29.10 -27.12 -10.37
CA GLU D 89 -29.03 -28.23 -11.31
C GLU D 89 -27.71 -28.24 -12.07
N SER D 90 -27.35 -29.40 -12.59
CA SER D 90 -26.14 -29.53 -13.41
C SER D 90 -26.37 -28.86 -14.76
N TYR D 91 -25.47 -27.95 -15.13
CA TYR D 91 -25.62 -27.21 -16.38
C TYR D 91 -24.28 -26.98 -17.06
N THR D 92 -24.31 -26.82 -18.38
CA THR D 92 -23.12 -26.48 -19.15
C THR D 92 -23.14 -25.00 -19.49
N GLN D 93 -22.23 -24.58 -20.37
CA GLN D 93 -22.11 -23.18 -20.74
C GLN D 93 -23.19 -22.74 -21.73
N THR D 94 -23.93 -23.71 -22.27
CA THR D 94 -24.98 -23.40 -23.23
C THR D 94 -26.14 -22.66 -22.55
N ILE D 95 -26.19 -22.75 -21.22
CA ILE D 95 -27.19 -22.05 -20.44
C ILE D 95 -26.86 -20.56 -20.42
N GLN D 96 -25.58 -20.24 -20.27
CA GLN D 96 -25.12 -18.86 -20.28
C GLN D 96 -25.26 -18.23 -21.65
N VAL D 97 -25.10 -19.05 -22.69
CA VAL D 97 -25.20 -18.59 -24.07
C VAL D 97 -26.61 -18.12 -24.39
N GLU D 98 -27.61 -18.92 -24.02
CA GLU D 98 -29.00 -18.58 -24.24
C GLU D 98 -29.41 -17.38 -23.38
N LEU D 99 -28.72 -17.21 -22.25
CA LEU D 99 -28.98 -16.08 -21.39
C LEU D 99 -28.64 -14.77 -22.09
N LEU D 100 -27.50 -14.75 -22.78
CA LEU D 100 -27.03 -13.55 -23.47
C LEU D 100 -27.98 -13.16 -24.60
N LYS D 101 -28.38 -14.13 -25.40
CA LYS D 101 -29.30 -13.88 -26.50
C LYS D 101 -30.62 -13.30 -26.00
N ASN D 102 -31.22 -13.99 -25.04
CA ASN D 102 -32.52 -13.59 -24.50
C ASN D 102 -32.46 -12.26 -23.76
N LEU D 103 -31.31 -11.97 -23.15
CA LEU D 103 -31.13 -10.69 -22.48
C LEU D 103 -31.09 -9.56 -23.49
N LEU D 104 -30.40 -9.79 -24.61
CA LEU D 104 -30.30 -8.80 -25.67
C LEU D 104 -31.65 -8.55 -26.32
N GLU D 105 -32.40 -9.63 -26.56
CA GLU D 105 -33.73 -9.53 -27.14
C GLU D 105 -34.69 -8.80 -26.20
N HIS D 106 -34.48 -9.00 -24.91
CA HIS D 106 -35.28 -8.35 -23.88
C HIS D 106 -35.07 -6.84 -23.89
N LEU D 107 -33.83 -6.42 -24.13
CA LEU D 107 -33.48 -5.01 -24.10
C LEU D 107 -33.61 -4.38 -25.49
N GLY D 108 -34.03 -5.17 -26.46
CA GLY D 108 -34.24 -4.68 -27.81
C GLY D 108 -32.95 -4.36 -28.54
N ILE D 109 -31.87 -5.04 -28.15
CA ILE D 109 -30.58 -4.86 -28.79
C ILE D 109 -30.36 -5.91 -29.87
N ALA D 110 -30.34 -5.47 -31.12
CA ALA D 110 -30.17 -6.38 -32.25
C ALA D 110 -28.73 -6.88 -32.35
N GLN D 111 -27.78 -5.95 -32.43
CA GLN D 111 -26.37 -6.30 -32.52
C GLN D 111 -25.53 -5.44 -31.57
N ALA D 112 -24.48 -6.04 -31.02
CA ALA D 112 -23.64 -5.34 -30.05
C ALA D 112 -22.21 -5.86 -30.05
N ASN D 113 -21.28 -4.98 -29.72
CA ASN D 113 -19.88 -5.36 -29.53
C ASN D 113 -19.73 -6.16 -28.25
N ILE D 114 -19.21 -7.38 -28.37
CA ILE D 114 -19.07 -8.26 -27.21
C ILE D 114 -17.62 -8.42 -26.79
N VAL D 115 -17.35 -8.14 -25.51
CA VAL D 115 -16.03 -8.35 -24.95
C VAL D 115 -16.10 -9.24 -23.70
N GLY D 116 -15.33 -10.32 -23.71
CA GLY D 116 -15.33 -11.25 -22.59
C GLY D 116 -13.94 -11.69 -22.19
N ILE D 117 -13.81 -12.17 -20.96
CA ILE D 117 -12.53 -12.66 -20.46
C ILE D 117 -12.71 -13.98 -19.71
N SER D 118 -11.76 -14.89 -19.86
CA SER D 118 -11.77 -16.18 -19.19
C SER D 118 -13.06 -16.95 -19.48
N TYR D 119 -13.91 -17.06 -18.46
CA TYR D 119 -15.18 -17.77 -18.60
C TYR D 119 -16.09 -17.08 -19.60
N GLY D 120 -16.16 -15.74 -19.49
CA GLY D 120 -16.99 -14.96 -20.39
C GLY D 120 -16.49 -14.99 -21.81
N ALA D 121 -15.18 -15.11 -21.97
CA ALA D 121 -14.58 -15.20 -23.30
C ALA D 121 -14.93 -16.51 -23.97
N SER D 122 -15.16 -17.55 -23.17
CA SER D 122 -15.60 -18.84 -23.68
C SER D 122 -17.06 -18.75 -24.12
N ILE D 123 -17.84 -17.99 -23.37
CA ILE D 123 -19.24 -17.74 -23.71
C ILE D 123 -19.35 -16.98 -25.03
N ALA D 124 -18.45 -16.02 -25.22
CA ALA D 124 -18.42 -15.21 -26.42
C ALA D 124 -18.22 -16.07 -27.67
N LEU D 125 -17.36 -17.07 -27.57
CA LEU D 125 -17.06 -17.94 -28.70
C LEU D 125 -18.25 -18.85 -29.04
N GLN D 126 -18.91 -19.37 -28.01
CA GLN D 126 -20.08 -20.21 -28.22
C GLN D 126 -21.24 -19.38 -28.77
N PHE D 127 -21.27 -18.10 -28.40
CA PHE D 127 -22.31 -17.18 -28.87
C PHE D 127 -22.05 -16.77 -30.32
N ALA D 128 -20.78 -16.52 -30.64
CA ALA D 128 -20.40 -16.11 -31.98
C ALA D 128 -20.56 -17.25 -32.99
N ALA D 129 -20.67 -18.47 -32.47
CA ALA D 129 -20.81 -19.64 -33.32
C ALA D 129 -22.29 -20.01 -33.51
N LYS D 130 -23.15 -19.47 -32.67
CA LYS D 130 -24.57 -19.78 -32.73
C LYS D 130 -25.38 -18.56 -33.16
N TYR D 131 -24.99 -17.39 -32.69
CA TYR D 131 -25.68 -16.16 -33.06
C TYR D 131 -24.70 -15.09 -33.55
N PRO D 132 -24.13 -15.31 -34.75
CA PRO D 132 -23.15 -14.37 -35.29
C PRO D 132 -23.81 -13.08 -35.77
N THR D 133 -25.10 -13.14 -36.03
CA THR D 133 -25.84 -11.99 -36.53
C THR D 133 -26.18 -11.00 -35.42
N MET D 134 -25.87 -11.35 -34.18
CA MET D 134 -26.13 -10.45 -33.05
C MET D 134 -24.83 -9.84 -32.53
N ILE D 135 -23.75 -10.00 -33.31
CA ILE D 135 -22.46 -9.46 -32.94
C ILE D 135 -21.90 -8.58 -34.05
N LYS D 136 -21.51 -7.36 -33.71
CA LYS D 136 -20.79 -6.51 -34.65
C LYS D 136 -19.31 -6.89 -34.65
N ARG D 137 -18.65 -6.67 -33.51
CA ARG D 137 -17.25 -7.04 -33.35
CA ARG D 137 -17.25 -7.04 -33.35
C ARG D 137 -17.03 -7.70 -31.99
N MET D 138 -16.01 -8.54 -31.89
CA MET D 138 -15.76 -9.29 -30.67
C MET D 138 -14.33 -9.15 -30.17
N VAL D 139 -14.17 -8.96 -28.86
CA VAL D 139 -12.85 -8.92 -28.24
C VAL D 139 -12.78 -9.92 -27.09
N VAL D 140 -12.06 -11.01 -27.31
CA VAL D 140 -11.92 -12.03 -26.28
C VAL D 140 -10.53 -11.98 -25.66
N ALA D 141 -10.46 -12.13 -24.34
CA ALA D 141 -9.20 -12.03 -23.63
C ALA D 141 -8.97 -13.24 -22.72
N ASN D 142 -7.74 -13.73 -22.70
CA ASN D 142 -7.37 -14.89 -21.89
C ASN D 142 -8.34 -16.05 -22.13
N VAL D 143 -8.36 -16.54 -23.35
CA VAL D 143 -9.39 -17.46 -23.79
C VAL D 143 -8.84 -18.68 -24.54
N VAL D 144 -9.41 -19.84 -24.26
CA VAL D 144 -9.09 -21.06 -25.00
C VAL D 144 -10.26 -21.44 -25.90
N ALA D 145 -9.98 -22.30 -26.89
CA ALA D 145 -11.04 -22.77 -27.78
C ALA D 145 -11.67 -24.04 -27.22
N LYS D 146 -10.93 -24.72 -26.34
CA LYS D 146 -11.41 -25.95 -25.72
C LYS D 146 -10.71 -26.18 -24.39
N THR D 147 -11.47 -26.61 -23.39
CA THR D 147 -10.92 -26.91 -22.07
C THR D 147 -10.02 -28.14 -22.12
N SER D 148 -8.71 -27.90 -22.00
CA SER D 148 -7.73 -28.99 -22.02
C SER D 148 -7.86 -29.86 -20.78
N PRO D 149 -7.46 -31.14 -20.89
CA PRO D 149 -7.45 -32.05 -19.73
C PRO D 149 -6.65 -31.45 -18.57
N TRP D 150 -5.59 -30.73 -18.91
CA TRP D 150 -4.78 -30.02 -17.93
C TRP D 150 -5.62 -28.99 -17.19
N LEU D 151 -6.32 -28.14 -17.94
CA LEU D 151 -7.12 -27.07 -17.36
C LEU D 151 -8.28 -27.60 -16.52
N LYS D 152 -8.86 -28.72 -16.96
CA LYS D 152 -10.00 -29.29 -16.25
C LYS D 152 -9.59 -29.87 -14.90
N ASP D 153 -8.45 -30.55 -14.86
CA ASP D 153 -7.94 -31.11 -13.61
C ASP D 153 -7.58 -30.02 -12.61
N ILE D 154 -7.23 -28.84 -13.13
CA ILE D 154 -7.04 -27.68 -12.28
C ILE D 154 -8.38 -27.28 -11.68
N GLY D 155 -9.42 -27.29 -12.51
CA GLY D 155 -10.77 -26.98 -12.06
C GLY D 155 -11.27 -27.98 -11.05
N ASP D 156 -10.88 -29.25 -11.21
CA ASP D 156 -11.23 -30.28 -10.24
C ASP D 156 -10.56 -30.01 -8.89
N GLY D 157 -9.37 -29.42 -8.95
CA GLY D 157 -8.65 -29.07 -7.74
C GLY D 157 -9.35 -27.95 -7.00
N TRP D 158 -9.80 -26.94 -7.74
CA TRP D 158 -10.54 -25.83 -7.18
C TRP D 158 -11.81 -26.35 -6.50
N ASN D 159 -12.54 -27.19 -7.22
CA ASN D 159 -13.78 -27.76 -6.72
C ASN D 159 -13.57 -28.62 -5.47
N GLU D 160 -12.55 -29.48 -5.52
CA GLU D 160 -12.27 -30.41 -4.42
C GLU D 160 -11.89 -29.66 -3.15
N VAL D 161 -11.25 -28.51 -3.31
CA VAL D 161 -10.90 -27.65 -2.18
C VAL D 161 -12.13 -26.85 -1.76
N ALA D 162 -12.92 -26.43 -2.75
CA ALA D 162 -14.14 -25.67 -2.48
C ALA D 162 -15.16 -26.48 -1.68
N LYS D 163 -15.07 -27.80 -1.76
CA LYS D 163 -15.98 -28.67 -1.04
C LYS D 163 -15.68 -28.72 0.45
N THR D 164 -14.46 -28.37 0.82
CA THR D 164 -14.04 -28.40 2.22
C THR D 164 -14.46 -27.12 2.95
N GLY D 165 -14.86 -26.11 2.18
CA GLY D 165 -15.33 -24.86 2.76
C GLY D 165 -14.21 -23.95 3.23
N ASN D 166 -12.97 -24.40 3.06
CA ASN D 166 -11.80 -23.64 3.49
C ASN D 166 -11.46 -22.53 2.51
N GLY D 167 -11.92 -21.31 2.81
CA GLY D 167 -11.66 -20.16 1.96
C GLY D 167 -10.20 -19.76 1.99
N LEU D 168 -9.51 -20.08 3.07
CA LEU D 168 -8.08 -19.82 3.19
C LEU D 168 -7.31 -20.71 2.22
N ALA D 169 -7.71 -21.98 2.15
CA ALA D 169 -7.10 -22.91 1.22
C ALA D 169 -7.52 -22.59 -0.21
N TYR D 170 -8.78 -22.22 -0.39
CA TYR D 170 -9.31 -21.92 -1.71
C TYR D 170 -8.67 -20.67 -2.31
N TYR D 171 -8.26 -19.75 -1.44
CA TYR D 171 -7.62 -18.52 -1.89
C TYR D 171 -6.26 -18.81 -2.52
N HIS D 172 -5.39 -19.48 -1.75
CA HIS D 172 -4.01 -19.64 -2.14
C HIS D 172 -3.79 -20.58 -3.33
N ILE D 173 -4.83 -21.27 -3.77
CA ILE D 173 -4.70 -22.18 -4.90
C ILE D 173 -5.35 -21.63 -6.17
N THR D 174 -5.92 -20.44 -6.07
CA THR D 174 -6.61 -19.83 -7.21
C THR D 174 -6.03 -18.47 -7.58
N ILE D 175 -5.98 -17.57 -6.62
CA ILE D 175 -5.58 -16.18 -6.87
C ILE D 175 -4.13 -16.00 -7.38
N PRO D 176 -3.14 -16.70 -6.77
CA PRO D 176 -1.78 -16.48 -7.27
C PRO D 176 -1.56 -16.90 -8.72
N TYR D 177 -2.48 -17.65 -9.31
CA TYR D 177 -2.37 -18.05 -10.70
C TYR D 177 -3.15 -17.12 -11.63
N ILE D 178 -4.00 -16.28 -11.04
CA ILE D 178 -4.76 -15.30 -11.79
C ILE D 178 -3.88 -14.13 -12.21
N TYR D 179 -2.94 -13.77 -11.33
CA TYR D 179 -2.02 -12.69 -11.63
C TYR D 179 -0.62 -13.22 -11.91
N SER D 180 0.15 -12.47 -12.69
CA SER D 180 1.53 -12.82 -12.97
C SER D 180 2.38 -12.68 -11.70
N PRO D 181 3.45 -13.49 -11.59
CA PRO D 181 4.38 -13.40 -10.45
C PRO D 181 4.95 -12.00 -10.27
N GLN D 182 5.25 -11.31 -11.37
CA GLN D 182 5.79 -9.95 -11.30
C GLN D 182 4.79 -9.00 -10.67
N PHE D 183 3.52 -9.13 -11.07
CA PHE D 183 2.46 -8.26 -10.57
C PHE D 183 2.15 -8.57 -9.10
N TYR D 184 2.08 -9.85 -8.77
CA TYR D 184 1.79 -10.28 -7.41
C TYR D 184 2.88 -9.82 -6.45
N THR D 185 4.10 -9.74 -6.95
CA THR D 185 5.24 -9.31 -6.14
C THR D 185 5.31 -7.80 -6.03
N LEU D 186 5.10 -7.12 -7.16
CA LEU D 186 5.20 -5.66 -7.20
C LEU D 186 4.08 -4.99 -6.42
N HIS D 187 2.89 -5.58 -6.45
CA HIS D 187 1.74 -5.01 -5.75
C HIS D 187 1.23 -5.94 -4.66
N ASN D 188 2.14 -6.44 -3.84
CA ASN D 188 1.80 -7.37 -2.78
C ASN D 188 0.92 -6.72 -1.72
N ASP D 189 1.10 -5.42 -1.53
CA ASP D 189 0.25 -4.66 -0.61
C ASP D 189 -1.19 -4.65 -1.13
N TRP D 190 -1.32 -4.42 -2.44
CA TRP D 190 -2.62 -4.42 -3.10
C TRP D 190 -3.28 -5.80 -3.00
N MET D 191 -2.44 -6.84 -3.01
CA MET D 191 -2.93 -8.21 -2.88
C MET D 191 -3.35 -8.53 -1.45
N GLU D 192 -2.49 -8.21 -0.50
CA GLU D 192 -2.72 -8.53 0.92
C GLU D 192 -3.97 -7.85 1.49
N LYS D 193 -4.21 -6.62 1.07
CA LYS D 193 -5.36 -5.87 1.57
C LYS D 193 -6.66 -6.44 1.00
N ARG D 194 -6.61 -6.91 -0.23
CA ARG D 194 -7.75 -7.57 -0.86
C ARG D 194 -7.88 -9.00 -0.34
N LYS D 195 -6.76 -9.55 0.11
CA LYS D 195 -6.70 -10.92 0.59
C LYS D 195 -7.53 -11.12 1.86
N GLU D 196 -7.56 -10.10 2.70
CA GLU D 196 -8.28 -10.17 3.97
C GLU D 196 -9.79 -10.13 3.77
N LEU D 197 -10.20 -9.91 2.52
CA LEU D 197 -11.61 -9.83 2.17
C LEU D 197 -12.02 -10.99 1.30
N LEU D 198 -11.11 -11.41 0.42
CA LEU D 198 -11.36 -12.51 -0.48
C LEU D 198 -11.50 -13.82 0.28
N VAL D 199 -10.69 -13.98 1.34
CA VAL D 199 -10.73 -15.21 2.13
C VAL D 199 -12.06 -15.42 2.88
N PRO D 200 -12.59 -14.37 3.56
CA PRO D 200 -13.92 -14.58 4.14
C PRO D 200 -15.00 -14.85 3.10
N LEU D 201 -14.88 -14.24 1.93
CA LEU D 201 -15.82 -14.45 0.85
C LEU D 201 -15.67 -15.87 0.28
N PHE D 202 -14.43 -16.31 0.15
CA PHE D 202 -14.13 -17.65 -0.38
C PHE D 202 -14.51 -18.73 0.64
N SER D 203 -14.82 -18.30 1.87
CA SER D 203 -15.13 -19.24 2.95
C SER D 203 -16.63 -19.51 3.06
N THR D 204 -17.44 -18.73 2.35
CA THR D 204 -18.89 -18.92 2.38
C THR D 204 -19.30 -20.04 1.44
N ARG D 205 -20.27 -20.84 1.86
CA ARG D 205 -20.72 -21.97 1.05
C ARG D 205 -21.49 -21.51 -0.18
N THR D 206 -22.05 -20.31 -0.11
CA THR D 206 -22.80 -19.75 -1.21
C THR D 206 -21.87 -19.44 -2.40
N PHE D 207 -20.74 -18.81 -2.11
CA PHE D 207 -19.77 -18.46 -3.14
C PHE D 207 -19.12 -19.70 -3.73
N LEU D 208 -18.81 -20.67 -2.88
CA LEU D 208 -18.12 -21.88 -3.31
C LEU D 208 -18.99 -22.77 -4.17
N ASP D 209 -20.25 -22.95 -3.76
CA ASP D 209 -21.20 -23.77 -4.51
C ASP D 209 -21.41 -23.20 -5.91
N ARG D 210 -21.43 -21.88 -6.03
CA ARG D 210 -21.59 -21.23 -7.31
C ARG D 210 -20.33 -21.44 -8.17
N MET D 211 -19.17 -21.32 -7.55
CA MET D 211 -17.90 -21.51 -8.24
C MET D 211 -17.75 -22.92 -8.78
N ILE D 212 -18.15 -23.90 -7.98
CA ILE D 212 -18.05 -25.30 -8.38
C ILE D 212 -18.87 -25.57 -9.64
N ARG D 213 -20.11 -25.10 -9.64
CA ARG D 213 -21.02 -25.31 -10.77
C ARG D 213 -20.58 -24.51 -11.99
N LEU D 214 -20.04 -23.32 -11.76
CA LEU D 214 -19.52 -22.49 -12.85
C LEU D 214 -18.26 -23.10 -13.45
N THR D 215 -17.53 -23.84 -12.62
CA THR D 215 -16.32 -24.52 -13.07
C THR D 215 -16.67 -25.80 -13.82
N LYS D 216 -17.66 -26.54 -13.30
CA LYS D 216 -18.11 -27.77 -13.93
C LYS D 216 -18.68 -27.52 -15.32
N SER D 217 -19.34 -26.37 -15.49
CA SER D 217 -19.91 -26.01 -16.78
C SER D 217 -18.83 -25.74 -17.80
N ALA D 218 -17.66 -25.33 -17.32
CA ALA D 218 -16.54 -24.98 -18.19
C ALA D 218 -15.77 -26.22 -18.65
N GLU D 219 -16.19 -27.39 -18.18
CA GLU D 219 -15.56 -28.64 -18.57
C GLU D 219 -15.89 -28.99 -20.02
N THR D 220 -17.08 -28.62 -20.45
CA THR D 220 -17.59 -29.01 -21.77
C THR D 220 -17.33 -27.95 -22.84
N HIS D 221 -16.45 -27.00 -22.55
CA HIS D 221 -16.12 -25.96 -23.51
C HIS D 221 -15.40 -26.54 -24.73
N ASP D 222 -16.01 -26.41 -25.90
CA ASP D 222 -15.43 -26.94 -27.13
C ASP D 222 -16.05 -26.25 -28.34
N VAL D 223 -15.31 -25.33 -28.93
CA VAL D 223 -15.77 -24.62 -30.12
C VAL D 223 -14.81 -24.81 -31.29
N ILE D 224 -13.95 -25.82 -31.19
CA ILE D 224 -12.93 -26.09 -32.20
C ILE D 224 -13.52 -26.24 -33.59
N LYS D 225 -14.59 -27.02 -33.71
CA LYS D 225 -15.26 -27.24 -34.99
C LYS D 225 -15.85 -25.93 -35.53
N ASP D 226 -16.26 -25.05 -34.62
CA ASP D 226 -16.97 -23.83 -35.00
C ASP D 226 -16.03 -22.71 -35.45
N LEU D 227 -14.77 -22.78 -35.03
CA LEU D 227 -13.80 -21.72 -35.30
C LEU D 227 -13.66 -21.34 -36.78
N PRO D 228 -13.55 -22.32 -37.70
CA PRO D 228 -13.44 -21.90 -39.10
C PRO D 228 -14.72 -21.27 -39.65
N ASN D 229 -15.82 -21.39 -38.91
CA ASN D 229 -17.11 -20.86 -39.38
C ASN D 229 -17.44 -19.51 -38.77
N ILE D 230 -16.57 -19.01 -37.89
CA ILE D 230 -16.80 -17.73 -37.25
C ILE D 230 -16.09 -16.61 -38.01
N LYS D 231 -16.88 -15.82 -38.73
CA LYS D 231 -16.34 -14.74 -39.56
C LYS D 231 -16.35 -13.41 -38.80
N THR D 232 -16.86 -13.45 -37.57
CA THR D 232 -16.93 -12.25 -36.73
C THR D 232 -15.54 -11.69 -36.45
N PRO D 233 -15.34 -10.41 -36.78
CA PRO D 233 -14.07 -9.70 -36.55
C PRO D 233 -13.65 -9.76 -35.08
N THR D 234 -12.54 -10.43 -34.82
CA THR D 234 -12.13 -10.70 -33.45
C THR D 234 -10.72 -10.18 -33.14
N LEU D 235 -10.55 -9.62 -31.95
CA LEU D 235 -9.23 -9.24 -31.47
C LEU D 235 -8.90 -10.04 -30.22
N ILE D 236 -7.90 -10.92 -30.32
CA ILE D 236 -7.55 -11.80 -29.22
C ILE D 236 -6.45 -11.22 -28.34
N ILE D 237 -6.74 -11.12 -27.05
CA ILE D 237 -5.76 -10.64 -26.08
C ILE D 237 -5.13 -11.82 -25.36
N SER D 238 -3.80 -11.85 -25.35
CA SER D 238 -3.07 -12.94 -24.72
C SER D 238 -2.02 -12.42 -23.74
N SER D 239 -1.98 -12.99 -22.54
CA SER D 239 -0.99 -12.62 -21.55
C SER D 239 0.16 -13.63 -21.55
N GLU D 240 1.38 -13.13 -21.67
CA GLU D 240 2.56 -13.99 -21.76
C GLU D 240 2.74 -14.86 -20.52
N GLU D 241 2.42 -14.31 -19.35
CA GLU D 241 2.58 -15.04 -18.10
C GLU D 241 1.23 -15.51 -17.56
N ASP D 242 0.36 -15.92 -18.47
CA ASP D 242 -0.93 -16.51 -18.10
C ASP D 242 -0.73 -17.99 -17.79
N TYR D 243 -0.85 -18.36 -16.52
CA TYR D 243 -0.59 -19.72 -16.09
C TYR D 243 -1.89 -20.51 -15.95
N LEU D 244 -2.93 -20.05 -16.63
CA LEU D 244 -4.24 -20.69 -16.54
C LEU D 244 -4.77 -20.97 -17.95
N THR D 245 -4.83 -19.94 -18.77
CA THR D 245 -5.13 -20.08 -20.19
C THR D 245 -3.96 -19.56 -21.00
N PRO D 246 -2.90 -20.37 -21.13
CA PRO D 246 -1.60 -19.99 -21.70
C PRO D 246 -1.70 -19.45 -23.12
N PRO D 247 -0.71 -18.63 -23.54
CA PRO D 247 -0.65 -18.00 -24.86
C PRO D 247 -0.79 -18.95 -26.05
N PHE D 248 -0.36 -20.20 -25.91
CA PHE D 248 -0.41 -21.12 -27.04
C PHE D 248 -1.85 -21.45 -27.40
N GLU D 249 -2.75 -21.33 -26.43
CA GLU D 249 -4.17 -21.54 -26.67
C GLU D 249 -4.76 -20.38 -27.46
N GLN D 250 -4.22 -19.18 -27.24
CA GLN D 250 -4.63 -18.01 -28.02
C GLN D 250 -4.05 -18.08 -29.43
N LYS D 251 -2.82 -18.56 -29.52
CA LYS D 251 -2.16 -18.76 -30.81
C LYS D 251 -2.98 -19.72 -31.68
N TYR D 252 -3.50 -20.77 -31.07
CA TYR D 252 -4.35 -21.73 -31.77
C TYR D 252 -5.66 -21.07 -32.19
N LEU D 253 -6.17 -20.19 -31.34
CA LEU D 253 -7.44 -19.52 -31.59
C LEU D 253 -7.35 -18.55 -32.77
N GLN D 254 -6.22 -17.86 -32.86
CA GLN D 254 -6.04 -16.82 -33.87
C GLN D 254 -5.77 -17.41 -35.26
N GLU D 255 -5.31 -18.65 -35.29
CA GLU D 255 -4.98 -19.31 -36.54
C GLU D 255 -6.22 -19.90 -37.22
N HIS D 256 -7.17 -20.36 -36.43
CA HIS D 256 -8.34 -21.06 -36.96
C HIS D 256 -9.58 -20.17 -37.07
N LEU D 257 -9.47 -18.94 -36.59
CA LEU D 257 -10.47 -17.92 -36.85
C LEU D 257 -10.00 -17.08 -38.04
N GLN D 258 -10.85 -16.97 -39.07
CA GLN D 258 -10.40 -16.36 -40.33
C GLN D 258 -10.11 -14.87 -40.18
N ASN D 259 -10.94 -14.17 -39.43
CA ASN D 259 -10.69 -12.75 -39.17
C ASN D 259 -10.47 -12.51 -37.68
N ALA D 260 -9.30 -12.90 -37.20
CA ALA D 260 -8.92 -12.66 -35.82
C ALA D 260 -7.49 -12.13 -35.74
N GLU D 261 -7.30 -11.06 -34.99
CA GLU D 261 -5.97 -10.51 -34.78
C GLU D 261 -5.48 -10.83 -33.37
N LEU D 262 -4.17 -10.88 -33.20
CA LEU D 262 -3.58 -11.28 -31.93
C LEU D 262 -2.80 -10.15 -31.29
N VAL D 263 -2.84 -10.09 -29.96
CA VAL D 263 -2.08 -9.12 -29.19
C VAL D 263 -1.53 -9.76 -27.93
N SER D 264 -0.23 -9.63 -27.70
CA SER D 264 0.40 -10.23 -26.54
C SER D 264 0.83 -9.17 -25.53
N ILE D 265 0.52 -9.42 -24.26
CA ILE D 265 0.87 -8.49 -23.19
C ILE D 265 1.99 -9.06 -22.32
N PRO D 266 3.20 -8.51 -22.48
CA PRO D 266 4.38 -8.97 -21.72
C PRO D 266 4.22 -8.74 -20.22
N ASN D 267 4.78 -9.65 -19.41
CA ASN D 267 4.76 -9.55 -17.95
C ASN D 267 3.35 -9.38 -17.39
N CYS D 268 2.40 -10.12 -17.95
CA CYS D 268 1.00 -9.97 -17.55
C CYS D 268 0.35 -11.33 -17.29
N GLY D 269 -0.59 -11.37 -16.36
CA GLY D 269 -1.23 -12.61 -15.97
C GLY D 269 -2.63 -12.79 -16.53
N HIS D 270 -3.34 -13.79 -16.01
CA HIS D 270 -4.68 -14.13 -16.47
C HIS D 270 -5.68 -12.99 -16.30
N ALA D 271 -5.35 -12.04 -15.43
CA ALA D 271 -6.21 -10.89 -15.16
C ALA D 271 -5.70 -9.64 -15.86
N SER D 272 -5.93 -9.56 -17.16
CA SER D 272 -5.51 -8.42 -17.97
C SER D 272 -6.11 -7.12 -17.44
N MET D 273 -7.35 -7.13 -17.05
CA MET D 273 -7.95 -5.89 -16.70
C MET D 273 -7.26 -5.21 -15.53
N TYR D 274 -6.84 -5.96 -14.53
CA TYR D 274 -6.30 -5.29 -13.35
C TYR D 274 -4.81 -4.97 -13.49
N GLU D 275 -4.09 -5.80 -14.25
CA GLU D 275 -2.65 -5.59 -14.43
C GLU D 275 -2.36 -4.48 -15.44
N VAL D 276 -3.09 -4.47 -16.54
CA VAL D 276 -2.91 -3.44 -17.56
C VAL D 276 -4.23 -2.82 -18.03
N PRO D 277 -4.89 -2.06 -17.14
CA PRO D 277 -6.20 -1.48 -17.44
C PRO D 277 -6.16 -0.47 -18.60
N LYS D 278 -5.06 0.25 -18.74
CA LYS D 278 -4.91 1.21 -19.82
C LYS D 278 -4.84 0.48 -21.17
N THR D 279 -4.11 -0.63 -21.19
CA THR D 279 -3.95 -1.41 -22.40
C THR D 279 -5.24 -2.15 -22.77
N PHE D 280 -5.88 -2.75 -21.77
CA PHE D 280 -7.10 -3.51 -21.97
C PHE D 280 -8.18 -2.65 -22.62
N THR D 281 -8.40 -1.47 -22.05
CA THR D 281 -9.41 -0.55 -22.55
C THR D 281 -9.04 -0.01 -23.94
N ALA D 282 -7.75 0.24 -24.15
CA ALA D 282 -7.26 0.74 -25.43
C ALA D 282 -7.55 -0.26 -26.54
N LEU D 283 -7.32 -1.53 -26.25
CA LEU D 283 -7.57 -2.59 -27.21
C LEU D 283 -9.07 -2.74 -27.49
N VAL D 284 -9.86 -2.73 -26.43
CA VAL D 284 -11.31 -2.86 -26.55
C VAL D 284 -11.94 -1.68 -27.29
N LEU D 285 -11.66 -0.46 -26.81
CA LEU D 285 -12.23 0.73 -27.41
C LEU D 285 -11.69 0.97 -28.82
N GLY D 286 -10.39 0.73 -29.00
CA GLY D 286 -9.76 0.94 -30.29
C GLY D 286 -10.33 0.06 -31.37
N PHE D 287 -10.56 -1.22 -31.04
CA PHE D 287 -11.10 -2.17 -32.00
C PHE D 287 -12.56 -1.87 -32.32
N PHE D 288 -13.36 -1.62 -31.28
CA PHE D 288 -14.77 -1.31 -31.46
C PHE D 288 -14.97 0.07 -32.09
N GLY D 289 -14.10 1.00 -31.75
CA GLY D 289 -14.21 2.38 -32.20
C GLY D 289 -13.80 2.59 -33.64
N GLN D 290 -12.99 1.69 -34.19
CA GLN D 290 -12.56 1.77 -35.58
C GLN D 290 -13.73 1.84 -36.55
N THR D 291 -13.72 2.84 -37.42
CA THR D 291 -14.76 3.00 -38.42
C THR D 291 -14.68 1.90 -39.46
N LYS D 292 -13.49 1.67 -39.99
CA LYS D 292 -13.28 0.65 -41.01
C LYS D 292 -12.13 -0.28 -40.61
N LEU D 293 -12.35 -1.58 -40.76
CA LEU D 293 -11.34 -2.59 -40.43
C LEU D 293 -10.55 -3.00 -41.67
N ASP D 294 -11.13 -2.82 -42.85
CA ASP D 294 -10.44 -3.13 -44.09
C ASP D 294 -9.52 -1.98 -44.51
N TYR D 295 -8.24 -2.29 -44.66
CA TYR D 295 -7.25 -1.28 -45.04
C TYR D 295 -6.67 -1.54 -46.43
N GLN D 296 -6.70 -0.51 -47.28
CA GLN D 296 -6.10 -0.59 -48.59
C GLN D 296 -4.59 -0.45 -48.49
N ILE D 297 -3.94 -1.48 -47.95
CA ILE D 297 -2.51 -1.40 -47.66
C ILE D 297 -1.79 -2.69 -48.05
N SER E 23 33.55 5.44 32.46
CA SER E 23 34.71 5.84 31.67
C SER E 23 34.63 7.30 31.24
N ILE E 24 35.72 7.82 30.68
CA ILE E 24 35.80 9.22 30.31
C ILE E 24 36.17 9.43 28.85
N PHE E 25 35.43 10.31 28.18
CA PHE E 25 35.74 10.68 26.80
C PHE E 25 36.27 12.11 26.75
N THR E 26 37.59 12.24 26.61
CA THR E 26 38.22 13.54 26.50
C THR E 26 37.87 14.17 25.15
N TYR E 27 37.04 15.21 25.19
CA TYR E 27 36.64 15.94 24.00
C TYR E 27 36.78 17.41 24.28
N GLN E 28 37.35 18.16 23.34
CA GLN E 28 37.43 19.63 23.39
C GLN E 28 38.05 20.33 24.61
N GLU E 29 39.22 19.91 25.08
CA GLU E 29 39.73 20.51 26.32
C GLU E 29 39.13 19.91 27.60
N LYS E 30 38.17 19.00 27.46
CA LYS E 30 37.23 18.66 28.53
C LYS E 30 36.84 17.17 28.63
N ASP E 31 36.50 16.74 29.85
CA ASP E 31 36.15 15.35 30.16
C ASP E 31 34.64 15.08 30.08
N ILE E 32 34.27 14.07 29.31
CA ILE E 32 32.87 13.69 29.17
C ILE E 32 32.63 12.31 29.79
N TYR E 33 31.83 12.29 30.86
CA TYR E 33 31.52 11.05 31.55
C TYR E 33 30.41 10.28 30.84
N TYR E 34 30.68 9.01 30.55
CA TYR E 34 29.68 8.15 29.90
C TYR E 34 29.70 6.74 30.47
N GLU E 35 28.58 6.04 30.34
CA GLU E 35 28.47 4.66 30.81
C GLU E 35 27.99 3.73 29.69
N ILE E 36 28.52 2.52 29.70
CA ILE E 36 28.11 1.49 28.74
C ILE E 36 27.73 0.20 29.45
N ASP E 37 26.51 -0.26 29.23
CA ASP E 37 26.06 -1.52 29.80
C ASP E 37 25.92 -2.57 28.70
N GLY E 38 26.63 -3.68 28.87
CA GLY E 38 26.80 -4.65 27.81
C GLY E 38 28.09 -4.31 27.08
N THR E 39 28.68 -5.29 26.40
CA THR E 39 29.94 -5.05 25.71
C THR E 39 29.67 -4.64 24.25
N LEU E 40 30.56 -3.81 23.72
CA LEU E 40 30.29 -3.10 22.47
C LEU E 40 31.18 -3.49 21.30
N ASP E 41 30.57 -4.02 20.24
CA ASP E 41 31.25 -4.18 18.96
C ASP E 41 30.56 -3.28 17.92
N ILE E 42 30.70 -3.62 16.64
CA ILE E 42 30.16 -2.76 15.58
C ILE E 42 29.03 -3.52 14.85
N ASN E 43 28.55 -4.58 15.49
CA ASN E 43 27.27 -5.17 15.09
C ASN E 43 26.29 -5.01 16.24
N SER E 44 26.78 -4.34 17.29
CA SER E 44 25.97 -4.01 18.44
C SER E 44 24.86 -3.03 18.06
N ASP E 45 23.62 -3.37 18.38
CA ASP E 45 22.53 -2.43 18.21
C ASP E 45 22.43 -1.59 19.47
N VAL E 46 22.79 -0.32 19.34
CA VAL E 46 23.01 0.55 20.48
C VAL E 46 21.81 1.45 20.77
N ILE E 47 21.41 1.52 22.03
CA ILE E 47 20.42 2.50 22.46
C ILE E 47 21.10 3.61 23.24
N VAL E 48 21.08 4.82 22.68
CA VAL E 48 21.67 5.97 23.34
C VAL E 48 20.59 6.82 24.01
N ILE E 49 20.76 7.11 25.29
CA ILE E 49 19.78 7.90 26.02
C ILE E 49 20.24 9.34 26.21
N LEU E 50 19.40 10.28 25.76
CA LEU E 50 19.71 11.70 25.88
C LEU E 50 18.98 12.30 27.09
N ASN E 51 19.76 12.69 28.09
CA ASN E 51 19.23 13.09 29.39
C ASN E 51 18.33 14.33 29.38
N GLY E 52 17.46 14.41 30.38
CA GLY E 52 16.70 15.61 30.64
C GLY E 52 17.62 16.67 31.22
N ILE E 53 17.11 17.88 31.40
CA ILE E 53 17.96 18.99 31.81
C ILE E 53 18.46 18.83 33.25
N MET E 54 17.69 18.12 34.08
CA MET E 54 18.06 17.91 35.47
C MET E 54 18.56 16.50 35.73
N MET E 55 18.93 15.78 34.67
CA MET E 55 19.22 14.37 34.79
C MET E 55 20.67 14.01 34.51
N SER E 56 21.08 12.85 35.00
CA SER E 56 22.40 12.31 34.73
C SER E 56 22.28 10.83 34.41
N THR E 57 23.40 10.17 34.17
CA THR E 57 23.42 8.74 33.87
C THR E 57 22.84 7.92 35.02
N LYS E 58 22.94 8.45 36.23
CA LYS E 58 22.44 7.78 37.42
C LYS E 58 20.94 7.92 37.57
N SER E 59 20.33 8.73 36.70
CA SER E 59 18.89 8.93 36.75
C SER E 59 18.18 7.87 35.92
N TRP E 60 18.95 7.11 35.16
CA TRP E 60 18.41 6.06 34.30
C TRP E 60 18.78 4.66 34.78
N ASP E 61 19.18 4.55 36.04
CA ASP E 61 19.59 3.26 36.60
C ASP E 61 18.48 2.23 36.54
N ALA E 62 17.25 2.66 36.81
CA ALA E 62 16.11 1.74 36.92
C ALA E 62 15.76 1.09 35.59
N PHE E 63 16.17 1.72 34.48
CA PHE E 63 15.83 1.23 33.16
C PHE E 63 16.93 0.36 32.55
N VAL E 64 18.11 0.39 33.16
CA VAL E 64 19.30 -0.26 32.61
C VAL E 64 19.10 -1.74 32.30
N GLU E 65 18.50 -2.48 33.23
CA GLU E 65 18.33 -3.91 33.06
C GLU E 65 17.47 -4.25 31.83
N ASN E 66 16.35 -3.56 31.68
CA ASN E 66 15.46 -3.80 30.54
C ASN E 66 16.03 -3.24 29.24
N PHE E 67 16.64 -2.07 29.31
CA PHE E 67 17.17 -1.40 28.14
C PHE E 67 18.41 -2.09 27.58
N SER E 68 19.11 -2.84 28.41
CA SER E 68 20.34 -3.50 27.99
C SER E 68 20.25 -5.02 28.02
N LYS E 69 19.11 -5.56 27.60
CA LYS E 69 18.94 -7.01 27.52
C LYS E 69 19.22 -7.50 26.10
N ASN E 70 18.76 -6.74 25.12
CA ASN E 70 19.00 -7.08 23.72
C ASN E 70 19.75 -5.97 23.00
N HIS E 71 20.04 -4.89 23.73
CA HIS E 71 20.77 -3.77 23.16
C HIS E 71 21.99 -3.43 24.03
N VAL E 72 22.93 -2.70 23.45
CA VAL E 72 24.03 -2.14 24.22
C VAL E 72 23.67 -0.71 24.62
N LEU E 73 23.48 -0.50 25.91
CA LEU E 73 23.01 0.79 26.40
C LEU E 73 24.14 1.81 26.56
N LEU E 74 23.92 3.01 26.04
CA LEU E 74 24.87 4.09 26.18
C LEU E 74 24.26 5.28 26.90
N ARG E 75 24.72 5.52 28.12
CA ARG E 75 24.33 6.71 28.88
C ARG E 75 25.52 7.65 29.00
N TYR E 76 25.27 8.94 28.85
CA TYR E 76 26.33 9.93 28.98
C TYR E 76 25.79 11.25 29.52
N ASP E 77 26.60 11.91 30.36
CA ASP E 77 26.25 13.23 30.86
C ASP E 77 26.70 14.28 29.87
N MET E 78 25.79 15.18 29.50
CA MET E 78 26.12 16.26 28.58
C MET E 78 26.95 17.33 29.28
N PHE E 79 27.30 18.38 28.54
CA PHE E 79 28.01 19.50 29.14
C PHE E 79 27.14 20.14 30.21
N ASP E 80 27.78 20.57 31.30
CA ASP E 80 27.08 21.10 32.49
C ASP E 80 26.12 20.08 33.09
N GLN E 81 26.40 18.80 32.90
CA GLN E 81 25.56 17.73 33.44
C GLN E 81 26.36 16.69 34.20
N GLY E 82 25.84 16.28 35.36
CA GLY E 82 26.40 15.19 36.14
C GLY E 82 27.88 15.29 36.44
N GLN E 83 28.65 14.31 35.96
CA GLN E 83 30.08 14.25 36.22
C GLN E 83 30.89 14.79 35.05
N SER E 84 30.20 15.27 34.02
CA SER E 84 30.87 15.82 32.85
C SER E 84 31.40 17.23 33.13
N SER E 85 32.16 17.75 32.18
CA SER E 85 32.85 19.02 32.36
C SER E 85 31.88 20.20 32.40
N LYS E 86 32.26 21.23 33.17
CA LYS E 86 31.46 22.44 33.27
C LYS E 86 31.81 23.41 32.14
N ILE E 87 30.80 24.01 31.55
CA ILE E 87 31.01 25.07 30.56
C ILE E 87 30.62 26.41 31.16
N GLU E 88 31.56 27.36 31.18
CA GLU E 88 31.28 28.68 31.71
C GLU E 88 30.85 29.63 30.60
N GLU E 89 31.46 29.48 29.43
CA GLU E 89 31.13 30.29 28.27
C GLU E 89 29.67 30.11 27.86
N SER E 90 29.07 31.15 27.28
CA SER E 90 27.72 31.06 26.77
C SER E 90 27.68 30.08 25.60
N TYR E 91 26.61 29.30 25.51
CA TYR E 91 26.50 28.27 24.48
C TYR E 91 25.05 27.90 24.20
N THR E 92 24.79 27.50 22.96
CA THR E 92 23.48 26.98 22.57
C THR E 92 23.51 25.45 22.62
N GLN E 93 22.44 24.83 22.14
CA GLN E 93 22.34 23.37 22.19
C GLN E 93 23.19 22.71 21.09
N THR E 94 23.81 23.52 20.25
CA THR E 94 24.56 22.99 19.12
C THR E 94 25.87 22.34 19.56
N ILE E 95 26.32 22.65 20.77
CA ILE E 95 27.54 22.05 21.29
C ILE E 95 27.24 20.71 21.95
N GLN E 96 25.96 20.47 22.22
CA GLN E 96 25.53 19.19 22.77
C GLN E 96 25.33 18.19 21.64
N VAL E 97 24.93 18.71 20.48
CA VAL E 97 24.73 17.88 19.29
C VAL E 97 26.06 17.33 18.80
N GLU E 98 27.06 18.21 18.71
CA GLU E 98 28.39 17.81 18.26
C GLU E 98 29.05 16.88 19.27
N LEU E 99 28.69 17.03 20.54
CA LEU E 99 29.16 16.12 21.57
C LEU E 99 28.68 14.70 21.29
N LEU E 100 27.40 14.58 20.94
CA LEU E 100 26.79 13.30 20.65
C LEU E 100 27.47 12.62 19.46
N LYS E 101 27.72 13.40 18.41
CA LYS E 101 28.37 12.85 17.22
C LYS E 101 29.77 12.34 17.54
N ASN E 102 30.57 13.20 18.16
CA ASN E 102 31.96 12.86 18.48
C ASN E 102 32.06 11.74 19.51
N LEU E 103 31.06 11.65 20.39
CA LEU E 103 31.01 10.57 21.37
C LEU E 103 30.78 9.23 20.68
N LEU E 104 29.87 9.22 19.72
CA LEU E 104 29.55 8.01 18.98
C LEU E 104 30.72 7.57 18.09
N GLU E 105 31.37 8.53 17.45
CA GLU E 105 32.52 8.25 16.61
C GLU E 105 33.67 7.68 17.44
N HIS E 106 33.82 8.23 18.65
CA HIS E 106 34.86 7.79 19.57
C HIS E 106 34.68 6.34 19.99
N LEU E 107 33.42 5.94 20.14
CA LEU E 107 33.09 4.57 20.55
C LEU E 107 32.95 3.64 19.35
N GLY E 108 33.11 4.20 18.15
CA GLY E 108 33.01 3.42 16.94
C GLY E 108 31.60 3.00 16.61
N ILE E 109 30.63 3.79 17.07
CA ILE E 109 29.22 3.50 16.83
C ILE E 109 28.71 4.21 15.58
N ALA E 110 28.46 3.45 14.53
CA ALA E 110 27.98 4.00 13.26
C ALA E 110 26.55 4.49 13.38
N GLN E 111 25.64 3.58 13.71
CA GLN E 111 24.23 3.92 13.90
C GLN E 111 23.77 3.54 15.29
N ALA E 112 22.72 4.21 15.78
CA ALA E 112 22.21 3.94 17.11
C ALA E 112 20.74 4.35 17.24
N ASN E 113 20.00 3.60 18.06
CA ASN E 113 18.65 3.99 18.43
C ASN E 113 18.70 5.08 19.49
N ILE E 114 18.15 6.25 19.17
CA ILE E 114 18.21 7.39 20.06
C ILE E 114 16.89 7.64 20.77
N VAL E 115 16.95 7.73 22.10
CA VAL E 115 15.78 8.07 22.90
C VAL E 115 16.08 9.26 23.80
N GLY E 116 15.28 10.31 23.69
CA GLY E 116 15.49 11.50 24.48
C GLY E 116 14.22 12.06 25.09
N ILE E 117 14.35 12.68 26.25
CA ILE E 117 13.20 13.30 26.90
C ILE E 117 13.53 14.74 27.31
N SER E 118 12.54 15.63 27.16
CA SER E 118 12.69 17.04 27.50
C SER E 118 13.86 17.69 26.76
N TYR E 119 14.89 18.07 27.51
CA TYR E 119 16.07 18.71 26.94
C TYR E 119 16.77 17.80 25.95
N GLY E 120 16.90 16.53 26.33
CA GLY E 120 17.55 15.54 25.47
C GLY E 120 16.76 15.28 24.20
N ALA E 121 15.44 15.38 24.28
CA ALA E 121 14.59 15.20 23.12
C ALA E 121 14.77 16.35 22.13
N SER E 122 15.15 17.52 22.64
CA SER E 122 15.44 18.65 21.78
C SER E 122 16.76 18.42 21.04
N ILE E 123 17.71 17.83 21.74
CA ILE E 123 19.00 17.49 21.15
C ILE E 123 18.81 16.43 20.07
N ALA E 124 17.93 15.47 20.34
CA ALA E 124 17.63 14.40 19.41
C ALA E 124 17.10 14.93 18.08
N LEU E 125 16.28 15.97 18.15
CA LEU E 125 15.72 16.57 16.94
C LEU E 125 16.76 17.35 16.16
N GLN E 126 17.61 18.10 16.87
CA GLN E 126 18.68 18.83 16.22
C GLN E 126 19.70 17.88 15.62
N PHE E 127 19.89 16.73 16.27
CA PHE E 127 20.83 15.73 15.80
C PHE E 127 20.27 14.97 14.60
N ALA E 128 18.96 14.74 14.60
CA ALA E 128 18.31 14.01 13.52
C ALA E 128 18.26 14.85 12.25
N ALA E 129 18.36 16.15 12.41
CA ALA E 129 18.31 17.07 11.27
C ALA E 129 19.69 17.30 10.69
N LYS E 130 20.73 17.06 11.49
CA LYS E 130 22.10 17.30 11.05
C LYS E 130 22.81 16.00 10.68
N TYR E 131 22.68 14.99 11.53
CA TYR E 131 23.30 13.69 11.28
C TYR E 131 22.28 12.56 11.32
N PRO E 132 21.41 12.48 10.31
CA PRO E 132 20.38 11.42 10.28
C PRO E 132 20.97 10.06 9.96
N THR E 133 22.18 10.06 9.40
CA THR E 133 22.86 8.82 9.02
C THR E 133 23.31 8.02 10.24
N MET E 134 23.33 8.67 11.40
CA MET E 134 23.77 8.02 12.63
C MET E 134 22.60 7.63 13.52
N ILE E 135 21.40 7.61 12.95
CA ILE E 135 20.21 7.23 13.70
C ILE E 135 19.39 6.17 12.97
N LYS E 136 19.13 5.05 13.64
CA LYS E 136 18.22 4.05 13.09
C LYS E 136 16.79 4.52 13.31
N ARG E 137 16.34 4.45 14.56
CA ARG E 137 15.01 4.94 14.93
C ARG E 137 15.11 5.83 16.16
N MET E 138 14.12 6.70 16.35
CA MET E 138 14.17 7.71 17.40
C MET E 138 12.90 7.73 18.25
N VAL E 139 13.06 7.99 19.54
CA VAL E 139 11.93 8.12 20.46
C VAL E 139 12.10 9.37 21.32
N VAL E 140 11.25 10.36 21.08
CA VAL E 140 11.30 11.60 21.85
C VAL E 140 10.06 11.74 22.74
N ALA E 141 10.30 12.01 24.02
CA ALA E 141 9.21 12.14 24.98
C ALA E 141 9.18 13.54 25.58
N ASN E 142 7.97 14.09 25.72
CA ASN E 142 7.77 15.42 26.28
C ASN E 142 8.66 16.45 25.60
N VAL E 143 8.38 16.69 24.32
CA VAL E 143 9.30 17.41 23.45
C VAL E 143 8.60 18.49 22.63
N VAL E 144 9.29 19.61 22.46
CA VAL E 144 8.81 20.68 21.59
C VAL E 144 9.69 20.82 20.35
N ALA E 145 9.15 21.37 19.28
CA ALA E 145 9.91 21.61 18.07
C ALA E 145 10.62 22.96 18.15
N LYS E 146 10.11 23.82 19.03
CA LYS E 146 10.68 25.15 19.22
C LYS E 146 10.29 25.70 20.58
N THR E 147 11.23 26.40 21.22
CA THR E 147 10.97 27.04 22.50
C THR E 147 10.02 28.23 22.34
N SER E 148 8.78 28.05 22.78
CA SER E 148 7.78 29.11 22.71
C SER E 148 8.15 30.23 23.69
N PRO E 149 7.70 31.47 23.39
CA PRO E 149 7.92 32.61 24.29
C PRO E 149 7.39 32.34 25.70
N TRP E 150 6.36 31.52 25.78
CA TRP E 150 5.79 31.10 27.06
C TRP E 150 6.80 30.26 27.86
N LEU E 151 7.40 29.28 27.19
CA LEU E 151 8.38 28.41 27.82
C LEU E 151 9.67 29.16 28.17
N LYS E 152 10.00 30.15 27.36
CA LYS E 152 11.23 30.92 27.55
C LYS E 152 11.15 31.76 28.82
N ASP E 153 10.01 32.39 29.06
CA ASP E 153 9.82 33.21 30.25
C ASP E 153 9.76 32.34 31.52
N ILE E 154 9.32 31.10 31.36
CA ILE E 154 9.37 30.15 32.46
C ILE E 154 10.82 29.82 32.78
N GLY E 155 11.63 29.66 31.74
CA GLY E 155 13.05 29.41 31.90
C GLY E 155 13.77 30.58 32.55
N ASP E 156 13.31 31.79 32.27
CA ASP E 156 13.87 32.98 32.88
C ASP E 156 13.57 33.02 34.37
N GLY E 157 12.41 32.48 34.74
CA GLY E 157 12.00 32.43 36.13
C GLY E 157 12.87 31.50 36.93
N TRP E 158 13.16 30.34 36.34
CA TRP E 158 14.05 29.36 36.97
C TRP E 158 15.41 29.97 37.20
N ASN E 159 15.93 30.66 36.19
CA ASN E 159 17.23 31.31 36.27
C ASN E 159 17.27 32.43 37.30
N GLU E 160 16.20 33.23 37.37
CA GLU E 160 16.11 34.33 38.31
C GLU E 160 16.12 33.85 39.75
N VAL E 161 15.47 32.72 39.99
CA VAL E 161 15.45 32.12 41.32
C VAL E 161 16.77 31.42 41.61
N ALA E 162 17.35 30.81 40.57
CA ALA E 162 18.62 30.11 40.71
C ALA E 162 19.75 31.07 41.06
N LYS E 163 19.61 32.32 40.61
CA LYS E 163 20.63 33.33 40.88
C LYS E 163 20.70 33.69 42.37
N THR E 164 19.56 33.56 43.06
CA THR E 164 19.48 33.92 44.46
C THR E 164 20.13 32.87 45.36
N GLY E 165 20.34 31.68 44.81
CA GLY E 165 20.97 30.60 45.56
C GLY E 165 20.02 29.91 46.52
N ASN E 166 18.76 30.31 46.49
CA ASN E 166 17.74 29.73 47.35
C ASN E 166 17.17 28.45 46.75
N GLY E 167 17.77 27.32 47.11
CA GLY E 167 17.36 26.03 46.58
C GLY E 167 15.97 25.64 47.01
N LEU E 168 15.49 26.23 48.10
CA LEU E 168 14.15 25.97 48.58
C LEU E 168 13.11 26.59 47.66
N ALA E 169 13.37 27.83 47.25
CA ALA E 169 12.50 28.50 46.30
C ALA E 169 12.60 27.84 44.92
N TYR E 170 13.81 27.46 44.54
CA TYR E 170 14.05 26.85 43.24
C TYR E 170 13.31 25.52 43.12
N TYR E 171 13.28 24.76 44.21
CA TYR E 171 12.58 23.48 44.22
C TYR E 171 11.10 23.64 43.93
N HIS E 172 10.45 24.52 44.69
CA HIS E 172 9.00 24.64 44.66
C HIS E 172 8.46 25.34 43.41
N ILE E 173 9.35 25.89 42.59
CA ILE E 173 8.92 26.53 41.36
C ILE E 173 9.30 25.72 40.12
N THR E 174 9.87 24.55 40.34
CA THR E 174 10.28 23.68 39.23
C THR E 174 9.65 22.30 39.31
N ILE E 175 9.87 21.62 40.43
CA ILE E 175 9.47 20.23 40.59
C ILE E 175 7.95 19.96 40.49
N PRO E 176 7.11 20.84 41.07
CA PRO E 176 5.67 20.56 40.92
C PRO E 176 5.18 20.51 39.46
N TYR E 177 5.94 21.09 38.53
CA TYR E 177 5.55 21.09 37.13
C TYR E 177 6.26 19.97 36.35
N ILE E 178 7.11 19.22 37.04
CA ILE E 178 7.78 18.08 36.45
C ILE E 178 6.86 16.86 36.50
N TYR E 179 6.04 16.79 37.55
CA TYR E 179 5.11 15.69 37.72
C TYR E 179 3.67 16.17 37.63
N SER E 180 2.78 15.29 37.20
CA SER E 180 1.35 15.60 37.16
C SER E 180 0.80 15.78 38.57
N PRO E 181 -0.21 16.64 38.72
CA PRO E 181 -0.83 16.88 40.02
C PRO E 181 -1.37 15.60 40.67
N GLN E 182 -1.87 14.67 39.86
CA GLN E 182 -2.37 13.41 40.37
C GLN E 182 -1.23 12.58 40.99
N PHE E 183 -0.11 12.52 40.27
CA PHE E 183 1.04 11.76 40.71
C PHE E 183 1.70 12.37 41.94
N TYR E 184 1.83 13.69 41.94
CA TYR E 184 2.44 14.41 43.04
C TYR E 184 1.64 14.24 44.33
N THR E 185 0.32 14.19 44.19
CA THR E 185 -0.56 13.99 45.34
C THR E 185 -0.55 12.53 45.80
N LEU E 186 -0.69 11.62 44.84
CA LEU E 186 -0.76 10.19 45.15
C LEU E 186 0.54 9.69 45.78
N HIS E 187 1.67 10.12 45.25
CA HIS E 187 2.97 9.70 45.77
C HIS E 187 3.66 10.84 46.49
N ASN E 188 2.93 11.49 47.38
CA ASN E 188 3.46 12.64 48.12
C ASN E 188 4.57 12.22 49.07
N ASP E 189 4.47 11.00 49.59
CA ASP E 189 5.54 10.45 50.43
C ASP E 189 6.83 10.38 49.64
N TRP E 190 6.72 9.88 48.41
CA TRP E 190 7.85 9.76 47.50
C TRP E 190 8.42 11.13 47.15
N MET E 191 7.58 12.16 47.23
CA MET E 191 8.00 13.53 46.94
C MET E 191 8.73 14.16 48.12
N GLU E 192 8.10 14.13 49.29
CA GLU E 192 8.66 14.73 50.49
C GLU E 192 10.01 14.13 50.87
N LYS E 193 10.15 12.84 50.60
CA LYS E 193 11.40 12.14 50.89
C LYS E 193 12.54 12.67 50.02
N ARG E 194 12.33 12.71 48.71
CA ARG E 194 13.33 13.24 47.79
C ARG E 194 13.51 14.75 47.97
N LYS E 195 12.47 15.39 48.48
CA LYS E 195 12.47 16.83 48.69
C LYS E 195 13.58 17.29 49.64
N GLU E 196 13.79 16.52 50.71
CA GLU E 196 14.79 16.88 51.71
C GLU E 196 16.21 16.65 51.20
N LEU E 197 16.32 16.10 49.99
CA LEU E 197 17.61 15.88 49.36
C LEU E 197 17.78 16.80 48.16
N LEU E 198 16.67 17.06 47.47
CA LEU E 198 16.68 17.94 46.31
C LEU E 198 16.95 19.38 46.71
N VAL E 199 16.34 19.81 47.82
CA VAL E 199 16.51 21.18 48.30
C VAL E 199 17.97 21.52 48.65
N PRO E 200 18.67 20.66 49.42
CA PRO E 200 20.08 20.98 49.64
C PRO E 200 20.91 20.94 48.36
N LEU E 201 20.56 20.03 47.45
CA LEU E 201 21.26 19.94 46.17
C LEU E 201 20.92 21.15 45.30
N PHE E 202 19.66 21.58 45.32
CA PHE E 202 19.23 22.75 44.56
C PHE E 202 19.80 24.02 45.17
N SER E 203 20.34 23.93 46.37
CA SER E 203 20.89 25.09 47.07
C SER E 203 22.38 25.27 46.79
N THR E 204 22.98 24.30 46.12
CA THR E 204 24.40 24.38 45.78
C THR E 204 24.59 25.27 44.56
N ARG E 205 25.62 26.12 44.61
CA ARG E 205 25.88 27.07 43.54
C ARG E 205 26.31 26.37 42.25
N THR E 206 26.97 25.22 42.39
CA THR E 206 27.43 24.46 41.24
C THR E 206 26.26 23.95 40.41
N PHE E 207 25.26 23.38 41.07
CA PHE E 207 24.07 22.88 40.41
C PHE E 207 23.31 24.00 39.71
N LEU E 208 23.13 25.11 40.42
CA LEU E 208 22.36 26.22 39.90
C LEU E 208 23.03 26.90 38.71
N ASP E 209 24.35 27.04 38.76
CA ASP E 209 25.10 27.63 37.65
C ASP E 209 25.01 26.76 36.41
N ARG E 210 24.99 25.44 36.62
CA ARG E 210 24.84 24.50 35.52
C ARG E 210 23.44 24.59 34.92
N MET E 211 22.45 24.74 35.79
CA MET E 211 21.04 24.80 35.35
C MET E 211 20.76 26.03 34.50
N ILE E 212 21.25 27.18 34.96
CA ILE E 212 21.04 28.44 34.26
C ILE E 212 21.58 28.39 32.83
N ARG E 213 22.80 27.89 32.70
CA ARG E 213 23.46 27.82 31.40
C ARG E 213 22.81 26.79 30.49
N LEU E 214 22.31 25.71 31.07
CA LEU E 214 21.59 24.70 30.30
C LEU E 214 20.23 25.25 29.86
N THR E 215 19.62 26.04 30.74
CA THR E 215 18.32 26.63 30.45
C THR E 215 18.44 27.68 29.35
N LYS E 216 19.51 28.47 29.39
CA LYS E 216 19.76 29.48 28.37
C LYS E 216 20.01 28.85 27.01
N SER E 217 20.62 27.67 27.01
CA SER E 217 20.92 26.97 25.77
C SER E 217 19.65 26.49 25.07
N ALA E 218 18.60 26.28 25.85
CA ALA E 218 17.34 25.77 25.33
C ALA E 218 16.49 26.88 24.71
N GLU E 219 16.93 28.13 24.88
CA GLU E 219 16.21 29.27 24.33
C GLU E 219 16.22 29.27 22.81
N THR E 220 17.33 28.81 22.23
CA THR E 220 17.51 28.87 20.78
C THR E 220 17.05 27.60 20.08
N HIS E 221 16.28 26.77 20.78
CA HIS E 221 15.76 25.55 20.19
C HIS E 221 14.73 25.85 19.11
N ASP E 222 15.05 25.48 17.87
CA ASP E 222 14.17 25.71 16.74
C ASP E 222 14.50 24.74 15.61
N VAL E 223 13.68 23.70 15.46
CA VAL E 223 13.89 22.72 14.39
C VAL E 223 12.68 22.64 13.47
N ILE E 224 11.83 23.66 13.54
CA ILE E 224 10.61 23.72 12.73
C ILE E 224 10.93 23.61 11.24
N LYS E 225 11.96 24.32 10.80
CA LYS E 225 12.37 24.30 9.40
C LYS E 225 12.98 22.96 9.01
N ASP E 226 13.33 22.15 10.00
CA ASP E 226 14.01 20.89 9.76
C ASP E 226 13.04 19.70 9.76
N LEU E 227 11.89 19.86 10.39
CA LEU E 227 10.91 18.78 10.53
C LEU E 227 10.49 18.14 9.20
N PRO E 228 10.16 18.94 8.18
CA PRO E 228 9.76 18.29 6.92
C PRO E 228 10.92 17.62 6.19
N ASN E 229 12.11 17.62 6.78
CA ASN E 229 13.28 17.00 6.16
C ASN E 229 13.80 15.81 6.96
N ILE E 230 13.26 15.63 8.17
CA ILE E 230 13.67 14.53 9.03
C ILE E 230 12.97 13.24 8.61
N LYS E 231 13.74 12.31 8.06
CA LYS E 231 13.21 11.05 7.56
C LYS E 231 13.20 9.98 8.64
N THR E 232 13.84 10.27 9.76
CA THR E 232 14.01 9.31 10.84
C THR E 232 12.69 8.82 11.43
N PRO E 233 12.49 7.50 11.42
CA PRO E 233 11.31 6.87 12.05
C PRO E 233 11.21 7.23 13.52
N THR E 234 10.25 8.09 13.86
CA THR E 234 10.18 8.66 15.20
C THR E 234 8.90 8.27 15.94
N LEU E 235 9.03 7.96 17.22
CA LEU E 235 7.88 7.72 18.08
C LEU E 235 7.78 8.82 19.14
N ILE E 236 6.69 9.57 19.11
CA ILE E 236 6.52 10.69 20.02
C ILE E 236 5.65 10.33 21.22
N ILE E 237 6.18 10.53 22.42
CA ILE E 237 5.43 10.29 23.65
C ILE E 237 4.94 11.61 24.22
N SER E 238 3.65 11.70 24.50
CA SER E 238 3.05 12.92 25.02
C SER E 238 2.28 12.66 26.32
N SER E 239 2.50 13.51 27.31
CA SER E 239 1.79 13.42 28.58
C SER E 239 0.65 14.45 28.62
N GLU E 240 -0.57 13.98 28.89
CA GLU E 240 -1.74 14.85 28.88
C GLU E 240 -1.65 15.95 29.93
N GLU E 241 -1.12 15.62 31.09
CA GLU E 241 -1.00 16.58 32.18
C GLU E 241 0.40 17.19 32.25
N ASP E 242 1.08 17.25 31.11
CA ASP E 242 2.38 17.89 31.02
C ASP E 242 2.20 19.41 31.00
N TYR E 243 2.78 20.09 31.98
CA TYR E 243 2.61 21.52 32.12
C TYR E 243 3.89 22.28 31.77
N LEU E 244 4.76 21.64 31.01
CA LEU E 244 6.02 22.24 30.61
C LEU E 244 6.18 22.18 29.08
N THR E 245 6.04 20.98 28.54
CA THR E 245 6.00 20.77 27.10
C THR E 245 4.65 20.15 26.73
N PRO E 246 3.59 20.97 26.71
CA PRO E 246 2.20 20.55 26.57
C PRO E 246 1.94 19.68 25.34
N PRO E 247 0.90 18.83 25.40
CA PRO E 247 0.52 17.90 24.33
C PRO E 247 0.37 18.53 22.94
N PHE E 248 -0.02 19.80 22.86
CA PHE E 248 -0.22 20.42 21.55
C PHE E 248 1.12 20.62 20.84
N GLU E 249 2.20 20.71 21.62
CA GLU E 249 3.53 20.83 21.05
C GLU E 249 3.98 19.49 20.45
N GLN E 250 3.48 18.39 20.99
CA GLN E 250 3.75 17.07 20.44
C GLN E 250 2.84 16.80 19.26
N LYS E 251 1.67 17.45 19.27
CA LYS E 251 0.72 17.33 18.17
C LYS E 251 1.29 17.99 16.92
N TYR E 252 1.95 19.14 17.11
CA TYR E 252 2.58 19.85 16.02
C TYR E 252 3.73 19.05 15.44
N LEU E 253 4.50 18.40 16.31
CA LEU E 253 5.67 17.62 15.91
C LEU E 253 5.28 16.45 15.02
N GLN E 254 4.25 15.70 15.42
CA GLN E 254 3.82 14.53 14.69
C GLN E 254 3.33 14.88 13.29
N GLU E 255 2.71 16.04 13.16
CA GLU E 255 2.14 16.48 11.89
C GLU E 255 3.22 16.80 10.85
N HIS E 256 4.24 17.54 11.28
CA HIS E 256 5.24 18.05 10.35
C HIS E 256 6.44 17.11 10.20
N LEU E 257 6.48 16.05 11.00
CA LEU E 257 7.48 15.00 10.81
C LEU E 257 6.90 13.94 9.87
N GLN E 258 7.71 13.50 8.93
CA GLN E 258 7.25 12.61 7.86
C GLN E 258 6.84 11.23 8.36
N ASN E 259 7.72 10.60 9.14
CA ASN E 259 7.46 9.25 9.64
C ASN E 259 7.39 9.21 11.16
N ALA E 260 6.57 10.09 11.73
CA ALA E 260 6.44 10.16 13.18
C ALA E 260 5.16 9.49 13.67
N GLU E 261 5.29 8.78 14.78
CA GLU E 261 4.14 8.17 15.44
C GLU E 261 3.85 8.94 16.72
N LEU E 262 2.64 8.83 17.24
CA LEU E 262 2.27 9.58 18.43
C LEU E 262 1.38 8.80 19.39
N VAL E 263 1.77 8.76 20.65
CA VAL E 263 0.97 8.18 21.71
C VAL E 263 0.68 9.23 22.77
N SER E 264 -0.25 8.92 23.68
CA SER E 264 -0.59 9.84 24.75
C SER E 264 -0.74 9.09 26.07
N ILE E 265 -0.17 9.64 27.13
CA ILE E 265 -0.21 9.00 28.44
C ILE E 265 -1.09 9.79 29.40
N PRO E 266 -2.31 9.28 29.66
CA PRO E 266 -3.29 9.93 30.54
C PRO E 266 -2.80 10.08 31.98
N ASN E 267 -3.18 11.19 32.62
CA ASN E 267 -2.83 11.46 34.02
C ASN E 267 -1.33 11.40 34.29
N CYS E 268 -0.55 11.83 33.30
CA CYS E 268 0.91 11.80 33.42
C CYS E 268 1.51 13.18 33.18
N GLY E 269 2.61 13.47 33.87
CA GLY E 269 3.25 14.77 33.78
C GLY E 269 4.50 14.78 32.94
N HIS E 270 5.29 15.85 33.07
CA HIS E 270 6.50 16.05 32.28
C HIS E 270 7.53 14.94 32.51
N ALA E 271 7.47 14.29 33.67
CA ALA E 271 8.38 13.18 33.98
C ALA E 271 7.71 11.84 33.71
N SER E 272 7.54 11.50 32.43
CA SER E 272 6.91 10.25 32.03
C SER E 272 7.72 9.05 32.50
N MET E 273 9.03 9.20 32.42
CA MET E 273 9.99 8.23 32.91
C MET E 273 9.73 7.68 34.33
N TYR E 274 9.45 8.54 35.31
CA TYR E 274 9.22 8.06 36.68
C TYR E 274 7.74 7.72 36.97
N GLU E 275 6.82 8.40 36.30
CA GLU E 275 5.40 8.18 36.53
C GLU E 275 4.91 6.86 35.92
N VAL E 276 5.27 6.61 34.67
CA VAL E 276 4.89 5.37 33.99
C VAL E 276 6.09 4.64 33.38
N PRO E 277 6.92 4.04 34.25
CA PRO E 277 8.15 3.39 33.78
C PRO E 277 7.88 2.14 32.94
N LYS E 278 6.78 1.45 33.21
CA LYS E 278 6.42 0.27 32.43
C LYS E 278 6.04 0.66 31.02
N THR E 279 5.29 1.76 30.90
CA THR E 279 4.84 2.26 29.61
C THR E 279 6.00 2.84 28.81
N PHE E 280 6.83 3.63 29.47
CA PHE E 280 7.99 4.25 28.84
C PHE E 280 8.90 3.21 28.22
N THR E 281 9.14 2.13 28.97
CA THR E 281 9.99 1.04 28.51
C THR E 281 9.33 0.28 27.37
N ALA E 282 8.04 0.06 27.47
CA ALA E 282 7.28 -0.67 26.46
C ALA E 282 7.32 0.05 25.11
N LEU E 283 7.20 1.37 25.16
CA LEU E 283 7.23 2.18 23.94
C LEU E 283 8.62 2.21 23.32
N VAL E 284 9.65 2.37 24.15
CA VAL E 284 11.02 2.47 23.68
C VAL E 284 11.52 1.13 23.13
N LEU E 285 11.43 0.07 23.94
CA LEU E 285 11.90 -1.25 23.52
C LEU E 285 11.04 -1.82 22.40
N GLY E 286 9.75 -1.47 22.41
CA GLY E 286 8.84 -1.94 21.39
C GLY E 286 9.13 -1.33 20.03
N PHE E 287 9.37 -0.02 20.02
CA PHE E 287 9.63 0.69 18.78
C PHE E 287 10.99 0.32 18.19
N PHE E 288 12.02 0.25 19.04
CA PHE E 288 13.36 -0.13 18.60
C PHE E 288 13.43 -1.63 18.30
N GLY E 289 12.56 -2.40 18.93
CA GLY E 289 12.59 -3.85 18.81
C GLY E 289 11.89 -4.41 17.59
N GLN E 290 10.98 -3.63 17.02
CA GLN E 290 10.27 -4.06 15.81
C GLN E 290 11.23 -4.38 14.67
N THR E 291 11.10 -5.59 14.12
CA THR E 291 11.92 -5.99 12.99
C THR E 291 11.55 -5.15 11.76
N LYS E 292 10.24 -4.97 11.54
CA LYS E 292 9.76 -4.18 10.42
C LYS E 292 8.81 -3.08 10.88
N LEU E 293 8.84 -1.95 10.18
CA LEU E 293 7.93 -0.84 10.46
C LEU E 293 6.86 -0.75 9.39
N ASP E 294 7.16 -1.27 8.20
CA ASP E 294 6.19 -1.29 7.11
C ASP E 294 5.19 -2.42 7.30
N TYR E 295 3.91 -2.09 7.28
CA TYR E 295 2.86 -3.08 7.42
C TYR E 295 1.98 -3.14 6.18
N GLN E 296 1.64 -4.36 5.77
CA GLN E 296 0.75 -4.55 4.63
C GLN E 296 -0.71 -4.52 5.07
N ILE E 297 -1.11 -3.37 5.61
CA ILE E 297 -2.46 -3.17 6.12
C ILE E 297 -3.18 -2.07 5.35
N SER F 23 -48.89 29.49 12.99
CA SER F 23 -49.77 29.59 11.84
C SER F 23 -49.13 28.97 10.60
N ILE F 24 -49.62 29.35 9.42
CA ILE F 24 -49.12 28.80 8.16
C ILE F 24 -48.59 29.88 7.24
N PHE F 25 -47.32 29.76 6.87
CA PHE F 25 -46.74 30.64 5.86
C PHE F 25 -46.73 29.93 4.50
N THR F 26 -47.61 30.35 3.61
CA THR F 26 -47.70 29.75 2.28
C THR F 26 -46.55 30.22 1.41
N TYR F 27 -45.48 29.45 1.38
CA TYR F 27 -44.31 29.77 0.59
C TYR F 27 -44.28 28.82 -0.55
N GLN F 28 -43.95 29.34 -1.71
CA GLN F 28 -44.10 28.58 -2.92
C GLN F 28 -45.57 28.20 -3.02
N GLU F 29 -45.87 26.95 -3.31
CA GLU F 29 -47.23 26.50 -3.26
C GLU F 29 -47.43 25.51 -2.13
N LYS F 30 -46.44 25.38 -1.26
CA LYS F 30 -46.51 24.41 -0.18
C LYS F 30 -46.63 25.13 1.13
N ASP F 31 -47.20 24.48 2.13
CA ASP F 31 -47.48 25.11 3.41
C ASP F 31 -46.31 24.98 4.39
N ILE F 32 -45.90 26.09 4.98
CA ILE F 32 -44.82 26.09 5.96
C ILE F 32 -45.32 26.49 7.34
N TYR F 33 -45.21 25.57 8.30
CA TYR F 33 -45.71 25.81 9.65
C TYR F 33 -44.67 26.53 10.50
N TYR F 34 -45.13 27.53 11.25
CA TYR F 34 -44.25 28.26 12.15
C TYR F 34 -44.98 28.64 13.44
N GLU F 35 -44.21 28.90 14.50
CA GLU F 35 -44.77 29.33 15.77
C GLU F 35 -44.08 30.59 16.28
N ILE F 36 -44.86 31.50 16.84
CA ILE F 36 -44.33 32.73 17.41
C ILE F 36 -44.77 32.89 18.87
N ASP F 37 -43.81 32.88 19.78
CA ASP F 37 -44.10 33.08 21.19
C ASP F 37 -43.68 34.47 21.63
N GLY F 38 -44.65 35.23 22.13
CA GLY F 38 -44.44 36.63 22.45
C GLY F 38 -45.04 37.48 21.35
N THR F 39 -45.32 38.75 21.59
CA THR F 39 -45.88 39.58 20.53
C THR F 39 -44.81 40.21 19.70
N LEU F 40 -44.94 40.08 18.39
CA LEU F 40 -43.87 40.47 17.49
C LEU F 40 -44.20 41.67 16.73
N ASP F 41 -43.35 42.65 16.85
CA ASP F 41 -43.44 43.81 16.04
C ASP F 41 -42.04 44.34 16.20
N ILE F 42 -41.65 45.27 15.34
CA ILE F 42 -40.27 45.46 14.91
C ILE F 42 -39.31 45.89 16.00
N ASN F 43 -39.79 46.28 17.16
CA ASN F 43 -38.85 46.66 18.21
C ASN F 43 -37.94 45.55 18.79
N SER F 44 -38.48 44.37 19.06
CA SER F 44 -37.75 43.35 19.83
C SER F 44 -36.74 42.53 19.10
N ASP F 45 -35.81 41.98 19.87
CA ASP F 45 -34.80 41.04 19.39
C ASP F 45 -35.40 39.65 19.21
N VAL F 46 -35.41 39.17 17.97
CA VAL F 46 -35.99 37.89 17.65
C VAL F 46 -34.98 36.75 17.76
N ILE F 47 -35.38 35.65 18.37
CA ILE F 47 -34.57 34.44 18.39
C ILE F 47 -35.20 33.39 17.49
N VAL F 48 -34.51 33.05 16.40
CA VAL F 48 -35.00 32.06 15.47
C VAL F 48 -34.30 30.71 15.68
N ILE F 49 -35.08 29.67 15.91
CA ILE F 49 -34.53 28.34 16.14
C ILE F 49 -34.54 27.52 14.86
N LEU F 50 -33.36 27.04 14.47
CA LEU F 50 -33.22 26.20 13.29
C LEU F 50 -33.11 24.73 13.72
N ASN F 51 -34.13 23.95 13.39
CA ASN F 51 -34.28 22.59 13.90
C ASN F 51 -33.24 21.60 13.40
N GLY F 52 -33.05 20.51 14.16
CA GLY F 52 -32.24 19.40 13.72
C GLY F 52 -32.99 18.60 12.68
N ILE F 53 -32.34 17.58 12.12
CA ILE F 53 -32.93 16.85 11.01
C ILE F 53 -34.15 16.01 11.44
N MET F 54 -34.24 15.71 12.73
CA MET F 54 -35.36 14.89 13.24
C MET F 54 -36.31 15.69 14.11
N MET F 55 -36.15 17.01 14.14
CA MET F 55 -36.90 17.83 15.09
C MET F 55 -38.00 18.66 14.45
N SER F 56 -39.00 18.99 15.26
CA SER F 56 -40.04 19.94 14.88
C SER F 56 -40.08 21.08 15.88
N THR F 57 -41.05 21.98 15.73
CA THR F 57 -41.18 23.10 16.63
C THR F 57 -41.52 22.66 18.05
N LYS F 58 -42.26 21.56 18.16
CA LYS F 58 -42.70 21.05 19.44
C LYS F 58 -41.56 20.43 20.24
N SER F 59 -40.42 20.21 19.56
CA SER F 59 -39.26 19.60 20.20
C SER F 59 -38.46 20.62 21.00
N TRP F 60 -38.87 21.89 20.89
CA TRP F 60 -38.20 22.97 21.61
C TRP F 60 -39.12 23.58 22.66
N ASP F 61 -40.22 22.89 22.96
CA ASP F 61 -41.22 23.39 23.90
C ASP F 61 -40.65 23.68 25.28
N ALA F 62 -39.75 22.81 25.74
CA ALA F 62 -39.16 22.94 27.06
C ALA F 62 -38.27 24.18 27.18
N PHE F 63 -37.93 24.77 26.03
CA PHE F 63 -37.05 25.93 26.01
C PHE F 63 -37.80 27.23 25.79
N VAL F 64 -39.09 27.12 25.44
CA VAL F 64 -39.89 28.29 25.07
C VAL F 64 -39.97 29.35 26.16
N GLU F 65 -40.23 28.93 27.39
CA GLU F 65 -40.39 29.87 28.49
C GLU F 65 -39.15 30.72 28.74
N ASN F 66 -37.97 30.11 28.66
CA ASN F 66 -36.72 30.83 28.86
C ASN F 66 -36.32 31.66 27.64
N PHE F 67 -36.57 31.11 26.46
CA PHE F 67 -36.16 31.74 25.20
C PHE F 67 -37.04 32.91 24.81
N SER F 68 -38.23 33.00 25.40
CA SER F 68 -39.20 34.02 25.02
C SER F 68 -39.53 35.00 26.14
N LYS F 69 -38.67 35.05 27.16
CA LYS F 69 -38.91 35.96 28.28
C LYS F 69 -38.47 37.37 27.93
N ASN F 70 -37.28 37.49 27.34
CA ASN F 70 -36.76 38.78 26.91
C ASN F 70 -36.55 38.83 25.40
N HIS F 71 -37.12 37.87 24.70
CA HIS F 71 -37.01 37.80 23.26
C HIS F 71 -38.31 37.34 22.61
N VAL F 72 -38.43 37.60 21.32
CA VAL F 72 -39.53 37.05 20.56
C VAL F 72 -39.08 35.77 19.85
N LEU F 73 -39.58 34.63 20.32
CA LEU F 73 -39.14 33.35 19.80
C LEU F 73 -39.85 32.98 18.50
N LEU F 74 -39.07 32.53 17.53
CA LEU F 74 -39.61 32.07 16.25
C LEU F 74 -39.16 30.65 15.93
N ARG F 75 -40.11 29.73 15.92
CA ARG F 75 -39.84 28.35 15.54
C ARG F 75 -40.56 28.04 14.24
N TYR F 76 -39.98 27.17 13.42
CA TYR F 76 -40.61 26.76 12.17
C TYR F 76 -40.09 25.41 11.70
N ASP F 77 -41.00 24.59 11.19
CA ASP F 77 -40.63 23.34 10.57
C ASP F 77 -40.21 23.59 9.14
N MET F 78 -39.02 23.10 8.77
CA MET F 78 -38.51 23.27 7.42
C MET F 78 -39.23 22.33 6.45
N PHE F 79 -38.85 22.38 5.18
CA PHE F 79 -39.42 21.46 4.21
C PHE F 79 -39.17 20.01 4.63
N ASP F 80 -40.18 19.16 4.44
CA ASP F 80 -40.14 17.76 4.87
C ASP F 80 -40.02 17.60 6.38
N GLN F 81 -40.29 18.66 7.13
CA GLN F 81 -40.23 18.60 8.59
C GLN F 81 -41.58 18.85 9.23
N GLY F 82 -41.89 18.05 10.25
CA GLY F 82 -43.07 18.23 11.08
C GLY F 82 -44.38 18.49 10.36
N GLN F 83 -44.92 19.67 10.58
CA GLN F 83 -46.23 20.03 10.05
C GLN F 83 -46.12 20.93 8.82
N SER F 84 -44.91 21.03 8.28
CA SER F 84 -44.70 21.76 7.02
C SER F 84 -44.85 20.78 5.86
N SER F 85 -45.19 21.32 4.69
CA SER F 85 -45.42 20.49 3.52
C SER F 85 -44.15 19.76 3.07
N LYS F 86 -44.34 18.73 2.27
CA LYS F 86 -43.25 17.88 1.82
C LYS F 86 -42.73 18.33 0.46
N ILE F 87 -41.48 18.00 0.18
CA ILE F 87 -40.88 18.24 -1.12
C ILE F 87 -40.51 16.90 -1.75
N GLU F 88 -41.26 16.50 -2.77
CA GLU F 88 -41.05 15.19 -3.39
C GLU F 88 -40.16 15.27 -4.63
N GLU F 89 -39.25 16.25 -4.65
CA GLU F 89 -38.27 16.38 -5.72
C GLU F 89 -36.86 16.36 -5.13
N SER F 90 -35.86 16.36 -5.99
CA SER F 90 -34.47 16.40 -5.55
C SER F 90 -34.09 17.82 -5.14
N TYR F 91 -33.59 17.98 -3.92
CA TYR F 91 -33.23 19.29 -3.43
C TYR F 91 -32.00 19.26 -2.52
N THR F 92 -31.28 20.37 -2.48
CA THR F 92 -30.17 20.54 -1.55
C THR F 92 -30.63 21.35 -0.35
N GLN F 93 -29.67 21.82 0.45
CA GLN F 93 -30.00 22.61 1.63
C GLN F 93 -30.29 24.07 1.29
N THR F 94 -30.15 24.42 0.02
CA THR F 94 -30.37 25.78 -0.44
C THR F 94 -31.83 26.20 -0.28
N ILE F 95 -32.75 25.29 -0.62
CA ILE F 95 -34.18 25.59 -0.54
C ILE F 95 -34.63 25.81 0.91
N GLN F 96 -33.80 25.37 1.85
CA GLN F 96 -34.06 25.61 3.26
C GLN F 96 -33.54 26.99 3.67
N VAL F 97 -32.43 27.39 3.05
CA VAL F 97 -31.84 28.70 3.32
C VAL F 97 -32.76 29.81 2.81
N GLU F 98 -33.24 29.65 1.58
CA GLU F 98 -34.16 30.63 0.99
C GLU F 98 -35.50 30.61 1.71
N LEU F 99 -35.84 29.47 2.29
CA LEU F 99 -37.05 29.35 3.10
C LEU F 99 -36.94 30.26 4.32
N LEU F 100 -35.79 30.23 4.97
CA LEU F 100 -35.54 31.03 6.16
C LEU F 100 -35.62 32.52 5.86
N LYS F 101 -35.01 32.94 4.75
CA LYS F 101 -34.99 34.34 4.36
C LYS F 101 -36.39 34.87 4.09
N ASN F 102 -37.15 34.12 3.30
CA ASN F 102 -38.49 34.53 2.89
C ASN F 102 -39.52 34.42 4.01
N LEU F 103 -39.25 33.56 4.99
CA LEU F 103 -40.11 33.46 6.17
C LEU F 103 -39.92 34.69 7.05
N LEU F 104 -38.67 35.11 7.22
CA LEU F 104 -38.35 36.29 8.02
C LEU F 104 -38.91 37.56 7.38
N GLU F 105 -38.80 37.64 6.06
CA GLU F 105 -39.33 38.78 5.33
C GLU F 105 -40.85 38.81 5.41
N HIS F 106 -41.45 37.62 5.45
CA HIS F 106 -42.90 37.49 5.56
C HIS F 106 -43.41 38.06 6.88
N LEU F 107 -42.67 37.77 7.95
CA LEU F 107 -43.06 38.22 9.28
C LEU F 107 -42.54 39.63 9.57
N GLY F 108 -41.76 40.17 8.64
CA GLY F 108 -41.21 41.51 8.78
C GLY F 108 -39.97 41.55 9.64
N ILE F 109 -39.35 40.38 9.83
CA ILE F 109 -38.12 40.28 10.61
C ILE F 109 -36.91 40.60 9.73
N ALA F 110 -36.37 41.80 9.91
CA ALA F 110 -35.24 42.25 9.10
C ALA F 110 -33.92 41.74 9.66
N GLN F 111 -33.92 41.45 10.96
CA GLN F 111 -32.69 41.08 11.65
C GLN F 111 -33.00 40.25 12.89
N ALA F 112 -32.30 39.12 13.04
CA ALA F 112 -32.62 38.18 14.10
C ALA F 112 -31.43 37.36 14.58
N ASN F 113 -31.54 36.88 15.83
CA ASN F 113 -30.56 35.96 16.40
C ASN F 113 -30.87 34.53 15.99
N ILE F 114 -29.91 33.88 15.33
CA ILE F 114 -30.12 32.54 14.81
C ILE F 114 -29.40 31.47 15.61
N VAL F 115 -30.18 30.53 16.16
CA VAL F 115 -29.62 29.38 16.86
C VAL F 115 -29.98 28.09 16.11
N GLY F 116 -28.96 27.39 15.63
CA GLY F 116 -29.16 26.16 14.89
C GLY F 116 -28.37 25.01 15.47
N ILE F 117 -28.93 23.80 15.39
CA ILE F 117 -28.25 22.61 15.87
C ILE F 117 -28.30 21.52 14.82
N SER F 118 -27.18 20.80 14.68
CA SER F 118 -27.06 19.71 13.70
C SER F 118 -27.38 20.17 12.28
N TYR F 119 -28.53 19.74 11.77
CA TYR F 119 -28.97 20.08 10.43
C TYR F 119 -29.24 21.58 10.30
N GLY F 120 -29.89 22.14 11.30
CA GLY F 120 -30.21 23.56 11.31
C GLY F 120 -28.97 24.44 11.45
N ALA F 121 -27.95 23.91 12.12
CA ALA F 121 -26.69 24.62 12.27
C ALA F 121 -26.00 24.76 10.92
N SER F 122 -26.16 23.74 10.07
CA SER F 122 -25.61 23.78 8.73
C SER F 122 -26.35 24.80 7.87
N ILE F 123 -27.65 24.92 8.11
CA ILE F 123 -28.48 25.90 7.42
C ILE F 123 -28.08 27.31 7.85
N ALA F 124 -27.77 27.46 9.13
CA ALA F 124 -27.36 28.75 9.68
C ALA F 124 -26.07 29.24 9.04
N LEU F 125 -25.09 28.36 8.90
CA LEU F 125 -23.81 28.71 8.29
C LEU F 125 -23.98 29.13 6.84
N GLN F 126 -24.83 28.42 6.11
CA GLN F 126 -25.14 28.78 4.73
C GLN F 126 -25.86 30.11 4.67
N PHE F 127 -26.81 30.30 5.59
CA PHE F 127 -27.60 31.53 5.64
C PHE F 127 -26.72 32.73 5.99
N ALA F 128 -25.72 32.50 6.84
CA ALA F 128 -24.80 33.56 7.23
C ALA F 128 -23.81 33.85 6.10
N ALA F 129 -23.66 32.90 5.19
CA ALA F 129 -22.75 33.05 4.06
C ALA F 129 -23.42 33.78 2.91
N LYS F 130 -24.75 33.82 2.92
CA LYS F 130 -25.51 34.41 1.83
C LYS F 130 -26.22 35.69 2.27
N TYR F 131 -26.79 35.67 3.47
CA TYR F 131 -27.48 36.83 4.01
C TYR F 131 -27.01 37.17 5.42
N PRO F 132 -25.81 37.76 5.53
CA PRO F 132 -25.26 38.12 6.85
C PRO F 132 -25.94 39.34 7.48
N THR F 133 -26.54 40.18 6.65
CA THR F 133 -27.18 41.40 7.14
C THR F 133 -28.53 41.11 7.81
N MET F 134 -28.94 39.85 7.77
CA MET F 134 -30.19 39.45 8.42
C MET F 134 -29.92 38.74 9.75
N ILE F 135 -28.65 38.65 10.12
CA ILE F 135 -28.25 38.01 11.37
C ILE F 135 -27.56 38.98 12.31
N LYS F 136 -27.96 38.98 13.58
CA LYS F 136 -27.27 39.74 14.60
C LYS F 136 -26.11 38.91 15.12
N ARG F 137 -26.45 37.89 15.91
CA ARG F 137 -25.47 36.95 16.41
C ARG F 137 -25.93 35.53 16.11
N MET F 138 -25.02 34.57 16.22
CA MET F 138 -25.30 33.21 15.81
C MET F 138 -24.76 32.19 16.82
N VAL F 139 -25.50 31.12 17.04
CA VAL F 139 -25.04 30.01 17.87
C VAL F 139 -25.29 28.69 17.16
N VAL F 140 -24.21 27.95 16.88
CA VAL F 140 -24.32 26.66 16.22
C VAL F 140 -23.78 25.54 17.11
N ALA F 141 -24.58 24.49 17.26
CA ALA F 141 -24.22 23.37 18.12
C ALA F 141 -24.16 22.07 17.34
N ASN F 142 -23.10 21.29 17.58
CA ASN F 142 -22.89 20.02 16.91
C ASN F 142 -22.93 20.19 15.39
N VAL F 143 -21.98 20.94 14.88
CA VAL F 143 -22.03 21.43 13.50
C VAL F 143 -20.71 21.20 12.75
N VAL F 144 -20.81 20.83 11.48
CA VAL F 144 -19.64 20.70 10.63
C VAL F 144 -19.65 21.80 9.57
N ALA F 145 -18.48 22.08 8.99
CA ALA F 145 -18.39 23.05 7.91
C ALA F 145 -18.64 22.37 6.57
N LYS F 146 -18.48 21.05 6.55
CA LYS F 146 -18.65 20.26 5.34
C LYS F 146 -18.97 18.81 5.68
N THR F 147 -19.88 18.21 4.92
CA THR F 147 -20.22 16.80 5.11
C THR F 147 -19.08 15.92 4.59
N SER F 148 -18.31 15.37 5.51
CA SER F 148 -17.19 14.51 5.17
C SER F 148 -17.68 13.20 4.54
N PRO F 149 -16.80 12.53 3.75
CA PRO F 149 -17.12 11.21 3.20
C PRO F 149 -17.53 10.21 4.27
N TRP F 150 -16.96 10.36 5.47
CA TRP F 150 -17.34 9.52 6.60
C TRP F 150 -18.79 9.75 7.00
N LEU F 151 -19.14 11.01 7.20
CA LEU F 151 -20.50 11.38 7.59
C LEU F 151 -21.49 11.11 6.46
N LYS F 152 -21.01 11.16 5.22
CA LYS F 152 -21.84 10.90 4.06
C LYS F 152 -22.25 9.43 4.01
N ASP F 153 -21.30 8.54 4.28
CA ASP F 153 -21.55 7.11 4.25
C ASP F 153 -22.49 6.69 5.39
N ILE F 154 -22.48 7.43 6.48
CA ILE F 154 -23.42 7.20 7.57
C ILE F 154 -24.82 7.61 7.13
N GLY F 155 -24.89 8.68 6.34
CA GLY F 155 -26.15 9.17 5.81
C GLY F 155 -26.78 8.16 4.88
N ASP F 156 -25.94 7.49 4.08
CA ASP F 156 -26.41 6.45 3.17
C ASP F 156 -26.89 5.24 3.97
N GLY F 157 -26.27 5.02 5.12
CA GLY F 157 -26.66 3.93 5.99
C GLY F 157 -28.06 4.11 6.53
N TRP F 158 -28.36 5.33 6.98
CA TRP F 158 -29.69 5.64 7.48
C TRP F 158 -30.73 5.49 6.38
N ASN F 159 -30.38 5.99 5.19
CA ASN F 159 -31.30 5.96 4.05
C ASN F 159 -31.67 4.56 3.61
N GLU F 160 -30.65 3.70 3.44
CA GLU F 160 -30.87 2.34 2.97
C GLU F 160 -31.74 1.56 3.95
N VAL F 161 -31.52 1.78 5.24
CA VAL F 161 -32.35 1.17 6.26
C VAL F 161 -33.75 1.76 6.22
N ALA F 162 -33.83 3.07 5.99
CA ALA F 162 -35.11 3.75 5.88
C ALA F 162 -35.87 3.31 4.63
N LYS F 163 -35.14 2.83 3.63
CA LYS F 163 -35.75 2.35 2.39
C LYS F 163 -36.46 1.01 2.61
N THR F 164 -36.13 0.33 3.70
CA THR F 164 -36.71 -0.97 3.99
C THR F 164 -37.96 -0.86 4.86
N GLY F 165 -38.13 0.30 5.50
CA GLY F 165 -39.29 0.53 6.34
C GLY F 165 -39.16 -0.11 7.70
N ASN F 166 -37.95 -0.54 8.04
CA ASN F 166 -37.69 -1.16 9.33
C ASN F 166 -37.37 -0.11 10.39
N GLY F 167 -38.41 0.40 11.03
CA GLY F 167 -38.25 1.45 12.03
C GLY F 167 -37.50 1.00 13.27
N LEU F 168 -37.60 -0.28 13.58
CA LEU F 168 -36.85 -0.85 14.70
C LEU F 168 -35.35 -0.79 14.42
N ALA F 169 -34.96 -1.24 13.23
CA ALA F 169 -33.57 -1.18 12.82
C ALA F 169 -33.12 0.27 12.66
N TYR F 170 -34.01 1.11 12.15
CA TYR F 170 -33.70 2.51 11.93
C TYR F 170 -33.39 3.23 13.25
N TYR F 171 -34.18 2.94 14.28
CA TYR F 171 -33.97 3.53 15.59
C TYR F 171 -32.61 3.15 16.16
N HIS F 172 -32.30 1.85 16.11
CA HIS F 172 -31.10 1.32 16.73
C HIS F 172 -29.80 1.77 16.06
N ILE F 173 -29.90 2.29 14.84
CA ILE F 173 -28.72 2.74 14.12
C ILE F 173 -28.58 4.26 14.10
N THR F 174 -29.56 4.95 14.68
CA THR F 174 -29.55 6.41 14.67
C THR F 174 -29.39 6.99 16.07
N ILE F 175 -30.34 6.68 16.94
CA ILE F 175 -30.41 7.27 18.28
C ILE F 175 -29.23 6.96 19.21
N PRO F 176 -28.67 5.74 19.18
CA PRO F 176 -27.49 5.52 20.03
C PRO F 176 -26.31 6.44 19.72
N TYR F 177 -26.28 7.05 18.53
CA TYR F 177 -25.23 7.99 18.18
C TYR F 177 -25.72 9.43 18.26
N ILE F 178 -26.94 9.60 18.77
CA ILE F 178 -27.49 10.93 19.03
C ILE F 178 -27.13 11.37 20.44
N TYR F 179 -27.09 10.40 21.34
CA TYR F 179 -26.74 10.66 22.73
C TYR F 179 -25.40 10.01 23.09
N SER F 180 -24.73 10.58 24.08
CA SER F 180 -23.49 9.99 24.59
C SER F 180 -23.80 8.68 25.30
N PRO F 181 -22.86 7.72 25.24
CA PRO F 181 -23.01 6.43 25.92
C PRO F 181 -23.33 6.58 27.40
N GLN F 182 -22.75 7.59 28.04
CA GLN F 182 -23.00 7.83 29.45
C GLN F 182 -24.46 8.21 29.68
N PHE F 183 -24.97 9.13 28.85
CA PHE F 183 -26.34 9.60 28.98
C PHE F 183 -27.36 8.50 28.67
N TYR F 184 -27.06 7.72 27.64
CA TYR F 184 -27.94 6.63 27.22
C TYR F 184 -28.07 5.58 28.33
N THR F 185 -26.94 5.26 28.96
CA THR F 185 -26.92 4.27 30.03
C THR F 185 -27.58 4.81 31.30
N LEU F 186 -27.19 6.02 31.69
CA LEU F 186 -27.68 6.63 32.92
C LEU F 186 -29.19 6.87 32.89
N HIS F 187 -29.68 7.38 31.76
CA HIS F 187 -31.11 7.62 31.59
C HIS F 187 -31.74 6.59 30.66
N ASN F 188 -31.48 5.31 30.94
CA ASN F 188 -31.97 4.25 30.07
C ASN F 188 -33.47 4.05 30.18
N ASP F 189 -34.03 4.37 31.34
CA ASP F 189 -35.49 4.39 31.51
C ASP F 189 -36.08 5.38 30.52
N TRP F 190 -35.58 6.61 30.57
CA TRP F 190 -36.02 7.68 29.68
C TRP F 190 -35.89 7.29 28.20
N MET F 191 -34.85 6.53 27.88
CA MET F 191 -34.63 6.09 26.50
C MET F 191 -35.66 5.05 26.08
N GLU F 192 -35.91 4.08 26.96
CA GLU F 192 -36.81 2.97 26.65
C GLU F 192 -38.26 3.40 26.47
N LYS F 193 -38.71 4.34 27.29
CA LYS F 193 -40.09 4.81 27.22
C LYS F 193 -40.32 5.55 25.91
N ARG F 194 -39.35 6.36 25.51
CA ARG F 194 -39.44 7.07 24.24
C ARG F 194 -39.27 6.11 23.07
N LYS F 195 -38.55 5.03 23.30
CA LYS F 195 -38.33 4.02 22.27
C LYS F 195 -39.63 3.34 21.86
N GLU F 196 -40.53 3.19 22.83
CA GLU F 196 -41.82 2.53 22.59
C GLU F 196 -42.65 3.22 21.51
N LEU F 197 -42.36 4.50 21.25
CA LEU F 197 -43.11 5.27 20.26
C LEU F 197 -42.24 5.68 19.08
N LEU F 198 -40.94 5.85 19.33
CA LEU F 198 -40.03 6.24 18.26
C LEU F 198 -39.95 5.16 17.19
N VAL F 199 -40.01 3.90 17.61
CA VAL F 199 -39.97 2.79 16.65
C VAL F 199 -41.24 2.76 15.76
N PRO F 200 -42.45 2.90 16.36
CA PRO F 200 -43.61 3.09 15.48
C PRO F 200 -43.50 4.30 14.57
N LEU F 201 -42.97 5.41 15.08
CA LEU F 201 -42.79 6.61 14.27
C LEU F 201 -41.77 6.36 13.16
N PHE F 202 -40.65 5.74 13.52
CA PHE F 202 -39.59 5.47 12.56
C PHE F 202 -39.99 4.36 11.59
N SER F 203 -41.10 3.68 11.87
CA SER F 203 -41.57 2.61 11.01
C SER F 203 -42.48 3.15 9.90
N THR F 204 -43.06 4.33 10.13
CA THR F 204 -43.97 4.93 9.17
C THR F 204 -43.25 5.34 7.89
N ARG F 205 -43.93 5.19 6.76
CA ARG F 205 -43.36 5.54 5.46
C ARG F 205 -43.22 7.05 5.33
N THR F 206 -44.15 7.78 5.95
CA THR F 206 -44.16 9.24 5.89
C THR F 206 -42.92 9.84 6.53
N PHE F 207 -42.55 9.34 7.70
CA PHE F 207 -41.38 9.84 8.42
C PHE F 207 -40.08 9.51 7.69
N LEU F 208 -39.94 8.26 7.29
CA LEU F 208 -38.71 7.78 6.66
C LEU F 208 -38.41 8.49 5.36
N ASP F 209 -39.41 8.59 4.49
CA ASP F 209 -39.25 9.25 3.19
C ASP F 209 -38.83 10.70 3.38
N ARG F 210 -39.40 11.36 4.38
CA ARG F 210 -39.01 12.72 4.71
C ARG F 210 -37.57 12.76 5.21
N MET F 211 -37.19 11.76 6.00
CA MET F 211 -35.84 11.67 6.53
C MET F 211 -34.82 11.45 5.42
N ILE F 212 -35.17 10.58 4.47
CA ILE F 212 -34.27 10.23 3.37
C ILE F 212 -33.86 11.46 2.56
N ARG F 213 -34.86 12.21 2.08
CA ARG F 213 -34.60 13.39 1.27
C ARG F 213 -33.86 14.47 2.07
N LEU F 214 -34.18 14.57 3.36
CA LEU F 214 -33.48 15.51 4.24
C LEU F 214 -32.03 15.10 4.42
N THR F 215 -31.78 13.79 4.47
CA THR F 215 -30.43 13.28 4.66
C THR F 215 -29.60 13.50 3.40
N LYS F 216 -30.23 13.30 2.24
CA LYS F 216 -29.53 13.47 0.96
C LYS F 216 -29.26 14.94 0.67
N SER F 217 -30.12 15.82 1.18
CA SER F 217 -29.96 17.26 0.98
C SER F 217 -28.72 17.77 1.73
N ALA F 218 -28.34 17.03 2.77
CA ALA F 218 -27.20 17.43 3.59
C ALA F 218 -25.87 16.94 3.02
N GLU F 219 -25.95 16.19 1.92
CA GLU F 219 -24.74 15.65 1.28
C GLU F 219 -23.89 16.76 0.67
N THR F 220 -24.54 17.81 0.20
CA THR F 220 -23.86 18.89 -0.50
C THR F 220 -23.47 20.04 0.43
N HIS F 221 -23.42 19.77 1.73
CA HIS F 221 -23.04 20.78 2.70
C HIS F 221 -21.56 21.14 2.57
N ASP F 222 -21.29 22.40 2.23
CA ASP F 222 -19.92 22.85 2.03
C ASP F 222 -19.84 24.37 2.10
N VAL F 223 -19.51 24.88 3.28
CA VAL F 223 -19.33 26.32 3.47
C VAL F 223 -17.90 26.65 3.86
N ILE F 224 -16.97 25.78 3.46
CA ILE F 224 -15.56 25.93 3.80
C ILE F 224 -14.98 27.26 3.33
N LYS F 225 -15.16 27.57 2.04
CA LYS F 225 -14.60 28.79 1.46
C LYS F 225 -15.42 30.02 1.83
N ASP F 226 -16.54 29.80 2.51
CA ASP F 226 -17.37 30.90 2.98
C ASP F 226 -16.97 31.34 4.39
N LEU F 227 -16.32 30.44 5.11
CA LEU F 227 -15.97 30.68 6.51
C LEU F 227 -15.16 31.96 6.80
N PRO F 228 -14.07 32.21 6.03
CA PRO F 228 -13.28 33.40 6.38
C PRO F 228 -14.00 34.73 6.10
N ASN F 229 -15.12 34.67 5.40
CA ASN F 229 -15.85 35.88 5.03
C ASN F 229 -17.11 36.13 5.85
N ILE F 230 -17.44 35.18 6.73
CA ILE F 230 -18.58 35.34 7.63
C ILE F 230 -18.18 36.13 8.86
N LYS F 231 -18.61 37.39 8.90
CA LYS F 231 -18.18 38.31 9.94
C LYS F 231 -19.08 38.20 11.17
N THR F 232 -20.12 37.38 11.05
CA THR F 232 -21.13 37.23 12.10
C THR F 232 -20.55 36.68 13.40
N PRO F 233 -20.79 37.38 14.51
CA PRO F 233 -20.41 36.91 15.85
C PRO F 233 -21.06 35.56 16.16
N THR F 234 -20.23 34.53 16.32
CA THR F 234 -20.74 33.16 16.45
C THR F 234 -20.24 32.46 17.70
N LEU F 235 -21.11 31.69 18.33
CA LEU F 235 -20.73 30.84 19.45
C LEU F 235 -20.92 29.37 19.08
N ILE F 236 -19.81 28.63 19.00
CA ILE F 236 -19.87 27.22 18.65
C ILE F 236 -19.96 26.33 19.89
N ILE F 237 -20.94 25.44 19.91
CA ILE F 237 -21.05 24.47 20.99
C ILE F 237 -20.59 23.09 20.51
N SER F 238 -19.61 22.52 21.20
CA SER F 238 -19.07 21.23 20.83
C SER F 238 -19.29 20.20 21.94
N SER F 239 -19.64 18.98 21.55
CA SER F 239 -19.82 17.90 22.51
C SER F 239 -18.68 16.89 22.37
N GLU F 240 -18.06 16.55 23.49
CA GLU F 240 -16.90 15.67 23.48
C GLU F 240 -17.24 14.26 23.01
N GLU F 241 -18.41 13.77 23.39
CA GLU F 241 -18.83 12.44 22.99
C GLU F 241 -19.80 12.47 21.81
N ASP F 242 -19.65 13.48 20.96
CA ASP F 242 -20.47 13.61 19.75
C ASP F 242 -19.93 12.66 18.69
N TYR F 243 -20.70 11.62 18.38
CA TYR F 243 -20.24 10.59 17.46
C TYR F 243 -20.82 10.77 16.05
N LEU F 244 -21.37 11.94 15.79
CA LEU F 244 -21.88 12.26 14.46
C LEU F 244 -21.16 13.48 13.89
N THR F 245 -21.02 14.52 14.70
CA THR F 245 -20.22 15.69 14.34
C THR F 245 -19.16 15.91 15.41
N PRO F 246 -18.07 15.13 15.33
CA PRO F 246 -16.98 15.11 16.32
C PRO F 246 -16.32 16.48 16.51
N PRO F 247 -15.84 16.76 17.74
CA PRO F 247 -15.23 18.03 18.15
C PRO F 247 -14.21 18.62 17.17
N PHE F 248 -13.50 17.77 16.43
CA PHE F 248 -12.46 18.27 15.53
C PHE F 248 -13.07 19.07 14.37
N GLU F 249 -14.33 18.80 14.08
CA GLU F 249 -15.06 19.57 13.07
C GLU F 249 -15.43 20.95 13.60
N GLN F 250 -15.68 21.03 14.91
CA GLN F 250 -15.99 22.30 15.54
C GLN F 250 -14.73 23.15 15.70
N LYS F 251 -13.59 22.49 15.91
CA LYS F 251 -12.34 23.20 16.08
C LYS F 251 -11.88 23.80 14.76
N TYR F 252 -12.16 23.10 13.66
CA TYR F 252 -11.86 23.62 12.33
C TYR F 252 -12.73 24.83 12.02
N LEU F 253 -13.99 24.77 12.47
CA LEU F 253 -14.93 25.86 12.26
C LEU F 253 -14.50 27.12 13.00
N GLN F 254 -14.03 26.96 14.23
CA GLN F 254 -13.70 28.09 15.08
C GLN F 254 -12.44 28.82 14.62
N GLU F 255 -11.59 28.14 13.87
CA GLU F 255 -10.35 28.72 13.39
C GLU F 255 -10.56 29.57 12.14
N HIS F 256 -11.43 29.12 11.25
CA HIS F 256 -11.62 29.78 9.97
C HIS F 256 -12.79 30.76 9.96
N LEU F 257 -13.52 30.82 11.07
CA LEU F 257 -14.51 31.88 11.25
C LEU F 257 -13.83 33.05 11.96
N GLN F 258 -14.10 34.28 11.49
CA GLN F 258 -13.50 35.46 12.12
C GLN F 258 -13.81 35.59 13.60
N ASN F 259 -15.08 35.81 13.92
CA ASN F 259 -15.49 36.01 15.30
C ASN F 259 -16.20 34.78 15.84
N ALA F 260 -15.45 33.69 15.98
CA ALA F 260 -16.02 32.44 16.45
C ALA F 260 -15.64 32.16 17.90
N GLU F 261 -16.58 31.60 18.64
CA GLU F 261 -16.34 31.26 20.03
C GLU F 261 -16.57 29.77 20.22
N LEU F 262 -15.69 29.12 20.99
CA LEU F 262 -15.76 27.67 21.14
C LEU F 262 -15.99 27.26 22.59
N VAL F 263 -16.97 26.39 22.79
CA VAL F 263 -17.30 25.86 24.10
C VAL F 263 -17.55 24.37 24.01
N SER F 264 -16.84 23.59 24.82
CA SER F 264 -16.98 22.14 24.81
C SER F 264 -17.84 21.65 25.97
N ILE F 265 -18.63 20.60 25.71
CA ILE F 265 -19.47 20.02 26.75
C ILE F 265 -19.06 18.59 27.04
N PRO F 266 -18.35 18.39 28.17
CA PRO F 266 -17.87 17.06 28.60
C PRO F 266 -19.01 16.08 28.87
N ASN F 267 -18.75 14.80 28.59
CA ASN F 267 -19.74 13.73 28.81
C ASN F 267 -21.09 14.01 28.16
N CYS F 268 -21.05 14.51 26.92
CA CYS F 268 -22.26 14.89 26.21
C CYS F 268 -22.20 14.45 24.75
N GLY F 269 -23.34 13.96 24.24
CA GLY F 269 -23.41 13.47 22.88
C GLY F 269 -23.92 14.48 21.88
N HIS F 270 -24.37 14.00 20.72
CA HIS F 270 -24.82 14.87 19.63
C HIS F 270 -26.05 15.69 20.00
N ALA F 271 -26.79 15.26 21.01
CA ALA F 271 -27.99 15.96 21.44
C ALA F 271 -27.74 16.77 22.71
N SER F 272 -26.92 17.81 22.59
CA SER F 272 -26.58 18.66 23.73
C SER F 272 -27.80 19.36 24.28
N MET F 273 -28.80 19.56 23.42
CA MET F 273 -30.06 20.20 23.79
C MET F 273 -30.75 19.49 24.95
N TYR F 274 -30.73 18.16 24.95
CA TYR F 274 -31.50 17.38 25.91
C TYR F 274 -30.64 16.90 27.07
N GLU F 275 -29.36 16.64 26.80
CA GLU F 275 -28.46 16.15 27.82
C GLU F 275 -28.10 17.24 28.82
N VAL F 276 -27.88 18.45 28.33
CA VAL F 276 -27.57 19.58 29.20
C VAL F 276 -28.36 20.83 28.81
N PRO F 277 -29.69 20.81 29.01
CA PRO F 277 -30.55 21.93 28.62
C PRO F 277 -30.27 23.20 29.40
N LYS F 278 -29.73 23.07 30.61
CA LYS F 278 -29.35 24.24 31.40
C LYS F 278 -28.17 24.97 30.76
N THR F 279 -27.20 24.19 30.29
CA THR F 279 -26.03 24.75 29.61
C THR F 279 -26.41 25.39 28.29
N PHE F 280 -27.10 24.62 27.45
CA PHE F 280 -27.49 25.07 26.12
C PHE F 280 -28.27 26.39 26.18
N THR F 281 -29.18 26.48 27.14
CA THR F 281 -29.97 27.69 27.33
C THR F 281 -29.08 28.85 27.76
N ALA F 282 -28.14 28.56 28.66
CA ALA F 282 -27.24 29.59 29.18
C ALA F 282 -26.35 30.17 28.09
N LEU F 283 -25.79 29.30 27.26
CA LEU F 283 -24.92 29.74 26.17
C LEU F 283 -25.67 30.57 25.14
N VAL F 284 -26.87 30.12 24.78
CA VAL F 284 -27.69 30.82 23.79
C VAL F 284 -28.17 32.17 24.31
N LEU F 285 -28.79 32.16 25.49
CA LEU F 285 -29.31 33.40 26.08
C LEU F 285 -28.19 34.34 26.50
N GLY F 286 -27.08 33.78 26.95
CA GLY F 286 -25.95 34.57 27.38
C GLY F 286 -25.26 35.28 26.24
N PHE F 287 -25.01 34.54 25.16
CA PHE F 287 -24.33 35.09 23.99
C PHE F 287 -25.21 36.12 23.27
N PHE F 288 -26.51 35.88 23.28
CA PHE F 288 -27.45 36.79 22.65
C PHE F 288 -27.79 37.97 23.57
N GLY F 289 -27.81 37.70 24.87
CA GLY F 289 -28.18 38.70 25.86
C GLY F 289 -27.10 39.75 26.11
N GLN F 290 -25.87 39.43 25.73
CA GLN F 290 -24.76 40.36 25.91
C GLN F 290 -24.98 41.67 25.18
N THR F 291 -24.71 42.79 25.86
CA THR F 291 -24.81 44.10 25.24
C THR F 291 -23.57 44.36 24.38
N LYS F 292 -22.42 44.24 25.00
CA LYS F 292 -21.14 44.57 24.38
C LYS F 292 -20.30 43.32 24.16
N LEU F 293 -19.78 43.15 22.94
CA LEU F 293 -19.04 41.93 22.58
C LEU F 293 -17.52 42.13 22.60
N ASP F 294 -17.07 43.31 22.18
CA ASP F 294 -15.65 43.68 22.35
C ASP F 294 -15.43 43.85 23.84
N TYR F 295 -14.19 43.77 24.30
CA TYR F 295 -13.91 43.96 25.71
C TYR F 295 -12.65 44.78 25.95
N GLN F 296 -12.75 45.73 26.88
CA GLN F 296 -11.63 46.57 27.27
C GLN F 296 -10.66 45.81 28.17
N ILE F 297 -10.06 44.75 27.64
CA ILE F 297 -9.12 43.93 28.40
C ILE F 297 -7.73 44.01 27.80
N GLN G 20 -19.82 57.07 57.69
CA GLN G 20 -20.67 57.26 56.52
C GLN G 20 -19.87 57.23 55.22
N GLY G 21 -19.04 56.20 55.08
CA GLY G 21 -18.36 55.94 53.83
C GLY G 21 -19.42 55.58 52.79
N VAL G 22 -19.14 56.02 51.60
CA VAL G 22 -19.88 55.66 50.44
C VAL G 22 -18.89 54.66 49.86
N SER G 23 -19.33 53.43 49.68
CA SER G 23 -18.46 52.37 49.22
C SER G 23 -17.58 51.80 50.28
N ILE G 24 -17.81 52.14 51.53
CA ILE G 24 -17.06 51.50 52.60
C ILE G 24 -17.94 50.80 53.58
N PHE G 25 -17.64 49.54 53.80
CA PHE G 25 -18.35 48.76 54.80
C PHE G 25 -17.45 48.52 56.01
N THR G 26 -17.68 49.29 57.07
CA THR G 26 -16.89 49.13 58.29
C THR G 26 -17.33 47.88 59.04
N TYR G 27 -16.62 46.79 58.83
CA TYR G 27 -16.91 45.50 59.43
C TYR G 27 -15.76 45.09 60.31
N GLN G 28 -16.06 44.49 61.44
CA GLN G 28 -15.10 44.29 62.49
C GLN G 28 -14.60 45.66 62.84
N GLU G 29 -13.30 45.86 62.85
CA GLU G 29 -12.78 47.21 62.99
C GLU G 29 -12.16 47.72 61.70
N LYS G 30 -12.40 47.02 60.61
CA LYS G 30 -11.66 47.30 59.39
C LYS G 30 -12.55 47.90 58.32
N ASP G 31 -11.94 48.53 57.32
CA ASP G 31 -12.68 49.11 56.20
C ASP G 31 -12.74 48.15 55.01
N ILE G 32 -13.95 47.86 54.55
CA ILE G 32 -14.13 46.98 53.41
C ILE G 32 -14.69 47.75 52.21
N TYR G 33 -13.88 47.81 51.14
CA TYR G 33 -14.25 48.54 49.93
C TYR G 33 -15.18 47.69 49.06
N TYR G 34 -16.25 48.31 48.56
CA TYR G 34 -17.19 47.62 47.69
C TYR G 34 -17.86 48.59 46.71
N GLU G 35 -18.12 48.12 45.50
CA GLU G 35 -18.79 48.92 44.49
C GLU G 35 -20.13 48.30 44.08
N ILE G 36 -21.15 49.15 43.94
CA ILE G 36 -22.46 48.70 43.49
C ILE G 36 -22.87 49.43 42.22
N ASP G 37 -23.10 48.68 41.15
CA ASP G 37 -23.54 49.26 39.89
C ASP G 37 -25.01 48.94 39.64
N GLY G 38 -25.82 49.98 39.52
CA GLY G 38 -27.27 49.84 39.47
C GLY G 38 -27.85 50.41 40.75
N THR G 39 -29.13 50.18 40.99
CA THR G 39 -29.74 50.66 42.23
C THR G 39 -30.31 49.49 43.05
N LEU G 40 -30.06 49.50 44.33
CA LEU G 40 -30.36 48.37 45.19
C LEU G 40 -31.64 48.53 46.00
N ASP G 41 -32.58 47.63 45.80
CA ASP G 41 -33.89 47.70 46.40
C ASP G 41 -34.08 46.30 46.83
N ILE G 42 -35.05 46.02 47.67
CA ILE G 42 -35.32 44.64 48.04
C ILE G 42 -35.94 43.82 46.88
N ASN G 43 -36.38 44.49 45.83
CA ASN G 43 -36.90 43.82 44.65
C ASN G 43 -35.82 43.05 43.90
N SER G 44 -34.59 43.46 44.14
CA SER G 44 -33.43 43.31 43.27
C SER G 44 -32.95 41.91 43.03
N ASP G 45 -32.32 41.70 41.88
CA ASP G 45 -31.73 40.40 41.60
C ASP G 45 -30.21 40.59 41.52
N VAL G 46 -29.54 40.37 42.64
CA VAL G 46 -28.13 40.73 42.79
C VAL G 46 -27.17 39.67 42.25
N ILE G 47 -26.14 40.13 41.54
CA ILE G 47 -25.01 39.29 41.18
C ILE G 47 -23.78 39.73 41.98
N VAL G 48 -23.25 38.83 42.81
CA VAL G 48 -22.06 39.13 43.60
C VAL G 48 -20.83 38.50 42.97
N ILE G 49 -19.77 39.30 42.81
CA ILE G 49 -18.52 38.83 42.24
C ILE G 49 -17.48 38.56 43.31
N LEU G 50 -16.94 37.34 43.32
CA LEU G 50 -15.89 36.98 44.27
C LEU G 50 -14.54 36.94 43.55
N ASN G 51 -13.66 37.85 43.94
CA ASN G 51 -12.38 38.04 43.25
C ASN G 51 -11.39 36.89 43.41
N GLY G 52 -10.49 36.76 42.45
CA GLY G 52 -9.37 35.83 42.55
C GLY G 52 -8.35 36.37 43.54
N ILE G 53 -7.27 35.63 43.74
CA ILE G 53 -6.30 35.99 44.78
C ILE G 53 -5.50 37.25 44.43
N MET G 54 -5.35 37.54 43.15
CA MET G 54 -4.62 38.72 42.71
C MET G 54 -5.54 39.83 42.22
N MET G 55 -6.84 39.67 42.46
CA MET G 55 -7.83 40.55 41.85
C MET G 55 -8.47 41.53 42.82
N SER G 56 -8.97 42.64 42.27
CA SER G 56 -9.76 43.59 43.01
C SER G 56 -11.01 43.93 42.22
N THR G 57 -11.76 44.94 42.67
CA THR G 57 -12.96 45.37 41.97
C THR G 57 -12.60 45.98 40.62
N LYS G 58 -11.41 46.56 40.53
CA LYS G 58 -10.93 47.20 39.31
C LYS G 58 -10.82 46.21 38.16
N SER G 59 -10.54 44.96 38.50
CA SER G 59 -10.27 43.92 37.51
C SER G 59 -11.54 43.50 36.75
N TRP G 60 -12.70 43.77 37.32
CA TRP G 60 -13.97 43.36 36.72
C TRP G 60 -14.68 44.51 35.98
N ASP G 61 -13.96 45.60 35.73
CA ASP G 61 -14.55 46.76 35.09
C ASP G 61 -15.06 46.47 33.69
N ALA G 62 -14.42 45.52 33.00
CA ALA G 62 -14.78 45.20 31.63
C ALA G 62 -16.07 44.38 31.55
N PHE G 63 -16.57 43.95 32.70
CA PHE G 63 -17.78 43.12 32.75
C PHE G 63 -18.96 43.87 33.37
N VAL G 64 -18.70 45.07 33.86
CA VAL G 64 -19.71 45.84 34.59
C VAL G 64 -20.96 46.13 33.75
N GLU G 65 -20.76 46.56 32.50
CA GLU G 65 -21.89 46.95 31.66
C GLU G 65 -22.86 45.79 31.42
N ASN G 66 -22.33 44.62 31.09
CA ASN G 66 -23.17 43.46 30.81
C ASN G 66 -23.76 42.84 32.06
N PHE G 67 -22.96 42.74 33.12
CA PHE G 67 -23.40 42.11 34.36
C PHE G 67 -24.41 42.96 35.13
N SER G 68 -24.46 44.25 34.83
CA SER G 68 -25.38 45.15 35.52
C SER G 68 -26.51 45.62 34.61
N LYS G 69 -26.66 44.95 33.47
CA LYS G 69 -27.72 45.29 32.53
C LYS G 69 -29.09 44.94 33.08
N ASN G 70 -29.22 43.73 33.61
CA ASN G 70 -30.49 43.27 34.17
C ASN G 70 -30.32 42.75 35.60
N HIS G 71 -29.21 43.13 36.23
CA HIS G 71 -28.93 42.73 37.60
C HIS G 71 -28.28 43.87 38.37
N VAL G 72 -28.24 43.75 39.69
CA VAL G 72 -27.48 44.69 40.52
C VAL G 72 -26.12 44.08 40.85
N LEU G 73 -25.07 44.68 40.31
CA LEU G 73 -23.73 44.12 40.41
C LEU G 73 -22.99 44.59 41.66
N LEU G 74 -22.68 43.64 42.55
CA LEU G 74 -21.94 43.95 43.75
C LEU G 74 -20.51 43.43 43.67
N ARG G 75 -19.55 44.36 43.57
CA ARG G 75 -18.14 44.02 43.57
C ARG G 75 -17.50 44.50 44.86
N TYR G 76 -16.76 43.62 45.52
CA TYR G 76 -16.07 44.00 46.76
C TYR G 76 -14.67 43.40 46.82
N ASP G 77 -13.78 44.09 47.50
CA ASP G 77 -12.43 43.58 47.75
C ASP G 77 -12.41 42.85 49.08
N MET G 78 -11.86 41.63 49.07
CA MET G 78 -11.77 40.83 50.28
C MET G 78 -10.66 41.37 51.19
N PHE G 79 -10.44 40.69 52.32
CA PHE G 79 -9.34 41.05 53.21
C PHE G 79 -8.01 40.85 52.48
N ASP G 80 -7.05 41.73 52.77
CA ASP G 80 -5.75 41.74 52.09
C ASP G 80 -5.88 41.93 50.58
N GLN G 81 -7.00 42.48 50.14
CA GLN G 81 -7.25 42.69 48.72
C GLN G 81 -7.60 44.13 48.38
N GLY G 82 -7.01 44.63 47.29
CA GLY G 82 -7.32 45.94 46.76
C GLY G 82 -7.26 47.08 47.75
N GLN G 83 -8.41 47.71 47.99
CA GLN G 83 -8.49 48.88 48.85
C GLN G 83 -9.20 48.58 50.16
N SER G 84 -9.30 47.30 50.50
CA SER G 84 -9.81 46.89 51.80
C SER G 84 -8.65 46.76 52.78
N SER G 85 -8.96 46.74 54.07
CA SER G 85 -7.93 46.71 55.10
C SER G 85 -7.15 45.39 55.12
N LYS G 86 -5.96 45.43 55.69
CA LYS G 86 -5.08 44.26 55.76
C LYS G 86 -5.32 43.47 57.05
N ILE G 87 -5.02 42.17 56.98
CA ILE G 87 -5.07 41.30 58.16
C ILE G 87 -3.74 40.61 58.34
N GLU G 88 -2.91 41.11 59.25
CA GLU G 88 -1.54 40.65 59.38
C GLU G 88 -1.44 39.28 60.06
N GLU G 89 -2.53 38.86 60.70
CA GLU G 89 -2.60 37.58 61.39
C GLU G 89 -2.70 36.46 60.34
N SER G 90 -2.28 35.24 60.72
CA SER G 90 -2.23 34.12 59.78
C SER G 90 -3.59 33.43 59.63
N TYR G 91 -4.49 34.05 58.88
CA TYR G 91 -5.88 33.61 58.80
C TYR G 91 -6.15 32.48 57.81
N THR G 92 -7.33 31.88 57.94
CA THR G 92 -7.84 30.95 56.94
C THR G 92 -8.91 31.64 56.11
N GLN G 93 -9.59 30.89 55.25
CA GLN G 93 -10.58 31.46 54.36
C GLN G 93 -11.93 31.65 55.05
N THR G 94 -12.00 31.29 56.33
CA THR G 94 -13.23 31.43 57.09
C THR G 94 -13.61 32.89 57.29
N ILE G 95 -12.61 33.75 57.45
CA ILE G 95 -12.86 35.17 57.67
C ILE G 95 -13.35 35.85 56.39
N GLN G 96 -13.14 35.19 55.26
CA GLN G 96 -13.60 35.71 53.97
C GLN G 96 -15.05 35.32 53.75
N VAL G 97 -15.42 34.13 54.24
CA VAL G 97 -16.79 33.66 54.13
C VAL G 97 -17.71 34.50 55.00
N GLU G 98 -17.28 34.77 56.22
CA GLU G 98 -18.05 35.61 57.14
C GLU G 98 -18.13 37.04 56.62
N LEU G 99 -17.08 37.45 55.92
CA LEU G 99 -17.05 38.78 55.29
C LEU G 99 -18.18 38.92 54.28
N LEU G 100 -18.34 37.90 53.44
CA LEU G 100 -19.37 37.92 52.42
C LEU G 100 -20.77 37.95 53.04
N LYS G 101 -20.95 37.18 54.12
CA LYS G 101 -22.24 37.11 54.79
C LYS G 101 -22.69 38.46 55.33
N ASN G 102 -21.83 39.06 56.16
CA ASN G 102 -22.17 40.33 56.81
C ASN G 102 -22.23 41.50 55.82
N LEU G 103 -21.59 41.35 54.67
CA LEU G 103 -21.67 42.38 53.64
C LEU G 103 -23.04 42.37 53.00
N LEU G 104 -23.56 41.18 52.71
CA LEU G 104 -24.88 41.03 52.12
C LEU G 104 -25.95 41.48 53.11
N GLU G 105 -25.72 41.20 54.39
CA GLU G 105 -26.63 41.64 55.44
C GLU G 105 -26.58 43.15 55.61
N HIS G 106 -25.39 43.72 55.45
CA HIS G 106 -25.19 45.16 55.55
C HIS G 106 -25.94 45.90 54.47
N LEU G 107 -25.92 45.36 53.25
CA LEU G 107 -26.54 46.00 52.10
C LEU G 107 -28.00 45.56 51.93
N GLY G 108 -28.51 44.83 52.92
CA GLY G 108 -29.89 44.39 52.89
C GLY G 108 -30.18 43.40 51.78
N ILE G 109 -29.21 42.54 51.50
CA ILE G 109 -29.34 41.54 50.45
C ILE G 109 -29.51 40.16 51.06
N ALA G 110 -30.74 39.64 50.99
CA ALA G 110 -31.06 38.36 51.61
C ALA G 110 -30.64 37.18 50.75
N GLN G 111 -30.59 37.39 49.44
CA GLN G 111 -30.30 36.30 48.50
C GLN G 111 -29.66 36.86 47.23
N ALA G 112 -28.64 36.17 46.73
CA ALA G 112 -27.90 36.67 45.58
C ALA G 112 -27.28 35.57 44.72
N ASN G 113 -27.05 35.88 43.45
CA ASN G 113 -26.31 35.01 42.55
C ASN G 113 -24.82 35.20 42.74
N ILE G 114 -24.11 34.13 43.06
CA ILE G 114 -22.68 34.23 43.33
C ILE G 114 -21.83 33.68 42.19
N VAL G 115 -20.90 34.50 41.71
CA VAL G 115 -19.92 34.04 40.72
C VAL G 115 -18.51 34.29 41.24
N GLY G 116 -17.75 33.20 41.37
CA GLY G 116 -16.39 33.29 41.88
C GLY G 116 -15.40 32.59 40.97
N ILE G 117 -14.17 33.08 40.96
CA ILE G 117 -13.12 32.47 40.16
C ILE G 117 -11.87 32.28 41.01
N SER G 118 -11.19 31.14 40.83
CA SER G 118 -9.98 30.82 41.56
C SER G 118 -10.19 30.86 43.07
N TYR G 119 -9.54 31.83 43.73
CA TYR G 119 -9.64 32.01 45.17
C TYR G 119 -11.07 32.33 45.59
N GLY G 120 -11.76 33.13 44.77
CA GLY G 120 -13.14 33.50 45.04
C GLY G 120 -14.08 32.32 44.92
N ALA G 121 -13.78 31.42 43.99
CA ALA G 121 -14.60 30.23 43.80
C ALA G 121 -14.50 29.32 45.02
N SER G 122 -13.34 29.31 45.67
CA SER G 122 -13.16 28.55 46.90
C SER G 122 -13.99 29.15 48.01
N ILE G 123 -14.10 30.48 48.01
CA ILE G 123 -14.93 31.18 49.00
C ILE G 123 -16.40 30.90 48.73
N ALA G 124 -16.78 30.86 47.46
CA ALA G 124 -18.16 30.58 47.07
C ALA G 124 -18.61 29.21 47.57
N LEU G 125 -17.72 28.23 47.46
CA LEU G 125 -18.01 26.87 47.91
C LEU G 125 -18.15 26.79 49.42
N GLN G 126 -17.23 27.44 50.13
CA GLN G 126 -17.27 27.46 51.58
C GLN G 126 -18.48 28.23 52.08
N PHE G 127 -18.90 29.22 51.30
CA PHE G 127 -20.07 30.02 51.63
C PHE G 127 -21.35 29.23 51.43
N ALA G 128 -21.43 28.53 50.30
CA ALA G 128 -22.61 27.72 49.97
C ALA G 128 -22.77 26.57 50.95
N ALA G 129 -21.66 26.16 51.55
CA ALA G 129 -21.67 25.06 52.51
C ALA G 129 -22.19 25.49 53.87
N LYS G 130 -22.12 26.79 54.14
CA LYS G 130 -22.51 27.32 55.45
C LYS G 130 -23.75 28.21 55.38
N TYR G 131 -23.88 28.96 54.28
CA TYR G 131 -25.03 29.86 54.10
C TYR G 131 -25.68 29.70 52.74
N PRO G 132 -26.34 28.55 52.50
CA PRO G 132 -26.94 28.28 51.19
C PRO G 132 -28.24 29.05 50.95
N THR G 133 -28.87 29.51 52.03
CA THR G 133 -30.13 30.23 51.91
C THR G 133 -29.94 31.62 51.30
N MET G 134 -28.71 32.12 51.34
CA MET G 134 -28.40 33.44 50.82
C MET G 134 -27.95 33.37 49.36
N ILE G 135 -28.15 32.22 48.73
CA ILE G 135 -27.74 32.02 47.34
C ILE G 135 -28.89 31.51 46.47
N LYS G 136 -29.07 32.15 45.32
CA LYS G 136 -29.99 31.64 44.30
C LYS G 136 -29.28 30.57 43.48
N ARG G 137 -28.42 31.04 42.57
CA ARG G 137 -27.63 30.16 41.73
C ARG G 137 -26.16 30.55 41.85
N MET G 138 -25.27 29.71 41.33
CA MET G 138 -23.84 29.93 41.51
C MET G 138 -23.04 29.50 40.28
N VAL G 139 -21.98 30.25 39.99
CA VAL G 139 -21.06 29.89 38.91
C VAL G 139 -19.62 29.95 39.41
N VAL G 140 -18.94 28.80 39.39
CA VAL G 140 -17.55 28.72 39.83
C VAL G 140 -16.64 28.41 38.66
N ALA G 141 -15.63 29.26 38.44
CA ALA G 141 -14.71 29.09 37.34
C ALA G 141 -13.29 28.83 37.83
N ASN G 142 -12.63 27.84 37.25
CA ASN G 142 -11.28 27.44 37.62
C ASN G 142 -11.20 27.14 39.12
N VAL G 143 -11.90 26.10 39.53
CA VAL G 143 -12.17 25.86 40.95
C VAL G 143 -11.79 24.45 41.39
N VAL G 144 -11.26 24.33 42.60
CA VAL G 144 -10.98 23.03 43.21
C VAL G 144 -11.88 22.81 44.42
N ALA G 145 -12.06 21.55 44.80
CA ALA G 145 -12.85 21.22 45.99
C ALA G 145 -11.95 21.18 47.22
N LYS G 146 -10.66 20.95 46.98
CA LYS G 146 -9.68 20.87 48.05
C LYS G 146 -8.29 21.19 47.53
N THR G 147 -7.55 22.02 48.27
CA THR G 147 -6.20 22.38 47.87
C THR G 147 -5.26 21.18 48.02
N SER G 148 -4.95 20.54 46.90
CA SER G 148 -4.06 19.38 46.89
C SER G 148 -2.66 19.75 47.38
N PRO G 149 -1.90 18.75 47.85
CA PRO G 149 -0.50 18.96 48.23
C PRO G 149 0.31 19.56 47.08
N TRP G 150 -0.09 19.24 45.86
CA TRP G 150 0.54 19.76 44.65
C TRP G 150 0.38 21.27 44.55
N LEU G 151 -0.86 21.73 44.72
CA LEU G 151 -1.15 23.16 44.65
C LEU G 151 -0.61 23.91 45.86
N LYS G 152 -0.52 23.20 46.99
CA LYS G 152 -0.03 23.80 48.22
C LYS G 152 1.46 24.13 48.12
N ASP G 153 2.23 23.22 47.52
CA ASP G 153 3.66 23.43 47.35
C ASP G 153 3.94 24.52 46.33
N ILE G 154 3.06 24.66 45.35
CA ILE G 154 3.16 25.74 44.37
C ILE G 154 2.99 27.08 45.06
N GLY G 155 2.01 27.14 45.95
CA GLY G 155 1.76 28.34 46.73
C GLY G 155 2.92 28.69 47.64
N ASP G 156 3.58 27.66 48.15
CA ASP G 156 4.77 27.87 48.98
C ASP G 156 5.91 28.45 48.15
N GLY G 157 5.97 28.05 46.88
CA GLY G 157 6.96 28.58 45.97
C GLY G 157 6.73 30.05 45.70
N TRP G 158 5.47 30.42 45.51
CA TRP G 158 5.10 31.80 45.31
C TRP G 158 5.48 32.64 46.52
N ASN G 159 5.16 32.13 47.70
CA ASN G 159 5.42 32.84 48.95
C ASN G 159 6.91 33.04 49.21
N GLU G 160 7.70 32.00 48.95
CA GLU G 160 9.15 32.07 49.16
C GLU G 160 9.79 33.18 48.36
N VAL G 161 9.47 33.24 47.07
CA VAL G 161 9.99 34.29 46.20
C VAL G 161 9.43 35.64 46.62
N ALA G 162 8.17 35.65 47.04
CA ALA G 162 7.53 36.85 47.55
C ALA G 162 8.22 37.34 48.82
N LYS G 163 8.75 36.40 49.60
CA LYS G 163 9.47 36.73 50.83
C LYS G 163 10.82 37.38 50.51
N THR G 164 11.36 37.08 49.34
CA THR G 164 12.65 37.64 48.92
C THR G 164 12.49 39.04 48.35
N GLY G 165 11.25 39.42 48.04
CA GLY G 165 10.98 40.76 47.54
C GLY G 165 11.32 40.96 46.08
N ASN G 166 11.69 39.88 45.41
CA ASN G 166 12.04 39.95 43.99
C ASN G 166 10.80 39.95 43.11
N GLY G 167 10.46 41.13 42.58
CA GLY G 167 9.27 41.28 41.76
C GLY G 167 9.38 40.62 40.41
N LEU G 168 10.57 40.68 39.82
CA LEU G 168 10.81 40.08 38.51
C LEU G 168 10.72 38.56 38.59
N ALA G 169 11.29 37.99 39.64
CA ALA G 169 11.23 36.55 39.85
C ALA G 169 9.80 36.11 40.15
N TYR G 170 9.08 36.93 40.91
CA TYR G 170 7.71 36.62 41.28
C TYR G 170 6.79 36.62 40.05
N TYR G 171 7.06 37.53 39.11
CA TYR G 171 6.28 37.59 37.88
C TYR G 171 6.48 36.34 37.04
N HIS G 172 7.75 35.96 36.87
CA HIS G 172 8.13 34.86 35.97
C HIS G 172 7.69 33.49 36.48
N ILE G 173 7.32 33.39 37.75
CA ILE G 173 6.92 32.12 38.33
C ILE G 173 5.42 32.05 38.61
N THR G 174 4.68 33.07 38.19
CA THR G 174 3.25 33.13 38.46
C THR G 174 2.43 33.30 37.19
N ILE G 175 2.69 34.36 36.44
CA ILE G 175 1.88 34.72 35.28
C ILE G 175 1.83 33.66 34.17
N PRO G 176 2.98 33.08 33.78
CA PRO G 176 2.88 32.09 32.69
C PRO G 176 2.02 30.86 33.03
N TYR G 177 1.61 30.73 34.28
CA TYR G 177 0.70 29.66 34.68
C TYR G 177 -0.73 30.17 34.81
N ILE G 178 -0.87 31.50 34.82
CA ILE G 178 -2.18 32.13 34.85
C ILE G 178 -2.85 32.02 33.48
N TYR G 179 -2.06 32.23 32.43
CA TYR G 179 -2.57 32.17 31.07
C TYR G 179 -2.06 30.91 30.36
N SER G 180 -2.82 30.47 29.36
CA SER G 180 -2.41 29.32 28.56
C SER G 180 -1.21 29.70 27.70
N PRO G 181 -0.36 28.71 27.37
CA PRO G 181 0.81 28.93 26.51
C PRO G 181 0.44 29.57 25.17
N GLN G 182 -0.67 29.13 24.59
CA GLN G 182 -1.13 29.65 23.30
C GLN G 182 -1.48 31.14 23.41
N PHE G 183 -2.26 31.48 24.43
CA PHE G 183 -2.68 32.85 24.67
C PHE G 183 -1.48 33.74 25.02
N TYR G 184 -0.56 33.19 25.81
CA TYR G 184 0.65 33.91 26.20
C TYR G 184 1.50 34.24 24.98
N THR G 185 1.69 33.24 24.12
CA THR G 185 2.49 33.41 22.91
C THR G 185 1.81 34.36 21.92
N LEU G 186 0.53 34.14 21.69
CA LEU G 186 -0.24 34.92 20.72
C LEU G 186 -0.27 36.40 21.07
N HIS G 187 -0.75 36.72 22.26
CA HIS G 187 -0.80 38.11 22.74
C HIS G 187 0.41 38.43 23.59
N ASN G 188 1.60 38.18 23.06
CA ASN G 188 2.84 38.32 23.81
C ASN G 188 3.18 39.77 24.13
N ASP G 189 2.79 40.68 23.24
CA ASP G 189 3.04 42.10 23.47
C ASP G 189 2.06 42.66 24.49
N TRP G 190 0.89 42.02 24.60
CA TRP G 190 -0.09 42.36 25.63
C TRP G 190 0.43 41.92 26.99
N MET G 191 1.38 40.99 26.98
CA MET G 191 1.99 40.47 28.20
C MET G 191 3.15 41.33 28.64
N GLU G 192 4.00 41.72 27.68
CA GLU G 192 5.20 42.48 27.98
C GLU G 192 4.87 43.91 28.45
N LYS G 193 3.90 44.50 27.81
CA LYS G 193 3.52 45.82 28.18
C LYS G 193 3.00 45.80 29.58
N ARG G 194 2.24 44.77 29.92
CA ARG G 194 1.69 44.62 31.26
C ARG G 194 2.80 44.32 32.25
N LYS G 195 3.80 43.57 31.79
CA LYS G 195 4.91 43.14 32.62
C LYS G 195 5.71 44.31 33.20
N GLU G 196 5.96 45.32 32.37
CA GLU G 196 6.77 46.46 32.78
C GLU G 196 6.12 47.27 33.90
N LEU G 197 4.82 47.03 34.14
CA LEU G 197 4.12 47.65 35.26
C LEU G 197 3.71 46.61 36.30
N LEU G 198 3.76 45.34 35.92
CA LEU G 198 3.43 44.25 36.85
C LEU G 198 4.60 43.94 37.77
N VAL G 199 5.83 44.12 37.26
CA VAL G 199 7.03 43.87 38.06
C VAL G 199 7.19 44.89 39.20
N PRO G 200 7.00 46.20 38.93
CA PRO G 200 7.05 47.12 40.07
C PRO G 200 5.98 46.82 41.12
N LEU G 201 4.79 46.42 40.68
CA LEU G 201 3.72 46.04 41.58
C LEU G 201 4.12 44.84 42.42
N PHE G 202 4.79 43.88 41.80
CA PHE G 202 5.21 42.66 42.48
C PHE G 202 6.49 42.87 43.29
N SER G 203 7.03 44.09 43.25
CA SER G 203 8.24 44.41 43.98
C SER G 203 7.93 45.13 45.28
N THR G 204 6.68 45.58 45.43
CA THR G 204 6.25 46.27 46.63
C THR G 204 6.03 45.28 47.78
N ARG G 205 6.50 45.65 48.97
CA ARG G 205 6.44 44.76 50.12
C ARG G 205 5.01 44.48 50.57
N THR G 206 4.18 45.52 50.60
CA THR G 206 2.81 45.40 51.07
C THR G 206 2.01 44.42 50.24
N PHE G 207 2.10 44.53 48.93
CA PHE G 207 1.41 43.62 48.02
C PHE G 207 1.89 42.18 48.22
N LEU G 208 3.21 42.03 48.34
CA LEU G 208 3.80 40.71 48.54
C LEU G 208 3.39 40.13 49.90
N ASP G 209 3.26 40.99 50.90
CA ASP G 209 2.79 40.55 52.21
C ASP G 209 1.36 40.05 52.14
N ARG G 210 0.52 40.81 51.42
CA ARG G 210 -0.89 40.47 51.27
C ARG G 210 -1.05 39.18 50.47
N MET G 211 -0.16 38.96 49.51
CA MET G 211 -0.20 37.75 48.70
C MET G 211 0.15 36.50 49.51
N ILE G 212 1.14 36.63 50.38
CA ILE G 212 1.58 35.51 51.22
C ILE G 212 0.48 35.09 52.17
N ARG G 213 -0.18 36.07 52.78
CA ARG G 213 -1.24 35.80 53.75
C ARG G 213 -2.49 35.26 53.07
N LEU G 214 -2.76 35.73 51.86
CA LEU G 214 -3.89 35.24 51.08
C LEU G 214 -3.63 33.82 50.59
N THR G 215 -2.42 33.57 50.12
CA THR G 215 -2.05 32.24 49.63
C THR G 215 -2.07 31.19 50.74
N LYS G 216 -1.63 31.59 51.93
CA LYS G 216 -1.55 30.66 53.05
C LYS G 216 -2.94 30.34 53.61
N SER G 217 -3.88 31.25 53.38
CA SER G 217 -5.26 31.03 53.79
C SER G 217 -5.92 29.96 52.93
N ALA G 218 -5.38 29.77 51.73
CA ALA G 218 -5.92 28.80 50.78
C ALA G 218 -5.45 27.39 51.06
N GLU G 219 -4.45 27.27 51.94
CA GLU G 219 -3.89 25.96 52.30
C GLU G 219 -4.91 25.08 53.01
N THR G 220 -5.90 25.72 53.63
CA THR G 220 -6.87 25.00 54.45
C THR G 220 -8.20 24.79 53.72
N HIS G 221 -8.22 25.06 52.42
CA HIS G 221 -9.43 24.88 51.63
C HIS G 221 -9.80 23.40 51.52
N ASP G 222 -10.98 23.05 52.04
CA ASP G 222 -11.44 21.66 52.04
C ASP G 222 -12.95 21.59 52.24
N VAL G 223 -13.68 21.43 51.15
CA VAL G 223 -15.14 21.33 51.21
C VAL G 223 -15.63 20.01 50.63
N ILE G 224 -14.73 19.02 50.59
CA ILE G 224 -15.06 17.70 50.04
C ILE G 224 -16.26 17.08 50.73
N LYS G 225 -16.25 17.09 52.07
CA LYS G 225 -17.34 16.55 52.86
C LYS G 225 -18.65 17.33 52.64
N ASP G 226 -18.51 18.62 52.38
CA ASP G 226 -19.67 19.50 52.22
C ASP G 226 -20.36 19.34 50.87
N LEU G 227 -19.66 18.73 49.91
CA LEU G 227 -20.17 18.62 48.54
C LEU G 227 -21.53 17.92 48.38
N PRO G 228 -21.72 16.75 49.05
CA PRO G 228 -23.01 16.09 48.85
C PRO G 228 -24.21 16.84 49.45
N ASN G 229 -23.95 17.86 50.26
CA ASN G 229 -25.01 18.60 50.93
C ASN G 229 -25.39 19.89 50.20
N ILE G 230 -24.52 20.35 49.32
CA ILE G 230 -24.76 21.59 48.59
C ILE G 230 -25.82 21.41 47.50
N LYS G 231 -27.03 21.90 47.77
CA LYS G 231 -28.14 21.77 46.84
C LYS G 231 -28.17 22.91 45.84
N THR G 232 -27.22 23.84 45.96
CA THR G 232 -27.17 25.02 45.12
C THR G 232 -26.98 24.69 43.65
N PRO G 233 -27.87 25.20 42.79
CA PRO G 233 -27.72 25.09 41.33
C PRO G 233 -26.44 25.76 40.86
N THR G 234 -25.48 24.95 40.40
CA THR G 234 -24.15 25.46 40.13
C THR G 234 -23.69 25.16 38.70
N LEU G 235 -23.01 26.13 38.08
CA LEU G 235 -22.37 25.94 36.79
C LEU G 235 -20.86 26.05 36.94
N ILE G 236 -20.16 24.94 36.68
CA ILE G 236 -18.70 24.93 36.79
C ILE G 236 -18.06 25.24 35.45
N ILE G 237 -17.10 26.17 35.46
CA ILE G 237 -16.35 26.49 34.25
C ILE G 237 -14.93 25.92 34.34
N SER G 238 -14.56 25.11 33.36
CA SER G 238 -13.24 24.49 33.35
C SER G 238 -12.42 24.92 32.14
N SER G 239 -11.13 25.16 32.37
CA SER G 239 -10.22 25.50 31.28
C SER G 239 -9.30 24.32 31.01
N GLU G 240 -9.21 23.91 29.74
CA GLU G 240 -8.44 22.73 29.38
C GLU G 240 -6.93 22.92 29.58
N GLU G 241 -6.47 24.16 29.52
CA GLU G 241 -5.07 24.46 29.72
C GLU G 241 -4.85 25.22 31.04
N ASP G 242 -5.73 24.97 32.00
CA ASP G 242 -5.58 25.52 33.35
C ASP G 242 -4.49 24.75 34.08
N TYR G 243 -3.39 25.43 34.38
CA TYR G 243 -2.22 24.77 34.96
C TYR G 243 -2.13 24.94 36.48
N LEU G 244 -3.10 25.64 37.07
CA LEU G 244 -3.13 25.84 38.51
C LEU G 244 -4.30 25.11 39.15
N THR G 245 -5.45 25.18 38.50
CA THR G 245 -6.62 24.41 38.91
C THR G 245 -7.08 23.52 37.75
N PRO G 246 -6.37 22.40 37.53
CA PRO G 246 -6.55 21.50 36.38
C PRO G 246 -7.99 20.98 36.22
N PRO G 247 -8.37 20.66 34.97
CA PRO G 247 -9.71 20.19 34.62
C PRO G 247 -10.22 19.00 35.43
N PHE G 248 -9.33 18.15 35.93
CA PHE G 248 -9.76 16.97 36.67
C PHE G 248 -10.31 17.36 38.04
N GLU G 249 -9.98 18.56 38.49
CA GLU G 249 -10.50 19.08 39.75
C GLU G 249 -11.95 19.57 39.59
N GLN G 250 -12.27 20.06 38.40
CA GLN G 250 -13.62 20.54 38.12
C GLN G 250 -14.60 19.39 37.90
N LYS G 251 -14.11 18.30 37.32
CA LYS G 251 -14.95 17.13 37.06
C LYS G 251 -15.24 16.36 38.34
N TYR G 252 -14.27 16.33 39.26
CA TYR G 252 -14.46 15.69 40.55
C TYR G 252 -15.59 16.36 41.32
N LEU G 253 -15.59 17.69 41.29
CA LEU G 253 -16.56 18.48 42.03
C LEU G 253 -17.94 18.34 41.38
N GLN G 254 -17.96 18.27 40.05
CA GLN G 254 -19.20 18.13 39.31
C GLN G 254 -19.86 16.79 39.60
N GLU G 255 -19.05 15.80 39.99
CA GLU G 255 -19.55 14.46 40.26
C GLU G 255 -20.06 14.31 41.70
N HIS G 256 -19.76 15.27 42.55
CA HIS G 256 -20.15 15.15 43.96
C HIS G 256 -21.16 16.23 44.40
N LEU G 257 -21.35 17.24 43.56
CA LEU G 257 -22.50 18.13 43.74
C LEU G 257 -23.71 17.46 43.09
N GLN G 258 -24.89 17.70 43.64
CA GLN G 258 -26.09 17.06 43.12
C GLN G 258 -26.71 17.89 41.99
N ASN G 259 -26.42 19.18 41.96
CA ASN G 259 -26.97 20.07 40.94
C ASN G 259 -25.89 20.91 40.27
N ALA G 260 -24.84 20.25 39.80
CA ALA G 260 -23.74 20.95 39.15
C ALA G 260 -23.73 20.72 37.64
N GLU G 261 -23.41 21.77 36.90
CA GLU G 261 -23.28 21.70 35.45
C GLU G 261 -21.83 22.01 35.08
N LEU G 262 -21.30 21.29 34.08
CA LEU G 262 -19.90 21.46 33.72
C LEU G 262 -19.71 21.95 32.29
N VAL G 263 -18.82 22.93 32.13
CA VAL G 263 -18.48 23.47 30.83
C VAL G 263 -16.96 23.62 30.70
N SER G 264 -16.41 23.11 29.60
CA SER G 264 -14.97 23.19 29.39
C SER G 264 -14.63 24.19 28.29
N ILE G 265 -13.55 24.94 28.48
CA ILE G 265 -13.12 25.94 27.51
C ILE G 265 -11.79 25.55 26.88
N PRO G 266 -11.83 25.09 25.62
CA PRO G 266 -10.63 24.67 24.88
C PRO G 266 -9.64 25.82 24.67
N ASN G 267 -8.35 25.51 24.76
CA ASN G 267 -7.29 26.50 24.59
C ASN G 267 -7.48 27.72 25.49
N CYS G 268 -7.48 27.48 26.80
CA CYS G 268 -7.75 28.54 27.77
C CYS G 268 -7.01 28.27 29.07
N GLY G 269 -6.40 29.30 29.64
CA GLY G 269 -5.64 29.16 30.87
C GLY G 269 -6.46 29.39 32.12
N HIS G 270 -5.77 29.59 33.23
CA HIS G 270 -6.41 29.78 34.53
C HIS G 270 -7.30 31.03 34.55
N ALA G 271 -6.89 32.05 33.79
CA ALA G 271 -7.66 33.29 33.74
C ALA G 271 -8.69 33.24 32.61
N SER G 272 -9.72 32.43 32.80
CA SER G 272 -10.78 32.28 31.81
C SER G 272 -11.47 33.61 31.54
N MET G 273 -11.51 34.45 32.57
CA MET G 273 -12.09 35.79 32.48
C MET G 273 -11.45 36.64 31.38
N TYR G 274 -10.14 36.53 31.24
CA TYR G 274 -9.39 37.42 30.35
C TYR G 274 -9.25 36.86 28.94
N GLU G 275 -9.07 35.55 28.83
CA GLU G 275 -8.84 34.92 27.54
C GLU G 275 -10.11 34.80 26.73
N VAL G 276 -11.22 34.47 27.39
CA VAL G 276 -12.51 34.35 26.71
C VAL G 276 -13.63 35.04 27.48
N PRO G 277 -13.61 36.38 27.51
CA PRO G 277 -14.60 37.16 28.27
C PRO G 277 -16.01 37.02 27.71
N LYS G 278 -16.14 36.86 26.39
CA LYS G 278 -17.45 36.69 25.76
C LYS G 278 -18.15 35.44 26.30
N THR G 279 -17.41 34.33 26.32
CA THR G 279 -17.93 33.06 26.81
C THR G 279 -18.23 33.13 28.31
N PHE G 280 -17.29 33.66 29.08
CA PHE G 280 -17.44 33.77 30.52
C PHE G 280 -18.69 34.57 30.87
N THR G 281 -18.88 35.69 30.16
CA THR G 281 -20.05 36.53 30.36
C THR G 281 -21.33 35.79 30.00
N ALA G 282 -21.28 35.05 28.88
CA ALA G 282 -22.44 34.33 28.39
C ALA G 282 -22.88 33.23 29.37
N LEU G 283 -21.91 32.51 29.92
CA LEU G 283 -22.21 31.45 30.88
C LEU G 283 -22.79 32.00 32.17
N VAL G 284 -22.18 33.05 32.70
CA VAL G 284 -22.64 33.66 33.95
C VAL G 284 -24.01 34.32 33.78
N LEU G 285 -24.17 35.13 32.74
CA LEU G 285 -25.44 35.80 32.49
C LEU G 285 -26.53 34.82 32.08
N GLY G 286 -26.18 33.83 31.28
CA GLY G 286 -27.13 32.84 30.80
C GLY G 286 -27.66 31.95 31.91
N PHE G 287 -26.77 31.50 32.79
CA PHE G 287 -27.14 30.62 33.89
C PHE G 287 -28.03 31.33 34.90
N PHE G 288 -27.71 32.59 35.18
CA PHE G 288 -28.49 33.39 36.12
C PHE G 288 -29.76 33.93 35.47
N GLY G 289 -29.72 34.10 34.16
CA GLY G 289 -30.80 34.72 33.42
C GLY G 289 -31.96 33.78 33.08
N GLN G 290 -31.72 32.48 33.20
CA GLN G 290 -32.77 31.49 32.95
C GLN G 290 -33.91 31.65 33.94
N THR G 291 -35.14 31.68 33.43
CA THR G 291 -36.30 31.77 34.29
C THR G 291 -36.42 30.52 35.15
N LYS G 292 -36.47 29.36 34.50
CA LYS G 292 -36.53 28.10 35.21
C LYS G 292 -35.40 27.16 34.75
N LEU G 293 -34.82 26.45 35.71
CA LEU G 293 -33.72 25.54 35.45
C LEU G 293 -34.18 24.11 35.20
N ASP G 294 -35.39 23.75 35.63
CA ASP G 294 -35.86 22.41 35.33
C ASP G 294 -36.38 22.36 33.88
N TYR G 295 -36.23 21.17 33.28
CA TYR G 295 -36.61 20.91 31.91
C TYR G 295 -37.16 19.48 31.79
N GLN G 296 -38.46 19.33 31.58
CA GLN G 296 -39.04 18.01 31.41
C GLN G 296 -39.03 17.66 29.91
N ILE G 297 -38.25 16.65 29.55
CA ILE G 297 -38.06 16.21 28.18
C ILE G 297 -38.39 14.73 28.15
N TYR H 18 -7.93 -38.85 12.80
CA TYR H 18 -8.41 -37.50 12.61
C TYR H 18 -8.76 -36.75 13.91
N PHE H 19 -7.81 -36.47 14.80
CA PHE H 19 -6.62 -37.21 15.20
C PHE H 19 -5.47 -36.98 14.29
N GLN H 20 -5.68 -36.28 13.18
CA GLN H 20 -4.63 -36.09 12.20
C GLN H 20 -4.89 -34.88 11.38
N GLY H 21 -5.84 -34.08 11.81
CA GLY H 21 -6.04 -32.78 11.20
C GLY H 21 -5.06 -31.78 11.77
N VAL H 22 -4.14 -31.32 10.93
CA VAL H 22 -3.16 -30.32 11.35
C VAL H 22 -3.82 -28.94 11.39
N SER H 23 -3.51 -28.18 12.43
CA SER H 23 -4.09 -26.86 12.68
C SER H 23 -5.58 -26.98 13.02
N ILE H 24 -6.02 -28.18 13.34
CA ILE H 24 -7.39 -28.41 13.77
C ILE H 24 -7.42 -29.07 15.15
N PHE H 25 -8.01 -28.37 16.11
CA PHE H 25 -8.16 -28.89 17.46
C PHE H 25 -9.61 -29.31 17.67
N THR H 26 -9.82 -30.62 17.81
CA THR H 26 -11.15 -31.16 18.01
C THR H 26 -11.62 -30.94 19.45
N TYR H 27 -12.57 -30.02 19.61
CA TYR H 27 -13.06 -29.65 20.93
C TYR H 27 -14.59 -29.72 20.98
N GLN H 28 -15.09 -30.56 21.88
CA GLN H 28 -16.53 -30.80 22.02
C GLN H 28 -17.16 -31.21 20.69
N GLU H 29 -16.53 -32.19 20.03
CA GLU H 29 -17.01 -32.77 18.78
C GLU H 29 -17.07 -31.75 17.63
N LYS H 30 -16.43 -30.61 17.81
CA LYS H 30 -16.39 -29.58 16.77
C LYS H 30 -14.94 -29.20 16.47
N ASP H 31 -14.71 -28.63 15.29
CA ASP H 31 -13.36 -28.32 14.85
C ASP H 31 -12.96 -26.89 15.17
N ILE H 32 -11.76 -26.74 15.75
CA ILE H 32 -11.21 -25.42 16.03
C ILE H 32 -9.91 -25.22 15.27
N TYR H 33 -9.86 -24.17 14.45
CA TYR H 33 -8.69 -23.88 13.63
C TYR H 33 -7.72 -22.96 14.36
N TYR H 34 -6.44 -23.35 14.37
CA TYR H 34 -5.40 -22.55 15.00
C TYR H 34 -4.14 -22.56 14.14
N GLU H 35 -3.29 -21.55 14.33
CA GLU H 35 -2.03 -21.47 13.60
C GLU H 35 -0.88 -21.09 14.53
N ILE H 36 0.24 -21.79 14.40
CA ILE H 36 1.40 -21.52 15.23
C ILE H 36 2.60 -21.07 14.40
N ASP H 37 3.10 -19.89 14.69
CA ASP H 37 4.28 -19.37 14.01
C ASP H 37 5.49 -19.44 14.94
N GLY H 38 6.50 -20.18 14.52
CA GLY H 38 7.61 -20.53 15.38
C GLY H 38 7.42 -21.96 15.86
N THR H 39 8.41 -22.52 16.54
CA THR H 39 8.29 -23.87 17.05
C THR H 39 7.97 -23.85 18.54
N LEU H 40 7.02 -24.70 18.95
CA LEU H 40 6.51 -24.66 20.32
C LEU H 40 7.29 -25.57 21.26
N ASP H 41 7.83 -24.96 22.32
CA ASP H 41 8.57 -25.70 23.33
C ASP H 41 7.85 -25.62 24.67
N ILE H 42 8.50 -26.08 25.73
CA ILE H 42 8.00 -25.86 27.08
C ILE H 42 8.54 -24.54 27.60
N ASN H 43 9.78 -24.24 27.20
CA ASN H 43 10.44 -22.99 27.60
C ASN H 43 10.11 -21.86 26.63
N SER H 44 9.05 -22.04 25.85
CA SER H 44 8.59 -21.02 24.93
C SER H 44 8.05 -19.80 25.66
N ASP H 45 8.17 -18.64 25.02
CA ASP H 45 7.46 -17.46 25.48
C ASP H 45 6.30 -17.21 24.52
N VAL H 46 5.10 -17.60 24.94
CA VAL H 46 3.96 -17.67 24.02
C VAL H 46 3.10 -16.41 24.04
N ILE H 47 2.88 -15.85 22.85
CA ILE H 47 1.93 -14.77 22.67
C ILE H 47 0.67 -15.29 22.00
N VAL H 48 -0.45 -15.28 22.72
CA VAL H 48 -1.71 -15.74 22.17
C VAL H 48 -2.60 -14.56 21.81
N ILE H 49 -3.12 -14.57 20.59
CA ILE H 49 -3.95 -13.47 20.10
C ILE H 49 -5.44 -13.82 20.13
N LEU H 50 -6.23 -12.95 20.76
CA LEU H 50 -7.67 -13.14 20.82
C LEU H 50 -8.38 -12.17 19.87
N ASN H 51 -8.93 -12.73 18.79
CA ASN H 51 -9.46 -11.94 17.69
C ASN H 51 -10.67 -11.07 18.05
N GLY H 52 -10.92 -10.06 17.23
CA GLY H 52 -12.11 -9.24 17.36
C GLY H 52 -13.31 -9.98 16.82
N ILE H 53 -14.47 -9.35 16.85
CA ILE H 53 -15.71 -10.03 16.48
C ILE H 53 -15.84 -10.23 14.97
N MET H 54 -15.11 -9.42 14.19
CA MET H 54 -15.14 -9.55 12.74
C MET H 54 -13.80 -10.02 12.19
N MET H 55 -13.02 -10.71 13.01
CA MET H 55 -11.66 -11.08 12.63
C MET H 55 -11.43 -12.58 12.62
N SER H 56 -10.28 -12.98 12.05
CA SER H 56 -9.84 -14.37 12.09
C SER H 56 -8.33 -14.40 12.31
N THR H 57 -7.73 -15.57 12.13
CA THR H 57 -6.29 -15.70 12.29
C THR H 57 -5.54 -14.92 11.22
N LYS H 58 -6.11 -14.89 10.01
CA LYS H 58 -5.47 -14.23 8.89
C LYS H 58 -5.39 -12.73 9.11
N SER H 59 -6.31 -12.19 9.91
CA SER H 59 -6.39 -10.76 10.13
C SER H 59 -5.20 -10.20 10.91
N TRP H 60 -4.27 -11.08 11.27
CA TRP H 60 -3.07 -10.67 12.00
C TRP H 60 -1.80 -11.00 11.23
N ASP H 61 -1.94 -11.27 9.93
CA ASP H 61 -0.82 -11.68 9.09
C ASP H 61 0.31 -10.66 9.06
N ALA H 62 -0.04 -9.38 9.02
CA ALA H 62 0.96 -8.32 8.97
C ALA H 62 1.74 -8.23 10.28
N PHE H 63 1.13 -8.72 11.36
CA PHE H 63 1.75 -8.65 12.68
C PHE H 63 2.58 -9.88 13.00
N VAL H 64 2.35 -10.96 12.25
CA VAL H 64 2.92 -12.28 12.56
C VAL H 64 4.42 -12.28 12.83
N GLU H 65 5.21 -11.78 11.88
CA GLU H 65 6.66 -11.81 12.00
C GLU H 65 7.17 -11.06 13.23
N ASN H 66 6.74 -9.82 13.39
CA ASN H 66 7.16 -9.00 14.52
C ASN H 66 6.71 -9.61 15.85
N PHE H 67 5.56 -10.30 15.83
CA PHE H 67 5.03 -10.93 17.04
C PHE H 67 5.68 -12.29 17.30
N SER H 68 6.38 -12.83 16.30
CA SER H 68 6.92 -14.18 16.42
C SER H 68 8.44 -14.24 16.27
N LYS H 69 9.10 -13.09 16.33
CA LYS H 69 10.56 -13.06 16.22
C LYS H 69 11.23 -13.53 17.50
N ASN H 70 10.70 -13.09 18.64
CA ASN H 70 11.24 -13.51 19.93
C ASN H 70 10.21 -14.29 20.75
N HIS H 71 9.08 -14.62 20.12
CA HIS H 71 8.01 -15.33 20.80
C HIS H 71 7.43 -16.43 19.90
N VAL H 72 6.68 -17.35 20.51
CA VAL H 72 5.95 -18.35 19.75
C VAL H 72 4.49 -17.91 19.61
N LEU H 73 4.12 -17.47 18.42
CA LEU H 73 2.80 -16.91 18.18
C LEU H 73 1.72 -17.98 18.06
N LEU H 74 0.61 -17.77 18.76
CA LEU H 74 -0.54 -18.66 18.64
C LEU H 74 -1.80 -17.89 18.24
N ARG H 75 -2.22 -18.07 17.00
CA ARG H 75 -3.46 -17.50 16.51
C ARG H 75 -4.52 -18.59 16.38
N TYR H 76 -5.74 -18.29 16.80
CA TYR H 76 -6.82 -19.26 16.68
C TYR H 76 -8.15 -18.58 16.42
N ASP H 77 -9.06 -19.29 15.78
CA ASP H 77 -10.41 -18.80 15.53
C ASP H 77 -11.36 -19.32 16.60
N MET H 78 -12.05 -18.40 17.27
CA MET H 78 -13.06 -18.78 18.25
C MET H 78 -14.26 -19.40 17.55
N PHE H 79 -15.26 -19.80 18.33
CA PHE H 79 -16.49 -20.33 17.76
C PHE H 79 -17.16 -19.26 16.91
N ASP H 80 -17.77 -19.68 15.80
CA ASP H 80 -18.41 -18.80 14.82
C ASP H 80 -17.42 -17.84 14.15
N GLN H 81 -16.13 -18.14 14.26
CA GLN H 81 -15.11 -17.29 13.66
C GLN H 81 -14.24 -18.05 12.66
N GLY H 82 -13.90 -17.38 11.56
CA GLY H 82 -12.98 -17.90 10.57
C GLY H 82 -13.27 -19.29 10.04
N GLN H 83 -12.33 -20.19 10.28
CA GLN H 83 -12.43 -21.56 9.78
C GLN H 83 -12.81 -22.56 10.87
N SER H 84 -13.17 -22.04 12.04
CA SER H 84 -13.65 -22.89 13.13
C SER H 84 -15.13 -23.20 12.96
N SER H 85 -15.57 -24.31 13.56
CA SER H 85 -16.97 -24.73 13.45
C SER H 85 -17.91 -23.70 14.05
N LYS H 86 -19.15 -23.71 13.58
CA LYS H 86 -20.18 -22.77 14.02
C LYS H 86 -21.04 -23.36 15.12
N ILE H 87 -21.50 -22.50 16.03
CA ILE H 87 -22.47 -22.89 17.04
C ILE H 87 -23.83 -22.35 16.66
N GLU H 88 -24.83 -23.22 16.63
CA GLU H 88 -26.19 -22.81 16.30
C GLU H 88 -27.07 -22.75 17.53
N GLU H 89 -26.44 -22.95 18.68
CA GLU H 89 -27.10 -22.72 19.96
C GLU H 89 -26.96 -21.25 20.31
N SER H 90 -27.66 -20.81 21.35
CA SER H 90 -27.44 -19.47 21.88
C SER H 90 -26.49 -19.58 23.06
N TYR H 91 -25.30 -19.00 22.91
CA TYR H 91 -24.22 -19.16 23.88
C TYR H 91 -23.75 -17.83 24.42
N THR H 92 -23.21 -17.86 25.64
CA THR H 92 -22.54 -16.69 26.20
C THR H 92 -21.06 -16.79 25.87
N GLN H 93 -20.27 -15.84 26.35
CA GLN H 93 -18.85 -15.80 26.02
C GLN H 93 -18.04 -16.85 26.78
N THR H 94 -18.70 -17.60 27.66
CA THR H 94 -18.01 -18.58 28.49
C THR H 94 -17.51 -19.77 27.69
N ILE H 95 -18.16 -20.05 26.56
CA ILE H 95 -17.74 -21.17 25.72
C ILE H 95 -16.51 -20.78 24.92
N GLN H 96 -16.23 -19.48 24.86
CA GLN H 96 -15.03 -18.98 24.21
C GLN H 96 -13.88 -18.98 25.21
N VAL H 97 -14.22 -18.72 26.48
CA VAL H 97 -13.22 -18.72 27.55
C VAL H 97 -12.70 -20.13 27.77
N GLU H 98 -13.61 -21.09 27.89
CA GLU H 98 -13.25 -22.49 28.11
C GLU H 98 -12.57 -23.06 26.88
N LEU H 99 -12.89 -22.52 25.70
CA LEU H 99 -12.21 -22.88 24.47
C LEU H 99 -10.74 -22.52 24.56
N LEU H 100 -10.46 -21.29 25.00
CA LEU H 100 -9.10 -20.81 25.16
C LEU H 100 -8.33 -21.68 26.15
N LYS H 101 -8.99 -22.02 27.25
CA LYS H 101 -8.37 -22.82 28.30
C LYS H 101 -7.91 -24.18 27.79
N ASN H 102 -8.84 -24.90 27.14
CA ASN H 102 -8.55 -26.25 26.67
C ASN H 102 -7.63 -26.28 25.46
N LEU H 103 -7.68 -25.24 24.64
CA LEU H 103 -6.77 -25.11 23.51
C LEU H 103 -5.33 -24.97 23.99
N LEU H 104 -5.14 -24.14 25.02
CA LEU H 104 -3.83 -23.96 25.63
C LEU H 104 -3.33 -25.27 26.21
N GLU H 105 -4.23 -25.99 26.88
CA GLU H 105 -3.89 -27.28 27.46
C GLU H 105 -3.61 -28.30 26.37
N HIS H 106 -4.30 -28.15 25.24
CA HIS H 106 -4.12 -29.05 24.10
C HIS H 106 -2.72 -28.92 23.51
N LEU H 107 -2.20 -27.70 23.51
CA LEU H 107 -0.87 -27.44 22.95
C LEU H 107 0.22 -27.56 24.01
N GLY H 108 -0.19 -27.87 25.24
CA GLY H 108 0.75 -28.04 26.33
C GLY H 108 1.32 -26.72 26.81
N ILE H 109 0.50 -25.68 26.79
CA ILE H 109 0.93 -24.35 27.22
C ILE H 109 0.38 -24.03 28.60
N ALA H 110 1.27 -23.90 29.58
CA ALA H 110 0.87 -23.58 30.95
C ALA H 110 0.54 -22.11 31.10
N GLN H 111 1.50 -21.25 30.79
CA GLN H 111 1.30 -19.81 30.84
C GLN H 111 1.55 -19.18 29.47
N ALA H 112 0.91 -18.05 29.21
CA ALA H 112 1.08 -17.35 27.95
C ALA H 112 0.75 -15.86 28.05
N ASN H 113 1.48 -15.05 27.30
CA ASN H 113 1.12 -13.64 27.14
C ASN H 113 -0.13 -13.53 26.28
N ILE H 114 -1.08 -12.73 26.72
CA ILE H 114 -2.35 -12.61 26.00
C ILE H 114 -2.60 -11.19 25.51
N VAL H 115 -2.82 -11.05 24.21
CA VAL H 115 -3.22 -9.79 23.63
C VAL H 115 -4.60 -9.94 22.98
N GLY H 116 -5.54 -9.07 23.36
CA GLY H 116 -6.88 -9.15 22.85
C GLY H 116 -7.46 -7.79 22.45
N ILE H 117 -8.34 -7.79 21.47
CA ILE H 117 -8.97 -6.56 21.00
C ILE H 117 -10.46 -6.76 20.80
N SER H 118 -11.25 -5.74 21.18
CA SER H 118 -12.69 -5.75 21.01
C SER H 118 -13.34 -6.95 21.70
N TYR H 119 -13.86 -7.88 20.90
CA TYR H 119 -14.54 -9.07 21.41
C TYR H 119 -13.56 -9.98 22.16
N GLY H 120 -12.38 -10.16 21.59
CA GLY H 120 -11.35 -10.99 22.19
C GLY H 120 -10.83 -10.38 23.48
N ALA H 121 -10.84 -9.05 23.55
CA ALA H 121 -10.44 -8.34 24.75
C ALA H 121 -11.36 -8.70 25.92
N SER H 122 -12.65 -8.83 25.61
CA SER H 122 -13.63 -9.22 26.61
C SER H 122 -13.37 -10.64 27.08
N ILE H 123 -13.00 -11.50 26.14
CA ILE H 123 -12.66 -12.89 26.45
C ILE H 123 -11.44 -12.94 27.36
N ALA H 124 -10.49 -12.04 27.10
CA ALA H 124 -9.26 -11.97 27.88
C ALA H 124 -9.52 -11.64 29.34
N LEU H 125 -10.42 -10.68 29.58
CA LEU H 125 -10.76 -10.27 30.94
C LEU H 125 -11.45 -11.39 31.72
N GLN H 126 -12.39 -12.07 31.07
CA GLN H 126 -13.09 -13.19 31.69
C GLN H 126 -12.12 -14.33 31.96
N PHE H 127 -11.18 -14.52 31.04
CA PHE H 127 -10.17 -15.56 31.18
C PHE H 127 -9.21 -15.23 32.33
N ALA H 128 -8.89 -13.96 32.47
CA ALA H 128 -8.01 -13.50 33.54
C ALA H 128 -8.68 -13.61 34.90
N ALA H 129 -10.01 -13.67 34.89
CA ALA H 129 -10.79 -13.75 36.11
C ALA H 129 -10.92 -15.19 36.60
N LYS H 130 -10.89 -16.13 35.66
CA LYS H 130 -11.12 -17.53 35.98
C LYS H 130 -9.81 -18.32 36.01
N TYR H 131 -8.92 -18.01 35.08
CA TYR H 131 -7.63 -18.70 35.01
C TYR H 131 -6.46 -17.72 34.96
N PRO H 132 -6.18 -17.02 36.08
CA PRO H 132 -5.11 -16.02 36.11
C PRO H 132 -3.74 -16.66 36.12
N THR H 133 -3.67 -17.95 36.42
CA THR H 133 -2.41 -18.66 36.52
C THR H 133 -1.94 -19.19 35.17
N MET H 134 -2.74 -18.94 34.13
CA MET H 134 -2.37 -19.35 32.79
C MET H 134 -1.94 -18.15 31.96
N ILE H 135 -1.81 -16.99 32.62
CA ILE H 135 -1.40 -15.77 31.94
C ILE H 135 -0.13 -15.19 32.56
N LYS H 136 0.81 -14.79 31.71
CA LYS H 136 1.99 -14.07 32.16
C LYS H 136 1.67 -12.58 32.24
N ARG H 137 1.56 -11.95 31.08
CA ARG H 137 1.18 -10.55 30.99
C ARG H 137 0.05 -10.38 29.97
N MET H 138 -0.74 -9.34 30.13
CA MET H 138 -1.93 -9.16 29.30
C MET H 138 -1.98 -7.78 28.65
N VAL H 139 -2.51 -7.73 27.43
CA VAL H 139 -2.73 -6.48 26.73
C VAL H 139 -4.12 -6.47 26.11
N VAL H 140 -4.92 -5.47 26.46
CA VAL H 140 -6.28 -5.36 25.94
C VAL H 140 -6.50 -4.02 25.24
N ALA H 141 -6.89 -4.08 23.96
CA ALA H 141 -7.10 -2.89 23.17
C ALA H 141 -8.58 -2.70 22.85
N ASN H 142 -9.06 -1.47 23.05
CA ASN H 142 -10.46 -1.13 22.78
C ASN H 142 -11.40 -2.08 23.52
N VAL H 143 -11.42 -1.96 24.85
CA VAL H 143 -12.04 -2.98 25.70
C VAL H 143 -12.96 -2.35 26.75
N VAL H 144 -14.09 -3.01 27.01
CA VAL H 144 -14.99 -2.60 28.06
C VAL H 144 -15.04 -3.65 29.17
N ALA H 145 -15.29 -3.20 30.40
CA ALA H 145 -15.41 -4.12 31.52
C ALA H 145 -16.82 -4.71 31.57
N LYS H 146 -17.72 -4.13 30.79
CA LYS H 146 -19.10 -4.58 30.75
C LYS H 146 -19.82 -4.00 29.54
N THR H 147 -20.63 -4.82 28.87
CA THR H 147 -21.46 -4.34 27.78
C THR H 147 -22.56 -3.43 28.33
N SER H 148 -22.42 -2.14 28.07
CA SER H 148 -23.41 -1.16 28.51
C SER H 148 -24.71 -1.31 27.74
N PRO H 149 -25.82 -0.81 28.30
CA PRO H 149 -27.10 -0.79 27.57
C PRO H 149 -26.95 -0.07 26.23
N TRP H 150 -26.10 0.95 26.19
CA TRP H 150 -25.81 1.69 24.98
C TRP H 150 -25.19 0.78 23.92
N LEU H 151 -24.12 0.09 24.29
CA LEU H 151 -23.43 -0.83 23.40
C LEU H 151 -24.31 -2.02 23.04
N LYS H 152 -25.21 -2.39 23.95
CA LYS H 152 -26.12 -3.51 23.75
C LYS H 152 -27.14 -3.21 22.66
N ASP H 153 -27.73 -2.02 22.72
CA ASP H 153 -28.71 -1.62 21.71
C ASP H 153 -28.06 -1.42 20.34
N ILE H 154 -26.78 -1.08 20.35
CA ILE H 154 -26.02 -0.96 19.10
C ILE H 154 -25.90 -2.33 18.45
N GLY H 155 -25.55 -3.34 19.26
CA GLY H 155 -25.45 -4.70 18.79
C GLY H 155 -26.77 -5.23 18.26
N ASP H 156 -27.86 -4.77 18.86
CA ASP H 156 -29.19 -5.11 18.39
C ASP H 156 -29.45 -4.46 17.03
N GLY H 157 -28.86 -3.28 16.83
CA GLY H 157 -28.99 -2.58 15.56
C GLY H 157 -28.31 -3.32 14.42
N TRP H 158 -27.10 -3.82 14.70
CA TRP H 158 -26.37 -4.62 13.72
C TRP H 158 -27.16 -5.87 13.40
N ASN H 159 -27.59 -6.57 14.44
CA ASN H 159 -28.38 -7.79 14.28
C ASN H 159 -29.68 -7.56 13.52
N GLU H 160 -30.35 -6.45 13.80
CA GLU H 160 -31.63 -6.14 13.17
C GLU H 160 -31.45 -5.80 11.70
N VAL H 161 -30.28 -5.25 11.35
CA VAL H 161 -29.98 -4.95 9.97
C VAL H 161 -29.41 -6.19 9.29
N ALA H 162 -28.65 -6.98 10.05
CA ALA H 162 -28.12 -8.24 9.55
C ALA H 162 -29.25 -9.23 9.28
N LYS H 163 -30.37 -9.06 9.98
CA LYS H 163 -31.49 -9.96 9.83
C LYS H 163 -32.35 -9.59 8.62
N THR H 164 -31.94 -8.55 7.89
CA THR H 164 -32.63 -8.18 6.66
C THR H 164 -31.93 -8.78 5.45
N GLY H 165 -30.67 -9.17 5.64
CA GLY H 165 -29.88 -9.75 4.56
C GLY H 165 -29.22 -8.69 3.69
N ASN H 166 -29.52 -7.43 3.97
CA ASN H 166 -28.97 -6.32 3.20
C ASN H 166 -27.51 -6.07 3.54
N GLY H 167 -26.62 -6.50 2.65
CA GLY H 167 -25.18 -6.34 2.85
C GLY H 167 -24.73 -4.89 2.79
N LEU H 168 -25.34 -4.12 1.89
CA LEU H 168 -25.01 -2.71 1.75
C LEU H 168 -25.40 -1.94 3.00
N ALA H 169 -26.52 -2.31 3.60
CA ALA H 169 -27.00 -1.66 4.81
C ALA H 169 -26.16 -2.05 6.02
N TYR H 170 -25.81 -3.33 6.10
CA TYR H 170 -25.00 -3.83 7.22
C TYR H 170 -23.61 -3.20 7.21
N TYR H 171 -23.10 -2.95 6.00
CA TYR H 171 -21.79 -2.32 5.86
C TYR H 171 -21.81 -0.90 6.42
N HIS H 172 -22.75 -0.10 5.94
CA HIS H 172 -22.80 1.32 6.26
C HIS H 172 -23.11 1.63 7.72
N ILE H 173 -23.60 0.65 8.46
CA ILE H 173 -23.94 0.86 9.86
C ILE H 173 -22.86 0.33 10.81
N THR H 174 -21.92 -0.45 10.28
CA THR H 174 -20.89 -1.04 11.12
C THR H 174 -19.52 -0.42 10.87
N ILE H 175 -19.05 -0.52 9.65
CA ILE H 175 -17.69 -0.10 9.29
C ILE H 175 -17.33 1.37 9.59
N PRO H 176 -18.24 2.33 9.32
CA PRO H 176 -17.88 3.71 9.63
C PRO H 176 -17.54 3.96 11.10
N TYR H 177 -18.04 3.11 12.00
CA TYR H 177 -17.78 3.28 13.42
C TYR H 177 -16.60 2.42 13.87
N ILE H 178 -16.09 1.60 12.97
CA ILE H 178 -14.90 0.80 13.23
C ILE H 178 -13.66 1.67 13.12
N TYR H 179 -13.72 2.66 12.23
CA TYR H 179 -12.59 3.56 12.02
C TYR H 179 -12.93 4.98 12.43
N SER H 180 -11.89 5.74 12.79
CA SER H 180 -12.06 7.16 13.11
C SER H 180 -12.43 7.91 11.84
N PRO H 181 -13.26 8.96 11.98
CA PRO H 181 -13.71 9.77 10.85
C PRO H 181 -12.53 10.32 10.04
N GLN H 182 -11.45 10.66 10.73
CA GLN H 182 -10.28 11.23 10.09
C GLN H 182 -9.62 10.18 9.20
N PHE H 183 -9.47 8.97 9.72
CA PHE H 183 -8.85 7.87 9.00
C PHE H 183 -9.71 7.42 7.81
N TYR H 184 -11.00 7.26 8.07
CA TYR H 184 -11.96 6.82 7.06
C TYR H 184 -11.98 7.78 5.87
N THR H 185 -11.87 9.07 6.15
CA THR H 185 -11.88 10.10 5.11
C THR H 185 -10.56 10.12 4.35
N LEU H 186 -9.46 10.00 5.08
CA LEU H 186 -8.12 10.04 4.48
C LEU H 186 -7.90 8.91 3.48
N HIS H 187 -8.05 7.68 3.94
CA HIS H 187 -7.87 6.52 3.08
C HIS H 187 -9.20 6.06 2.48
N ASN H 188 -9.92 7.02 1.89
CA ASN H 188 -11.29 6.79 1.44
C ASN H 188 -11.42 5.80 0.27
N ASP H 189 -10.47 5.85 -0.65
CA ASP H 189 -10.60 5.10 -1.90
C ASP H 189 -10.38 3.59 -1.72
N TRP H 190 -9.47 3.21 -0.83
CA TRP H 190 -9.28 1.81 -0.52
C TRP H 190 -10.44 1.32 0.36
N MET H 191 -11.06 2.26 1.06
CA MET H 191 -12.26 1.98 1.83
C MET H 191 -13.46 1.75 0.91
N GLU H 192 -13.33 2.18 -0.35
CA GLU H 192 -14.44 2.15 -1.29
C GLU H 192 -14.60 0.80 -1.98
N LYS H 193 -13.56 -0.03 -1.97
CA LYS H 193 -13.68 -1.36 -2.55
C LYS H 193 -13.36 -2.46 -1.55
N ARG H 194 -12.83 -2.07 -0.39
CA ARG H 194 -12.84 -2.98 0.73
C ARG H 194 -14.30 -3.20 1.06
N LYS H 195 -15.07 -2.15 0.84
CA LYS H 195 -16.52 -2.17 0.87
C LYS H 195 -17.10 -3.22 -0.08
N GLU H 196 -16.82 -3.05 -1.37
CA GLU H 196 -17.44 -3.86 -2.42
C GLU H 196 -16.96 -5.31 -2.45
N LEU H 197 -16.20 -5.72 -1.43
CA LEU H 197 -15.85 -7.11 -1.25
C LEU H 197 -16.34 -7.57 0.11
N LEU H 198 -16.60 -6.60 0.99
CA LEU H 198 -17.26 -6.85 2.26
C LEU H 198 -18.76 -6.93 2.06
N VAL H 199 -19.28 -6.14 1.12
CA VAL H 199 -20.71 -6.09 0.86
C VAL H 199 -21.29 -7.43 0.38
N PRO H 200 -20.64 -8.11 -0.60
CA PRO H 200 -21.17 -9.44 -0.90
C PRO H 200 -20.98 -10.40 0.26
N LEU H 201 -19.90 -10.23 1.02
CA LEU H 201 -19.68 -11.01 2.23
C LEU H 201 -20.75 -10.70 3.27
N PHE H 202 -21.06 -9.42 3.42
CA PHE H 202 -22.08 -8.98 4.37
C PHE H 202 -23.49 -9.31 3.85
N SER H 203 -23.56 -9.97 2.70
CA SER H 203 -24.84 -10.33 2.10
C SER H 203 -25.12 -11.83 2.23
N THR H 204 -24.12 -12.58 2.66
CA THR H 204 -24.28 -14.02 2.86
C THR H 204 -24.76 -14.32 4.28
N ARG H 205 -25.76 -15.20 4.39
CA ARG H 205 -26.38 -15.52 5.66
C ARG H 205 -25.44 -16.20 6.65
N THR H 206 -24.52 -17.01 6.13
CA THR H 206 -23.59 -17.76 6.97
C THR H 206 -22.74 -16.81 7.83
N PHE H 207 -22.23 -15.76 7.19
CA PHE H 207 -21.43 -14.76 7.88
C PHE H 207 -22.29 -13.95 8.85
N LEU H 208 -23.46 -13.54 8.37
CA LEU H 208 -24.35 -12.67 9.15
C LEU H 208 -24.92 -13.39 10.37
N ASP H 209 -25.27 -14.66 10.23
CA ASP H 209 -25.75 -15.45 11.35
C ASP H 209 -24.65 -15.65 12.38
N ARG H 210 -23.43 -15.84 11.89
CA ARG H 210 -22.25 -15.92 12.75
C ARG H 210 -22.09 -14.61 13.53
N MET H 211 -22.34 -13.50 12.85
CA MET H 211 -22.21 -12.18 13.46
C MET H 211 -23.27 -11.96 14.54
N ILE H 212 -24.49 -12.39 14.27
CA ILE H 212 -25.59 -12.21 15.22
C ILE H 212 -25.34 -13.00 16.50
N ARG H 213 -24.95 -14.27 16.35
CA ARG H 213 -24.73 -15.13 17.49
C ARG H 213 -23.52 -14.70 18.31
N LEU H 214 -22.49 -14.19 17.64
CA LEU H 214 -21.33 -13.64 18.32
C LEU H 214 -21.70 -12.36 19.07
N THR H 215 -22.51 -11.53 18.44
CA THR H 215 -22.95 -10.27 19.04
C THR H 215 -23.84 -10.52 20.25
N LYS H 216 -24.72 -11.51 20.13
CA LYS H 216 -25.61 -11.87 21.24
C LYS H 216 -24.83 -12.41 22.43
N SER H 217 -23.68 -13.02 22.17
CA SER H 217 -22.85 -13.58 23.22
C SER H 217 -22.17 -12.49 24.05
N ALA H 218 -21.98 -11.33 23.44
CA ALA H 218 -21.30 -10.22 24.10
C ALA H 218 -22.22 -9.44 25.04
N GLU H 219 -23.52 -9.70 24.95
CA GLU H 219 -24.51 -9.01 25.77
C GLU H 219 -24.28 -9.26 27.26
N THR H 220 -23.82 -10.47 27.60
CA THR H 220 -23.67 -10.87 28.99
C THR H 220 -22.26 -10.63 29.51
N HIS H 221 -21.47 -9.83 28.79
CA HIS H 221 -20.12 -9.48 29.24
C HIS H 221 -20.17 -8.61 30.49
N ASP H 222 -19.65 -9.14 31.60
CA ASP H 222 -19.66 -8.42 32.87
C ASP H 222 -18.53 -8.92 33.77
N VAL H 223 -17.46 -8.13 33.87
CA VAL H 223 -16.33 -8.50 34.73
C VAL H 223 -16.05 -7.43 35.79
N ILE H 224 -17.02 -6.55 36.02
CA ILE H 224 -16.91 -5.52 37.04
C ILE H 224 -16.65 -6.17 38.40
N LYS H 225 -17.32 -7.29 38.63
CA LYS H 225 -17.18 -8.06 39.85
C LYS H 225 -15.75 -8.57 40.06
N ASP H 226 -15.04 -8.82 38.97
CA ASP H 226 -13.75 -9.51 39.01
C ASP H 226 -12.52 -8.59 38.96
N LEU H 227 -12.71 -7.34 38.52
CA LEU H 227 -11.58 -6.43 38.30
C LEU H 227 -10.65 -6.24 39.51
N PRO H 228 -11.20 -6.02 40.72
CA PRO H 228 -10.26 -5.84 41.83
C PRO H 228 -9.49 -7.11 42.21
N ASN H 229 -9.90 -8.24 41.64
CA ASN H 229 -9.25 -9.52 41.95
C ASN H 229 -8.25 -9.93 40.87
N ILE H 230 -8.25 -9.22 39.76
CA ILE H 230 -7.30 -9.50 38.67
C ILE H 230 -5.97 -8.78 38.89
N LYS H 231 -4.98 -9.53 39.32
CA LYS H 231 -3.66 -8.99 39.61
C LYS H 231 -2.77 -8.98 38.35
N THR H 232 -3.21 -9.73 37.35
CA THR H 232 -2.51 -9.85 36.07
C THR H 232 -2.03 -8.51 35.52
N PRO H 233 -0.71 -8.39 35.28
CA PRO H 233 -0.10 -7.19 34.70
C PRO H 233 -0.71 -6.83 33.36
N THR H 234 -1.50 -5.76 33.33
CA THR H 234 -2.27 -5.42 32.13
C THR H 234 -1.89 -4.05 31.55
N LEU H 235 -1.73 -4.01 30.24
CA LEU H 235 -1.57 -2.75 29.52
C LEU H 235 -2.80 -2.49 28.66
N ILE H 236 -3.60 -1.50 29.07
CA ILE H 236 -4.83 -1.18 28.35
C ILE H 236 -4.57 -0.15 27.24
N ILE H 237 -5.09 -0.44 26.06
CA ILE H 237 -4.94 0.47 24.91
C ILE H 237 -6.27 1.13 24.57
N SER H 238 -6.32 2.45 24.73
CA SER H 238 -7.55 3.20 24.48
C SER H 238 -7.41 4.13 23.27
N SER H 239 -8.46 4.20 22.46
CA SER H 239 -8.46 5.07 21.28
C SER H 239 -9.39 6.25 21.49
N GLU H 240 -8.89 7.46 21.24
CA GLU H 240 -9.63 8.68 21.50
C GLU H 240 -10.88 8.80 20.64
N GLU H 241 -10.80 8.31 19.40
CA GLU H 241 -11.93 8.38 18.48
C GLU H 241 -12.62 7.03 18.34
N ASP H 242 -12.59 6.25 19.42
CA ASP H 242 -13.29 4.97 19.46
C ASP H 242 -14.79 5.21 19.69
N TYR H 243 -15.60 4.89 18.68
CA TYR H 243 -17.03 5.13 18.76
C TYR H 243 -17.81 3.85 19.02
N LEU H 244 -17.14 2.86 19.60
CA LEU H 244 -17.76 1.59 19.94
C LEU H 244 -17.43 1.23 21.39
N THR H 245 -16.15 1.30 21.73
CA THR H 245 -15.69 1.12 23.09
C THR H 245 -14.95 2.37 23.55
N PRO H 246 -15.71 3.42 23.93
CA PRO H 246 -15.18 4.75 24.27
C PRO H 246 -14.17 4.74 25.42
N PRO H 247 -13.21 5.67 25.39
CA PRO H 247 -12.13 5.82 26.38
C PRO H 247 -12.59 5.78 27.84
N PHE H 248 -13.77 6.32 28.14
CA PHE H 248 -14.24 6.35 29.53
C PHE H 248 -14.44 4.94 30.08
N GLU H 249 -14.65 3.97 29.17
CA GLU H 249 -14.77 2.58 29.57
C GLU H 249 -13.40 1.99 29.89
N GLN H 250 -12.37 2.52 29.23
CA GLN H 250 -10.99 2.09 29.49
C GLN H 250 -10.46 2.72 30.77
N LYS H 251 -10.87 3.95 31.05
CA LYS H 251 -10.49 4.64 32.28
C LYS H 251 -11.05 3.89 33.49
N TYR H 252 -12.25 3.35 33.34
CA TYR H 252 -12.89 2.58 34.39
C TYR H 252 -12.11 1.31 34.68
N LEU H 253 -11.66 0.65 33.61
CA LEU H 253 -10.88 -0.57 33.72
C LEU H 253 -9.56 -0.33 34.44
N GLN H 254 -8.86 0.72 34.03
CA GLN H 254 -7.55 1.02 34.59
C GLN H 254 -7.63 1.40 36.06
N GLU H 255 -8.77 1.97 36.45
CA GLU H 255 -8.96 2.43 37.83
C GLU H 255 -9.30 1.27 38.77
N HIS H 256 -9.98 0.25 38.25
CA HIS H 256 -10.41 -0.86 39.09
C HIS H 256 -9.57 -2.12 38.88
N LEU H 257 -8.54 -2.01 38.05
CA LEU H 257 -7.53 -3.06 37.95
C LEU H 257 -6.29 -2.61 38.71
N GLN H 258 -5.85 -3.42 39.67
CA GLN H 258 -4.78 -3.03 40.58
C GLN H 258 -3.41 -2.99 39.90
N ASN H 259 -3.24 -3.76 38.83
CA ASN H 259 -1.99 -3.76 38.08
C ASN H 259 -2.20 -3.44 36.61
N ALA H 260 -2.74 -2.26 36.33
CA ALA H 260 -3.01 -1.85 34.96
C ALA H 260 -2.41 -0.50 34.63
N GLU H 261 -1.95 -0.36 33.39
CA GLU H 261 -1.47 0.92 32.88
C GLU H 261 -2.27 1.30 31.64
N LEU H 262 -2.31 2.59 31.33
CA LEU H 262 -3.16 3.08 30.26
C LEU H 262 -2.38 3.88 29.21
N VAL H 263 -2.70 3.65 27.95
CA VAL H 263 -2.12 4.39 26.84
C VAL H 263 -3.22 4.84 25.88
N SER H 264 -3.24 6.13 25.56
CA SER H 264 -4.25 6.66 24.65
C SER H 264 -3.65 6.95 23.28
N ILE H 265 -4.41 6.65 22.23
CA ILE H 265 -3.96 6.85 20.86
C ILE H 265 -4.76 7.94 20.15
N PRO H 266 -4.15 9.13 20.01
CA PRO H 266 -4.80 10.27 19.35
C PRO H 266 -5.18 9.98 17.90
N ASN H 267 -6.33 10.48 17.47
CA ASN H 267 -6.81 10.33 16.10
C ASN H 267 -6.85 8.88 15.63
N CYS H 268 -7.53 8.03 16.41
CA CYS H 268 -7.62 6.61 16.08
C CYS H 268 -8.97 6.03 16.49
N GLY H 269 -9.52 5.17 15.63
CA GLY H 269 -10.83 4.58 15.87
C GLY H 269 -10.79 3.28 16.62
N HIS H 270 -11.87 2.50 16.52
CA HIS H 270 -12.01 1.25 17.25
C HIS H 270 -11.00 0.19 16.81
N ALA H 271 -10.67 0.18 15.53
CA ALA H 271 -9.68 -0.77 15.01
C ALA H 271 -8.27 -0.19 15.12
N SER H 272 -7.77 -0.12 16.35
CA SER H 272 -6.48 0.50 16.63
C SER H 272 -5.35 -0.20 15.88
N MET H 273 -5.41 -1.50 15.76
CA MET H 273 -4.34 -2.20 15.10
C MET H 273 -4.20 -1.80 13.66
N TYR H 274 -5.29 -1.50 12.99
CA TYR H 274 -5.21 -1.14 11.57
C TYR H 274 -4.77 0.29 11.31
N GLU H 275 -5.22 1.23 12.15
CA GLU H 275 -4.92 2.63 11.93
C GLU H 275 -3.51 3.00 12.38
N VAL H 276 -3.05 2.39 13.47
CA VAL H 276 -1.71 2.64 13.97
C VAL H 276 -0.99 1.34 14.32
N PRO H 277 -0.62 0.55 13.29
CA PRO H 277 -0.02 -0.77 13.50
C PRO H 277 1.34 -0.71 14.19
N LYS H 278 2.12 0.34 13.93
CA LYS H 278 3.43 0.49 14.55
C LYS H 278 3.29 0.66 16.06
N THR H 279 2.33 1.48 16.47
CA THR H 279 2.08 1.73 17.89
C THR H 279 1.59 0.47 18.60
N PHE H 280 0.60 -0.18 18.00
CA PHE H 280 0.00 -1.38 18.55
C PHE H 280 1.06 -2.44 18.81
N THR H 281 1.96 -2.62 17.85
CA THR H 281 3.04 -3.59 17.96
C THR H 281 4.04 -3.22 19.05
N ALA H 282 4.42 -1.94 19.09
CA ALA H 282 5.39 -1.45 20.06
C ALA H 282 4.87 -1.62 21.49
N LEU H 283 3.58 -1.32 21.69
CA LEU H 283 2.96 -1.47 22.99
C LEU H 283 2.91 -2.92 23.43
N VAL H 284 2.51 -3.80 22.52
CA VAL H 284 2.38 -5.22 22.82
C VAL H 284 3.74 -5.89 23.02
N LEU H 285 4.64 -5.71 22.06
CA LEU H 285 5.98 -6.31 22.14
C LEU H 285 6.78 -5.75 23.31
N GLY H 286 6.68 -4.44 23.51
CA GLY H 286 7.40 -3.78 24.57
C GLY H 286 6.96 -4.22 25.95
N PHE H 287 5.65 -4.34 26.14
CA PHE H 287 5.10 -4.73 27.43
C PHE H 287 5.40 -6.19 27.74
N PHE H 288 5.39 -7.03 26.72
CA PHE H 288 5.70 -8.44 26.88
C PHE H 288 7.21 -8.66 26.96
N GLY H 289 7.97 -7.74 26.37
CA GLY H 289 9.41 -7.90 26.23
C GLY H 289 10.23 -7.44 27.43
N GLN H 290 9.64 -6.64 28.30
CA GLN H 290 10.32 -6.17 29.50
C GLN H 290 10.76 -7.34 30.37
N THR H 291 11.99 -7.27 30.88
CA THR H 291 12.50 -8.31 31.75
C THR H 291 11.76 -8.28 33.09
N LYS H 292 11.48 -7.09 33.59
CA LYS H 292 10.74 -6.94 34.85
C LYS H 292 9.98 -5.62 34.90
N LEU H 293 8.79 -5.65 35.48
CA LEU H 293 7.92 -4.48 35.54
C LEU H 293 8.15 -3.66 36.81
N ASP H 294 8.96 -4.18 37.72
CA ASP H 294 9.28 -3.47 38.94
C ASP H 294 10.39 -2.45 38.74
N TYR H 295 10.11 -1.20 39.10
CA TYR H 295 11.11 -0.14 39.00
C TYR H 295 11.29 0.54 40.35
N GLN H 296 12.52 0.51 40.87
CA GLN H 296 12.81 1.32 42.03
C GLN H 296 13.17 2.72 41.52
N ILE H 297 12.30 3.68 41.84
CA ILE H 297 12.40 5.02 41.29
C ILE H 297 12.32 6.07 42.40
#